data_4WVS
# 
_entry.id   4WVS 
# 
_audit_conform.dict_name       mmcif_pdbx.dic 
_audit_conform.dict_version    5.381 
_audit_conform.dict_location   http://mmcif.pdb.org/dictionaries/ascii/mmcif_pdbx.dic 
# 
loop_
_database_2.database_id 
_database_2.database_code 
_database_2.pdbx_database_accession 
_database_2.pdbx_DOI 
PDB   4WVS         pdb_00004wvs 10.2210/pdb4wvs/pdb 
WWPDB D_1000204576 ?            ?                   
# 
loop_
_pdbx_database_related.content_type 
_pdbx_database_related.db_id 
_pdbx_database_related.db_name 
_pdbx_database_related.details 
unspecified 4WVT PDB . 
unspecified 4WVU PDB . 
# 
_pdbx_database_status.status_code                     REL 
_pdbx_database_status.status_code_sf                  REL 
_pdbx_database_status.status_code_mr                  ? 
_pdbx_database_status.entry_id                        4WVS 
_pdbx_database_status.recvd_initial_deposition_date   2014-11-07 
_pdbx_database_status.SG_entry                        N 
_pdbx_database_status.deposit_site                    RCSB 
_pdbx_database_status.process_site                    RCSB 
_pdbx_database_status.status_code_cs                  ? 
_pdbx_database_status.methods_development_category    ? 
_pdbx_database_status.pdb_format_compatible           Y 
_pdbx_database_status.status_code_nmr_data            ? 
# 
_audit_author.name           'Pokross, M.E.' 
_audit_author.pdbx_ordinal   1 
# 
_citation.abstract                  ? 
_citation.abstract_id_CAS           ? 
_citation.book_id_ISBN              ? 
_citation.book_publisher            ? 
_citation.book_publisher_city       ? 
_citation.book_title                ? 
_citation.coordinate_linkage        ? 
_citation.country                   US 
_citation.database_id_Medline       ? 
_citation.details                   ? 
_citation.id                        primary 
_citation.journal_abbrev            J.Med.Chem. 
_citation.journal_id_ASTM           JMCMAR 
_citation.journal_id_CSD            0151 
_citation.journal_id_ISSN           0022-2623 
_citation.journal_full              ? 
_citation.journal_issue             ? 
_citation.journal_volume            58 
_citation.language                  ? 
_citation.page_first                2855 
_citation.page_last                 2861 
_citation.title                     
;The Discovery of Macrocyclic XIAP Antagonists from a DNA-Programmed Chemistry Library, and Their Optimization To Give Lead Compounds with in Vivo Antitumor Activity.
;
_citation.year                      2015 
_citation.database_id_CSD           ? 
_citation.pdbx_database_id_DOI      10.1021/jm501892g 
_citation.pdbx_database_id_PubMed   25695766 
_citation.unpublished_flag          ? 
# 
loop_
_citation_author.citation_id 
_citation_author.name 
_citation_author.ordinal 
_citation_author.identifier_ORCID 
primary 'Seigal, B.A.'     1  ? 
primary 'Connors, W.H.'    2  ? 
primary 'Fraley, A.'       3  ? 
primary 'Borzilleri, R.M.' 4  ? 
primary 'Carter, P.H.'     5  ? 
primary 'Emanuel, S.L.'    6  ? 
primary 'Fargnoli, J.'     7  ? 
primary 'Kim, K.'          8  ? 
primary 'Lei, M.'          9  ? 
primary 'Naglich, J.G.'    10 ? 
primary 'Pokross, M.E.'    11 ? 
primary 'Posy, S.L.'       12 ? 
primary 'Shen, H.'         13 ? 
primary 'Surti, N.'        14 ? 
primary 'Talbott, R.'      15 ? 
primary 'Zhang, Y.'        16 ? 
primary 'Terrett, N.K.'    17 ? 
# 
_cell.entry_id           4WVS 
_cell.length_a           28.187 
_cell.length_b           39.269 
_cell.length_c           32.947 
_cell.angle_alpha        90.00 
_cell.angle_beta         94.53 
_cell.angle_gamma        90.00 
_cell.Z_PDB              2 
_cell.pdbx_unique_axis   ? 
# 
_symmetry.entry_id                         4WVS 
_symmetry.space_group_name_H-M             'P 1 21 1' 
_symmetry.pdbx_full_space_group_name_H-M   ? 
_symmetry.cell_setting                     ? 
_symmetry.Int_Tables_number                4 
# 
loop_
_entity.id 
_entity.type 
_entity.src_method 
_entity.pdbx_description 
_entity.formula_weight 
_entity.pdbx_number_of_molecules 
_entity.pdbx_ec 
_entity.pdbx_mutation 
_entity.pdbx_fragment 
_entity.details 
1 polymer     man 'E3 ubiquitin-protein ligase XIAP'                                11359.649 1  6.3.2.- 'C202A, C213G' 
'UNP residues 156-231' ? 
2 polymer     syn '3,11-DIFLUORO-6,8,13-TRIMETHYL-8H-QUINO[4,3,2-KL]ACRIDIN-13-IUM' 675.755   1  ?       ?              ? ? 
3 non-polymer syn 'ZINC ION'                                                        65.409    1  ?       ?              ? ? 
4 non-polymer syn 'SULFATE ION'                                                     96.063    3  ?       ?              ? ? 
5 non-polymer syn GLYCEROL                                                          92.094    1  ?       ?              ? ? 
6 water       nat water                                                             18.015    33 ?       ?              ? ? 
# 
_entity_name_com.entity_id   1 
_entity_name_com.name        
;Baculoviral IAP repeat-containing protein 4,IAP-like protein,hILP,Inhibitor of apoptosis protein 3,hIAP3,X-linked inhibitor of apoptosis protein,X-linked IAP
;
# 
loop_
_entity_poly.entity_id 
_entity_poly.type 
_entity_poly.nstd_linkage 
_entity_poly.nstd_monomer 
_entity_poly.pdbx_seq_one_letter_code 
_entity_poly.pdbx_seq_one_letter_code_can 
_entity_poly.pdbx_strand_id 
_entity_poly.pdbx_target_identifier 
1 'polypeptide(L)' no no  
;MGSSHHHHHHSSGETVRFQGHMRNPAMYSEEARLKSFQNWPDYAHLTPRELASAGLYYTGIGDQVQCFACGGKLKNWEPG
DRAWSEHRRHFPNCFFVL
;
;MGSSHHHHHHSSGETVRFQGHMRNPAMYSEEARLKSFQNWPDYAHLTPRELASAGLYYTGIGDQVQCFACGGKLKNWEPG
DRAWSEHRRHFPNCFFVL
;
A ? 
2 'polypeptide(L)' no yes '(MAA)(LPH)PF(4LZ)'                                                                                   
AXPFX                                                                                                 B ? 
# 
loop_
_entity_poly_seq.entity_id 
_entity_poly_seq.num 
_entity_poly_seq.mon_id 
_entity_poly_seq.hetero 
1 1  MET n 
1 2  GLY n 
1 3  SER n 
1 4  SER n 
1 5  HIS n 
1 6  HIS n 
1 7  HIS n 
1 8  HIS n 
1 9  HIS n 
1 10 HIS n 
1 11 SER n 
1 12 SER n 
1 13 GLY n 
1 14 GLU n 
1 15 THR n 
1 16 VAL n 
1 17 ARG n 
1 18 PHE n 
1 19 GLN n 
1 20 GLY n 
1 21 HIS n 
1 22 MET n 
1 23 ARG n 
1 24 ASN n 
1 25 PRO n 
1 26 ALA n 
1 27 MET n 
1 28 TYR n 
1 29 SER n 
1 30 GLU n 
1 31 GLU n 
1 32 ALA n 
1 33 ARG n 
1 34 LEU n 
1 35 LYS n 
1 36 SER n 
1 37 PHE n 
1 38 GLN n 
1 39 ASN n 
1 40 TRP n 
1 41 PRO n 
1 42 ASP n 
1 43 TYR n 
1 44 ALA n 
1 45 HIS n 
1 46 LEU n 
1 47 THR n 
1 48 PRO n 
1 49 ARG n 
1 50 GLU n 
1 51 LEU n 
1 52 ALA n 
1 53 SER n 
1 54 ALA n 
1 55 GLY n 
1 56 LEU n 
1 57 TYR n 
1 58 TYR n 
1 59 THR n 
1 60 GLY n 
1 61 ILE n 
1 62 GLY n 
1 63 ASP n 
1 64 GLN n 
1 65 VAL n 
1 66 GLN n 
1 67 CYS n 
1 68 PHE n 
1 69 ALA n 
1 70 CYS n 
1 71 GLY n 
1 72 GLY n 
1 73 LYS n 
1 74 LEU n 
1 75 LYS n 
1 76 ASN n 
1 77 TRP n 
1 78 GLU n 
1 79 PRO n 
1 80 GLY n 
1 81 ASP n 
1 82 ARG n 
1 83 ALA n 
1 84 TRP n 
1 85 SER n 
1 86 GLU n 
1 87 HIS n 
1 88 ARG n 
1 89 ARG n 
1 90 HIS n 
1 91 PHE n 
1 92 PRO n 
1 93 ASN n 
1 94 CYS n 
1 95 PHE n 
1 96 PHE n 
1 97 VAL n 
1 98 LEU n 
2 1  MAA n 
2 2  LPH n 
2 3  PRO n 
2 4  PHE n 
2 5  4LZ n 
# 
_entity_src_gen.entity_id                          1 
_entity_src_gen.pdbx_src_id                        1 
_entity_src_gen.pdbx_alt_source_flag               sample 
_entity_src_gen.pdbx_seq_type                      'Biological sequence' 
_entity_src_gen.pdbx_beg_seq_num                   1 
_entity_src_gen.pdbx_end_seq_num                   98 
_entity_src_gen.gene_src_common_name               Human 
_entity_src_gen.gene_src_genus                     ? 
_entity_src_gen.pdbx_gene_src_gene                 'XIAP, API3, BIRC4, IAP3' 
_entity_src_gen.gene_src_species                   ? 
_entity_src_gen.gene_src_strain                    ? 
_entity_src_gen.gene_src_tissue                    ? 
_entity_src_gen.gene_src_tissue_fraction           ? 
_entity_src_gen.gene_src_details                   ? 
_entity_src_gen.pdbx_gene_src_fragment             ? 
_entity_src_gen.pdbx_gene_src_scientific_name      'Homo sapiens' 
_entity_src_gen.pdbx_gene_src_ncbi_taxonomy_id     9606 
_entity_src_gen.pdbx_gene_src_variant              ? 
_entity_src_gen.pdbx_gene_src_cell_line            ? 
_entity_src_gen.pdbx_gene_src_atcc                 ? 
_entity_src_gen.pdbx_gene_src_organ                ? 
_entity_src_gen.pdbx_gene_src_organelle            ? 
_entity_src_gen.pdbx_gene_src_cell                 ? 
_entity_src_gen.pdbx_gene_src_cellular_location    ? 
_entity_src_gen.host_org_common_name               ? 
_entity_src_gen.pdbx_host_org_scientific_name      'Escherichia coli' 
_entity_src_gen.pdbx_host_org_ncbi_taxonomy_id     469008 
_entity_src_gen.host_org_genus                     ? 
_entity_src_gen.pdbx_host_org_gene                 ? 
_entity_src_gen.pdbx_host_org_organ                ? 
_entity_src_gen.host_org_species                   ? 
_entity_src_gen.pdbx_host_org_tissue               ? 
_entity_src_gen.pdbx_host_org_tissue_fraction      ? 
_entity_src_gen.pdbx_host_org_strain               'BL21(DE3)' 
_entity_src_gen.pdbx_host_org_variant              ? 
_entity_src_gen.pdbx_host_org_cell_line            ? 
_entity_src_gen.pdbx_host_org_atcc                 ? 
_entity_src_gen.pdbx_host_org_culture_collection   ? 
_entity_src_gen.pdbx_host_org_cell                 ? 
_entity_src_gen.pdbx_host_org_organelle            ? 
_entity_src_gen.pdbx_host_org_cellular_location    ? 
_entity_src_gen.pdbx_host_org_vector_type          Plasmid 
_entity_src_gen.pdbx_host_org_vector               ? 
_entity_src_gen.host_org_details                   ? 
_entity_src_gen.expression_system_id               ? 
_entity_src_gen.plasmid_name                       pET28 
_entity_src_gen.plasmid_details                    ? 
_entity_src_gen.pdbx_description                   ? 
# 
_pdbx_entity_src_syn.entity_id              2 
_pdbx_entity_src_syn.pdbx_src_id            1 
_pdbx_entity_src_syn.pdbx_alt_source_flag   sample 
_pdbx_entity_src_syn.pdbx_beg_seq_num       1 
_pdbx_entity_src_syn.pdbx_end_seq_num       5 
_pdbx_entity_src_syn.organism_scientific    ? 
_pdbx_entity_src_syn.organism_common_name   ? 
_pdbx_entity_src_syn.ncbi_taxonomy_id       ? 
_pdbx_entity_src_syn.details                ? 
# 
loop_
_struct_ref.id 
_struct_ref.db_name 
_struct_ref.db_code 
_struct_ref.pdbx_db_accession 
_struct_ref.pdbx_db_isoform 
_struct_ref.entity_id 
_struct_ref.pdbx_seq_one_letter_code 
_struct_ref.pdbx_align_begin 
1 UNP XIAP_HUMAN P98170 ? 1 RNPAMYSEEARLKSFQNWPDYAHLTPRELASAGLYYTGIGDQVQCFCCGGKLKNWEPCDRAWSEHRRHFPNCFFVL 156 
2 PDB 4WVS       4WVS   ? 2 ?                                                                            1   
# 
loop_
_struct_ref_seq.align_id 
_struct_ref_seq.ref_id 
_struct_ref_seq.pdbx_PDB_id_code 
_struct_ref_seq.pdbx_strand_id 
_struct_ref_seq.seq_align_beg 
_struct_ref_seq.pdbx_seq_align_beg_ins_code 
_struct_ref_seq.seq_align_end 
_struct_ref_seq.pdbx_seq_align_end_ins_code 
_struct_ref_seq.pdbx_db_accession 
_struct_ref_seq.db_align_beg 
_struct_ref_seq.pdbx_db_align_beg_ins_code 
_struct_ref_seq.db_align_end 
_struct_ref_seq.pdbx_db_align_end_ins_code 
_struct_ref_seq.pdbx_auth_seq_align_beg 
_struct_ref_seq.pdbx_auth_seq_align_end 
1 1 4WVS A 23 ? 98 ? P98170 156 ? 231 ? 156 231 
2 2 4WVS B 1  ? 5  ? 4WVS   1   ? 5   ? 1   5   
# 
loop_
_struct_ref_seq_dif.align_id 
_struct_ref_seq_dif.pdbx_pdb_id_code 
_struct_ref_seq_dif.mon_id 
_struct_ref_seq_dif.pdbx_pdb_strand_id 
_struct_ref_seq_dif.seq_num 
_struct_ref_seq_dif.pdbx_pdb_ins_code 
_struct_ref_seq_dif.pdbx_seq_db_name 
_struct_ref_seq_dif.pdbx_seq_db_accession_code 
_struct_ref_seq_dif.db_mon_id 
_struct_ref_seq_dif.pdbx_seq_db_seq_num 
_struct_ref_seq_dif.details 
_struct_ref_seq_dif.pdbx_auth_seq_num 
_struct_ref_seq_dif.pdbx_ordinal 
1 4WVS MET A 1  ? UNP P98170 ?   ?   'expression tag'      -22 1  
1 4WVS GLY A 2  ? UNP P98170 ?   ?   'expression tag'      -21 2  
1 4WVS SER A 3  ? UNP P98170 ?   ?   'expression tag'      -20 3  
1 4WVS SER A 4  ? UNP P98170 ?   ?   'expression tag'      -19 4  
1 4WVS HIS A 5  ? UNP P98170 ?   ?   'expression tag'      -18 5  
1 4WVS HIS A 6  ? UNP P98170 ?   ?   'expression tag'      -17 6  
1 4WVS HIS A 7  ? UNP P98170 ?   ?   'expression tag'      -16 7  
1 4WVS HIS A 8  ? UNP P98170 ?   ?   'expression tag'      -15 8  
1 4WVS HIS A 9  ? UNP P98170 ?   ?   'expression tag'      -14 9  
1 4WVS HIS A 10 ? UNP P98170 ?   ?   'expression tag'      -13 10 
1 4WVS SER A 11 ? UNP P98170 ?   ?   'expression tag'      -12 11 
1 4WVS SER A 12 ? UNP P98170 ?   ?   'expression tag'      -11 12 
1 4WVS GLY A 13 ? UNP P98170 ?   ?   'expression tag'      -10 13 
1 4WVS GLU A 14 ? UNP P98170 ?   ?   'expression tag'      -9  14 
1 4WVS THR A 15 ? UNP P98170 ?   ?   'expression tag'      -8  15 
1 4WVS VAL A 16 ? UNP P98170 ?   ?   'expression tag'      -7  16 
1 4WVS ARG A 17 ? UNP P98170 ?   ?   'expression tag'      -6  17 
1 4WVS PHE A 18 ? UNP P98170 ?   ?   'expression tag'      -5  18 
1 4WVS GLN A 19 ? UNP P98170 ?   ?   'expression tag'      -4  19 
1 4WVS GLY A 20 ? UNP P98170 ?   ?   'expression tag'      -3  20 
1 4WVS HIS A 21 ? UNP P98170 ?   ?   'expression tag'      -2  21 
1 4WVS MET A 22 ? UNP P98170 ?   ?   'expression tag'      -1  22 
1 4WVS ALA A 69 ? UNP P98170 CYS 202 'engineered mutation' 202 23 
1 4WVS GLY A 80 ? UNP P98170 CYS 213 'engineered mutation' 213 24 
# 
loop_
_chem_comp.id 
_chem_comp.type 
_chem_comp.mon_nstd_flag 
_chem_comp.name 
_chem_comp.pdbx_synonyms 
_chem_comp.formula 
_chem_comp.formula_weight 
4LZ 'L-peptide linking' n 'O-[2-(triaza-1,2-dien-2-ium-1-yl)ethyl]-L-tyrosine' ?                               'C11 H15 N4 O3 1' 
251.262 
ALA 'L-peptide linking' y ALANINE                                              ?                               'C3 H7 N O2'      
89.093  
ARG 'L-peptide linking' y ARGININE                                             ?                               'C6 H15 N4 O2 1'  
175.209 
ASN 'L-peptide linking' y ASPARAGINE                                           ?                               'C4 H8 N2 O3'     
132.118 
ASP 'L-peptide linking' y 'ASPARTIC ACID'                                      ?                               'C4 H7 N O4'      
133.103 
CYS 'L-peptide linking' y CYSTEINE                                             ?                               'C3 H7 N O2 S'    
121.158 
GLN 'L-peptide linking' y GLUTAMINE                                            ?                               'C5 H10 N2 O3'    
146.144 
GLU 'L-peptide linking' y 'GLUTAMIC ACID'                                      ?                               'C5 H9 N O4'      
147.129 
GLY 'peptide linking'   y GLYCINE                                              ?                               'C2 H5 N O2'      
75.067  
GOL non-polymer         . GLYCEROL                                             'GLYCERIN; PROPANE-1,2,3-TRIOL' 'C3 H8 O3'        
92.094  
HIS 'L-peptide linking' y HISTIDINE                                            ?                               'C6 H10 N3 O2 1'  
156.162 
HOH non-polymer         . WATER                                                ?                               'H2 O'            
18.015  
ILE 'L-peptide linking' y ISOLEUCINE                                           ?                               'C6 H13 N O2'     
131.173 
LEU 'L-peptide linking' y LEUCINE                                              ?                               'C6 H13 N O2'     
131.173 
LPH 'L-peptide linking' . L-Propargylglycine                                   '(2S)-2-aminopent-4-ynoic acid' 'C5 H7 N O2'      
113.115 
LYS 'L-peptide linking' y LYSINE                                               ?                               'C6 H15 N2 O2 1'  
147.195 
MAA 'L-peptide linking' n N-methyl-L-alanine                                   ?                               'C4 H9 N O2'      
103.120 
MET 'L-peptide linking' y METHIONINE                                           ?                               'C5 H11 N O2 S'   
149.211 
PHE 'L-peptide linking' y PHENYLALANINE                                        ?                               'C9 H11 N O2'     
165.189 
PRO 'L-peptide linking' y PROLINE                                              ?                               'C5 H9 N O2'      
115.130 
SER 'L-peptide linking' y SERINE                                               ?                               'C3 H7 N O3'      
105.093 
SO4 non-polymer         . 'SULFATE ION'                                        ?                               'O4 S -2'         
96.063  
THR 'L-peptide linking' y THREONINE                                            ?                               'C4 H9 N O3'      
119.119 
TRP 'L-peptide linking' y TRYPTOPHAN                                           ?                               'C11 H12 N2 O2'   
204.225 
TYR 'L-peptide linking' y TYROSINE                                             ?                               'C9 H11 N O3'     
181.189 
VAL 'L-peptide linking' y VALINE                                               ?                               'C5 H11 N O2'     
117.146 
ZN  non-polymer         . 'ZINC ION'                                           ?                               'Zn 2'            
65.409  
# 
_exptl.absorpt_coefficient_mu     ? 
_exptl.absorpt_correction_T_max   ? 
_exptl.absorpt_correction_T_min   ? 
_exptl.absorpt_correction_type    ? 
_exptl.absorpt_process_details    ? 
_exptl.entry_id                   4WVS 
_exptl.crystals_number            1 
_exptl.details                    ? 
_exptl.method                     'X-RAY DIFFRACTION' 
_exptl.method_details             ? 
# 
_exptl_crystal.colour                      ? 
_exptl_crystal.density_diffrn              ? 
_exptl_crystal.density_Matthews            1.68 
_exptl_crystal.density_method              ? 
_exptl_crystal.density_percent_sol         29.01 
_exptl_crystal.description                 ? 
_exptl_crystal.F_000                       ? 
_exptl_crystal.id                          1 
_exptl_crystal.preparation                 ? 
_exptl_crystal.size_max                    ? 
_exptl_crystal.size_mid                    ? 
_exptl_crystal.size_min                    ? 
_exptl_crystal.size_rad                    ? 
_exptl_crystal.colour_lustre               ? 
_exptl_crystal.colour_modifier             ? 
_exptl_crystal.colour_primary              ? 
_exptl_crystal.density_meas                ? 
_exptl_crystal.density_meas_esd            ? 
_exptl_crystal.density_meas_gt             ? 
_exptl_crystal.density_meas_lt             ? 
_exptl_crystal.density_meas_temp           ? 
_exptl_crystal.density_meas_temp_esd       ? 
_exptl_crystal.density_meas_temp_gt        ? 
_exptl_crystal.density_meas_temp_lt        ? 
_exptl_crystal.pdbx_crystal_image_url      ? 
_exptl_crystal.pdbx_crystal_image_format   ? 
_exptl_crystal.pdbx_mosaicity              ? 
_exptl_crystal.pdbx_mosaicity_esd          ? 
# 
_exptl_crystal_grow.apparatus       ? 
_exptl_crystal_grow.atmosphere      ? 
_exptl_crystal_grow.crystal_id      1 
_exptl_crystal_grow.details         ? 
_exptl_crystal_grow.method          'VAPOR DIFFUSION, HANGING DROP' 
_exptl_crystal_grow.method_ref      ? 
_exptl_crystal_grow.pH              ? 
_exptl_crystal_grow.pressure        ? 
_exptl_crystal_grow.pressure_esd    ? 
_exptl_crystal_grow.seeding         ? 
_exptl_crystal_grow.seeding_ref     ? 
_exptl_crystal_grow.temp            291 
_exptl_crystal_grow.temp_details    ? 
_exptl_crystal_grow.temp_esd        ? 
_exptl_crystal_grow.time            ? 
_exptl_crystal_grow.pdbx_details    
'Crystals were grown in 0.98 M Ammonium Sulfate and 0.1 M Ammonium Formate. Single crystals grew after streak seeding' 
_exptl_crystal_grow.pdbx_pH_range   ? 
# 
_diffrn.ambient_environment    ? 
_diffrn.ambient_temp           100 
_diffrn.ambient_temp_details   ? 
_diffrn.ambient_temp_esd       ? 
_diffrn.crystal_id             1 
_diffrn.crystal_support        ? 
_diffrn.crystal_treatment      ? 
_diffrn.details                ? 
_diffrn.id                     1 
_diffrn.ambient_pressure       ? 
_diffrn.ambient_pressure_esd   ? 
_diffrn.ambient_pressure_gt    ? 
_diffrn.ambient_pressure_lt    ? 
_diffrn.ambient_temp_gt        ? 
_diffrn.ambient_temp_lt        ? 
# 
_diffrn_detector.details                      ? 
_diffrn_detector.detector                     CCD 
_diffrn_detector.diffrn_id                    1 
_diffrn_detector.type                         'RIGAKU SATURN 92' 
_diffrn_detector.area_resol_mean              ? 
_diffrn_detector.dtime                        ? 
_diffrn_detector.pdbx_frames_total            ? 
_diffrn_detector.pdbx_collection_time_total   ? 
_diffrn_detector.pdbx_collection_date         2010-08-10 
# 
_diffrn_radiation.collimation                      ? 
_diffrn_radiation.diffrn_id                        1 
_diffrn_radiation.filter_edge                      ? 
_diffrn_radiation.inhomogeneity                    ? 
_diffrn_radiation.monochromator                    MicroMax 
_diffrn_radiation.polarisn_norm                    ? 
_diffrn_radiation.polarisn_ratio                   ? 
_diffrn_radiation.probe                            ? 
_diffrn_radiation.type                             ? 
_diffrn_radiation.xray_symbol                      ? 
_diffrn_radiation.wavelength_id                    1 
_diffrn_radiation.pdbx_monochromatic_or_laue_m_l   M 
_diffrn_radiation.pdbx_wavelength_list             ? 
_diffrn_radiation.pdbx_wavelength                  ? 
_diffrn_radiation.pdbx_diffrn_protocol             'SINGLE WAVELENGTH' 
_diffrn_radiation.pdbx_analyzer                    ? 
_diffrn_radiation.pdbx_scattering_type             x-ray 
# 
_diffrn_radiation_wavelength.id           1 
_diffrn_radiation_wavelength.wavelength   1.54 
_diffrn_radiation_wavelength.wt           1.0 
# 
_diffrn_source.current                     ? 
_diffrn_source.details                     ? 
_diffrn_source.diffrn_id                   1 
_diffrn_source.power                       ? 
_diffrn_source.size                        ? 
_diffrn_source.source                      'ROTATING ANODE' 
_diffrn_source.target                      ? 
_diffrn_source.type                        'RIGAKU FR-E SUPERBRIGHT' 
_diffrn_source.voltage                     ? 
_diffrn_source.take-off_angle              ? 
_diffrn_source.pdbx_wavelength_list        1.54 
_diffrn_source.pdbx_wavelength             ? 
_diffrn_source.pdbx_synchrotron_beamline   ? 
_diffrn_source.pdbx_synchrotron_site       ? 
# 
_reflns.pdbx_diffrn_id               1 
_reflns.pdbx_ordinal                 1 
_reflns.entry_id                     4WVS 
_reflns.observed_criterion_sigma_I   ? 
_reflns.observed_criterion_sigma_F   ? 
_reflns.d_resolution_low             28.10 
_reflns.d_resolution_high            1.96 
_reflns.number_obs                   4272 
_reflns.number_all                   ? 
_reflns.percent_possible_obs         ? 
_reflns.pdbx_Rmerge_I_obs            ? 
_reflns.pdbx_Rsym_value              ? 
_reflns.pdbx_netI_over_sigmaI        ? 
_reflns.B_iso_Wilson_estimate        22.62 
_reflns.pdbx_redundancy              ? 
# 
_reflns_shell.d_res_high                  1.96 
_reflns_shell.d_res_low                   1.99 
_reflns_shell.meanI_over_sigI_all         ? 
_reflns_shell.meanI_over_sigI_obs         9.3 
_reflns_shell.number_measured_all         ? 
_reflns_shell.number_measured_obs         ? 
_reflns_shell.number_possible             ? 
_reflns_shell.number_unique_all           ? 
_reflns_shell.number_unique_obs           ? 
_reflns_shell.percent_possible_all        75.2 
_reflns_shell.percent_possible_obs        ? 
_reflns_shell.Rmerge_F_all                ? 
_reflns_shell.Rmerge_F_obs                ? 
_reflns_shell.Rmerge_I_all                ? 
_reflns_shell.Rmerge_I_obs                .177 
_reflns_shell.meanI_over_sigI_gt          ? 
_reflns_shell.meanI_over_uI_all           ? 
_reflns_shell.meanI_over_uI_gt            ? 
_reflns_shell.number_measured_gt          ? 
_reflns_shell.number_unique_gt            ? 
_reflns_shell.percent_possible_gt         ? 
_reflns_shell.Rmerge_F_gt                 ? 
_reflns_shell.Rmerge_I_gt                 ? 
_reflns_shell.pdbx_redundancy             4.3 
_reflns_shell.pdbx_Rsym_value             0 
_reflns_shell.pdbx_chi_squared            ? 
_reflns_shell.pdbx_netI_over_sigmaI_all   ? 
_reflns_shell.pdbx_netI_over_sigmaI_obs   ? 
_reflns_shell.pdbx_Rrim_I_all             ? 
_reflns_shell.pdbx_Rpim_I_all             ? 
_reflns_shell.pdbx_rejects                ? 
_reflns_shell.pdbx_ordinal                1 
_reflns_shell.pdbx_diffrn_id              1 
_reflns_shell.pdbx_CC_half                ? 
_reflns_shell.pdbx_R_split                ? 
# 
_refine.pdbx_refine_id                           'X-RAY DIFFRACTION' 
_refine.entry_id                                 4WVS 
_refine.pdbx_diffrn_id                           1 
_refine.pdbx_TLS_residual_ADP_flag               ? 
_refine.ls_number_reflns_obs                     4272 
_refine.ls_number_reflns_all                     ? 
_refine.pdbx_ls_sigma_I                          ? 
_refine.pdbx_ls_sigma_F                          0.0 
_refine.pdbx_data_cutoff_high_absF               ? 
_refine.pdbx_data_cutoff_low_absF                ? 
_refine.pdbx_data_cutoff_high_rms_absF           ? 
_refine.ls_d_res_low                             28.10 
_refine.ls_d_res_high                            2.09 
_refine.ls_percent_reflns_obs                    98.37 
_refine.ls_R_factor_obs                          0.1674 
_refine.ls_R_factor_all                          ? 
_refine.ls_R_factor_R_work                       0.1636 
_refine.ls_R_factor_R_free                       0.2316 
_refine.ls_R_factor_R_free_error                 ? 
_refine.ls_R_factor_R_free_error_details         ? 
_refine.ls_percent_reflns_R_free                 5.38 
_refine.ls_number_reflns_R_free                  230 
_refine.ls_number_parameters                     ? 
_refine.ls_number_restraints                     ? 
_refine.occupancy_min                            ? 
_refine.occupancy_max                            ? 
_refine.correlation_coeff_Fo_to_Fc               0.9411 
_refine.correlation_coeff_Fo_to_Fc_free          0.9319 
_refine.B_iso_mean                               21.88 
_refine.aniso_B[1][1]                            -1.3685 
_refine.aniso_B[2][2]                            0.6699 
_refine.aniso_B[3][3]                            0.6986 
_refine.aniso_B[1][2]                            0.0000 
_refine.aniso_B[1][3]                            -2.9281 
_refine.aniso_B[2][3]                            0.0000 
_refine.solvent_model_details                    ? 
_refine.solvent_model_param_ksol                 ? 
_refine.solvent_model_param_bsol                 ? 
_refine.pdbx_solvent_vdw_probe_radii             ? 
_refine.pdbx_solvent_ion_probe_radii             ? 
_refine.pdbx_solvent_shrinkage_radii             ? 
_refine.pdbx_ls_cross_valid_method               THROUGHOUT 
_refine.details                                  ? 
_refine.pdbx_starting_model                      ? 
_refine.pdbx_method_to_determine_struct          'MOLECULAR REPLACEMENT' 
_refine.pdbx_isotropic_thermal_model             ? 
_refine.pdbx_stereochemistry_target_values       ? 
_refine.pdbx_stereochem_target_val_spec_case     ? 
_refine.pdbx_R_Free_selection_details            RANDOM 
_refine.pdbx_overall_ESU_R                       ? 
_refine.pdbx_overall_ESU_R_Free                  ? 
_refine.overall_SU_ML                            ? 
_refine.pdbx_overall_phase_error                 ? 
_refine.overall_SU_B                             ? 
_refine.overall_SU_R_Cruickshank_DPI             0.283 
_refine.pdbx_overall_SU_R_free_Cruickshank_DPI   0.202 
_refine.pdbx_overall_SU_R_Blow_DPI               0.270 
_refine.pdbx_overall_SU_R_free_Blow_DPI          0.202 
# 
_refine_analyze.pdbx_refine_id                  'X-RAY DIFFRACTION' 
_refine_analyze.entry_id                        4WVS 
_refine_analyze.Luzzati_coordinate_error_obs    0.187 
_refine_analyze.Luzzati_sigma_a_obs             ? 
_refine_analyze.Luzzati_d_res_low_obs           ? 
_refine_analyze.Luzzati_coordinate_error_free   ? 
_refine_analyze.Luzzati_sigma_a_free            ? 
_refine_analyze.Luzzati_d_res_low_free          ? 
_refine_analyze.number_disordered_residues      ? 
_refine_analyze.occupancy_sum_hydrogen          ? 
_refine_analyze.occupancy_sum_non_hydrogen      ? 
# 
_refine_hist.pdbx_refine_id                   'X-RAY DIFFRACTION' 
_refine_hist.cycle_id                         LAST 
_refine_hist.pdbx_number_atoms_protein        642 
_refine_hist.pdbx_number_atoms_nucleic_acid   0 
_refine_hist.pdbx_number_atoms_ligand         71 
_refine_hist.number_atoms_solvent             33 
_refine_hist.number_atoms_total               746 
_refine_hist.d_res_high                       2.09 
_refine_hist.d_res_low                        28.10 
# 
loop_
_refine_ls_restr.type 
_refine_ls_restr.dev_ideal 
_refine_ls_restr.dev_ideal_target 
_refine_ls_restr.weight 
_refine_ls_restr.number 
_refine_ls_restr.pdbx_refine_id 
_refine_ls_restr.pdbx_restraint_function 
t_bond_d                  0.010 ? 2.00  782  'X-RAY DIFFRACTION' HARMONIC     
t_angle_deg               0.91  ? 2.00  1100 'X-RAY DIFFRACTION' HARMONIC     
t_dihedral_angle_d        ?     ? 2.00  260  'X-RAY DIFFRACTION' SINUSOIDAL   
t_incorr_chiral_ct        ?     ? ?     ?    'X-RAY DIFFRACTION' ?            
t_pseud_angle             ?     ? ?     ?    'X-RAY DIFFRACTION' ?            
t_trig_c_planes           ?     ? 2.00  16   'X-RAY DIFFRACTION' HARMONIC     
t_gen_planes              ?     ? 5.00  138  'X-RAY DIFFRACTION' HARMONIC     
t_it                      ?     ? 20.00 782  'X-RAY DIFFRACTION' HARMONIC     
t_nbd                     ?     ? 5.00  5    'X-RAY DIFFRACTION' SEMIHARMONIC 
t_omega_torsion           3.35  ? ?     ?    'X-RAY DIFFRACTION' ?            
t_other_torsion           15.03 ? ?     ?    'X-RAY DIFFRACTION' ?            
t_improper_torsion        ?     ? ?     ?    'X-RAY DIFFRACTION' ?            
t_chiral_improper_torsion ?     ? 5.00  80   'X-RAY DIFFRACTION' SEMIHARMONIC 
t_sum_occupancies         ?     ? ?     ?    'X-RAY DIFFRACTION' ?            
t_utility_distance        ?     ? ?     ?    'X-RAY DIFFRACTION' ?            
t_utility_angle           ?     ? ?     ?    'X-RAY DIFFRACTION' ?            
t_utility_torsion         ?     ? ?     ?    'X-RAY DIFFRACTION' ?            
t_ideal_dist_contact      ?     ? 4.00  902  'X-RAY DIFFRACTION' SEMIHARMONIC 
# 
_refine_ls_shell.pdbx_refine_id                   'X-RAY DIFFRACTION' 
_refine_ls_shell.pdbx_total_number_of_bins_used   5 
_refine_ls_shell.d_res_high                       2.09 
_refine_ls_shell.d_res_low                        2.34 
_refine_ls_shell.number_reflns_R_work             1098 
_refine_ls_shell.R_factor_R_work                  0.1264 
_refine_ls_shell.percent_reflns_obs               98.37 
_refine_ls_shell.R_factor_R_free                  0.2057 
_refine_ls_shell.R_factor_R_free_error            ? 
_refine_ls_shell.percent_reflns_R_free            5.75 
_refine_ls_shell.number_reflns_R_free             67 
_refine_ls_shell.number_reflns_all                1165 
_refine_ls_shell.R_factor_all                     0.1309 
_refine_ls_shell.R_factor_obs                     ? 
_refine_ls_shell.number_reflns_obs                ? 
# 
_struct.entry_id                     4WVS 
_struct.title                        
;Crystal structure of XIAP-BIR2 domain complexed with (S)-3-(4-methoxyphenyl)-2-((S)-2-((S)-1-((S)-2-((S)-2-(methylamino)propanamido)pent-4-ynoyl)pyrrolidine-2-carboxamido)-3-phenylpropanamido)propanoic acid
;
_struct.pdbx_model_details           ? 
_struct.pdbx_formula_weight          ? 
_struct.pdbx_formula_weight_method   ? 
_struct.pdbx_model_type_details      ? 
_struct.pdbx_CASP_flag               ? 
# 
_struct_keywords.entry_id        4WVS 
_struct_keywords.text            'IAP, XIAP-BIR2, APOPTOSIS' 
_struct_keywords.pdbx_keywords   APOPTOSIS 
# 
loop_
_struct_asym.id 
_struct_asym.pdbx_blank_PDB_chainid_flag 
_struct_asym.pdbx_modified 
_struct_asym.entity_id 
_struct_asym.details 
A N N 1 ? 
B N N 2 ? 
C N N 3 ? 
D N N 4 ? 
E N N 4 ? 
F N N 5 ? 
G N N 4 ? 
H N N 6 ? 
I N N 6 ? 
# 
loop_
_struct_conf.conf_type_id 
_struct_conf.id 
_struct_conf.pdbx_PDB_helix_id 
_struct_conf.beg_label_comp_id 
_struct_conf.beg_label_asym_id 
_struct_conf.beg_label_seq_id 
_struct_conf.pdbx_beg_PDB_ins_code 
_struct_conf.end_label_comp_id 
_struct_conf.end_label_asym_id 
_struct_conf.end_label_seq_id 
_struct_conf.pdbx_end_PDB_ins_code 
_struct_conf.beg_auth_comp_id 
_struct_conf.beg_auth_asym_id 
_struct_conf.beg_auth_seq_id 
_struct_conf.end_auth_comp_id 
_struct_conf.end_auth_asym_id 
_struct_conf.end_auth_seq_id 
_struct_conf.pdbx_PDB_helix_class 
_struct_conf.details 
_struct_conf.pdbx_PDB_helix_length 
HELX_P HELX_P1 AA1 ASN A 24 ? TYR A 28 ? ASN A 157 TYR A 161 5 ? 5  
HELX_P HELX_P2 AA2 SER A 29 ? SER A 36 ? SER A 162 SER A 169 1 ? 8  
HELX_P HELX_P3 AA3 PRO A 41 ? HIS A 45 ? PRO A 174 HIS A 178 5 ? 5  
HELX_P HELX_P4 AA4 THR A 47 ? ALA A 54 ? THR A 180 ALA A 187 1 ? 8  
HELX_P HELX_P5 AA5 ARG A 82 ? PHE A 91 ? ARG A 215 PHE A 224 1 ? 10 
# 
_struct_conf_type.id          HELX_P 
_struct_conf_type.criteria    ? 
_struct_conf_type.reference   ? 
# 
loop_
_struct_conn.id 
_struct_conn.conn_type_id 
_struct_conn.pdbx_leaving_atom_flag 
_struct_conn.pdbx_PDB_id 
_struct_conn.ptnr1_label_asym_id 
_struct_conn.ptnr1_label_comp_id 
_struct_conn.ptnr1_label_seq_id 
_struct_conn.ptnr1_label_atom_id 
_struct_conn.pdbx_ptnr1_label_alt_id 
_struct_conn.pdbx_ptnr1_PDB_ins_code 
_struct_conn.pdbx_ptnr1_standard_comp_id 
_struct_conn.ptnr1_symmetry 
_struct_conn.ptnr2_label_asym_id 
_struct_conn.ptnr2_label_comp_id 
_struct_conn.ptnr2_label_seq_id 
_struct_conn.ptnr2_label_atom_id 
_struct_conn.pdbx_ptnr2_label_alt_id 
_struct_conn.pdbx_ptnr2_PDB_ins_code 
_struct_conn.ptnr1_auth_asym_id 
_struct_conn.ptnr1_auth_comp_id 
_struct_conn.ptnr1_auth_seq_id 
_struct_conn.ptnr2_auth_asym_id 
_struct_conn.ptnr2_auth_comp_id 
_struct_conn.ptnr2_auth_seq_id 
_struct_conn.ptnr2_symmetry 
_struct_conn.pdbx_ptnr3_label_atom_id 
_struct_conn.pdbx_ptnr3_label_seq_id 
_struct_conn.pdbx_ptnr3_label_comp_id 
_struct_conn.pdbx_ptnr3_label_asym_id 
_struct_conn.pdbx_ptnr3_label_alt_id 
_struct_conn.pdbx_ptnr3_PDB_ins_code 
_struct_conn.details 
_struct_conn.pdbx_dist_value 
_struct_conn.pdbx_value_order 
_struct_conn.pdbx_role 
covale1 covale both ? B MAA 1  C   ? ? ? 1_555 B LPH 2 N  ? ? B MAA 1   B LPH 2   1_555 ? ? ? ? ? ? ? 1.335 ? ? 
covale2 covale both ? B LPH 2  C   ? ? ? 1_555 B PRO 3 N  ? ? B LPH 2   B PRO 3   1_555 ? ? ? ? ? ? ? 1.342 ? ? 
covale3 covale both ? B PHE 4  C   ? ? ? 1_555 B 4LZ 5 N  ? ? B PHE 4   B 4LZ 5   1_555 ? ? ? ? ? ? ? 1.333 ? ? 
metalc1 metalc ?    ? A CYS 67 SG  ? ? ? 1_555 C ZN  . ZN ? ? A CYS 200 A ZN  501 1_555 ? ? ? ? ? ? ? 2.292 ? ? 
metalc2 metalc ?    ? A CYS 70 SG  ? ? ? 1_555 C ZN  . ZN ? ? A CYS 203 A ZN  501 1_555 ? ? ? ? ? ? ? 2.316 ? ? 
metalc3 metalc ?    ? A HIS 87 NE2 ? ? ? 1_555 C ZN  . ZN ? ? A HIS 220 A ZN  501 1_555 ? ? ? ? ? ? ? 2.072 ? ? 
metalc4 metalc ?    ? A CYS 94 SG  ? ? ? 1_555 C ZN  . ZN ? ? A CYS 227 A ZN  501 1_555 ? ? ? ? ? ? ? 2.285 ? ? 
# 
loop_
_struct_conn_type.id 
_struct_conn_type.criteria 
_struct_conn_type.reference 
covale ? ? 
metalc ? ? 
# 
_struct_sheet.id               AA1 
_struct_sheet.type             ? 
_struct_sheet.number_strands   4 
_struct_sheet.details          ? 
# 
loop_
_struct_sheet_order.sheet_id 
_struct_sheet_order.range_id_1 
_struct_sheet_order.range_id_2 
_struct_sheet_order.offset 
_struct_sheet_order.sense 
AA1 1 2 ? anti-parallel 
AA1 2 3 ? anti-parallel 
AA1 3 4 ? anti-parallel 
# 
loop_
_struct_sheet_range.sheet_id 
_struct_sheet_range.id 
_struct_sheet_range.beg_label_comp_id 
_struct_sheet_range.beg_label_asym_id 
_struct_sheet_range.beg_label_seq_id 
_struct_sheet_range.pdbx_beg_PDB_ins_code 
_struct_sheet_range.end_label_comp_id 
_struct_sheet_range.end_label_asym_id 
_struct_sheet_range.end_label_seq_id 
_struct_sheet_range.pdbx_end_PDB_ins_code 
_struct_sheet_range.beg_auth_comp_id 
_struct_sheet_range.beg_auth_asym_id 
_struct_sheet_range.beg_auth_seq_id 
_struct_sheet_range.end_auth_comp_id 
_struct_sheet_range.end_auth_asym_id 
_struct_sheet_range.end_auth_seq_id 
AA1 1 LEU A 56 ? TYR A 58 ? LEU A 189 TYR A 191 
AA1 2 VAL A 65 ? CYS A 67 ? VAL A 198 CYS A 200 
AA1 3 LYS A 73 ? LYS A 75 ? LYS A 206 LYS A 208 
AA1 4 LPH B 2  ? PHE B 4  ? LPH B 2   PHE B 4   
# 
loop_
_pdbx_struct_sheet_hbond.sheet_id 
_pdbx_struct_sheet_hbond.range_id_1 
_pdbx_struct_sheet_hbond.range_id_2 
_pdbx_struct_sheet_hbond.range_1_label_atom_id 
_pdbx_struct_sheet_hbond.range_1_label_comp_id 
_pdbx_struct_sheet_hbond.range_1_label_asym_id 
_pdbx_struct_sheet_hbond.range_1_label_seq_id 
_pdbx_struct_sheet_hbond.range_1_PDB_ins_code 
_pdbx_struct_sheet_hbond.range_1_auth_atom_id 
_pdbx_struct_sheet_hbond.range_1_auth_comp_id 
_pdbx_struct_sheet_hbond.range_1_auth_asym_id 
_pdbx_struct_sheet_hbond.range_1_auth_seq_id 
_pdbx_struct_sheet_hbond.range_2_label_atom_id 
_pdbx_struct_sheet_hbond.range_2_label_comp_id 
_pdbx_struct_sheet_hbond.range_2_label_asym_id 
_pdbx_struct_sheet_hbond.range_2_label_seq_id 
_pdbx_struct_sheet_hbond.range_2_PDB_ins_code 
_pdbx_struct_sheet_hbond.range_2_auth_atom_id 
_pdbx_struct_sheet_hbond.range_2_auth_comp_id 
_pdbx_struct_sheet_hbond.range_2_auth_asym_id 
_pdbx_struct_sheet_hbond.range_2_auth_seq_id 
AA1 1 2 N TYR A 57 ? N TYR A 190 O GLN A 66 ? O GLN A 199 
AA1 2 3 N VAL A 65 ? N VAL A 198 O LEU A 74 ? O LEU A 207 
AA1 3 4 N LYS A 75 ? N LYS A 208 O LPH B 2  ? O LPH B 2   
# 
loop_
_struct_site.id 
_struct_site.pdbx_evidence_code 
_struct_site.pdbx_auth_asym_id 
_struct_site.pdbx_auth_comp_id 
_struct_site.pdbx_auth_seq_id 
_struct_site.pdbx_auth_ins_code 
_struct_site.pdbx_num_residues 
_struct_site.details 
AC1 Software A ZN  501 ? 4 'binding site for residue ZN A 501'  
AC2 Software A SO4 502 ? 7 'binding site for residue SO4 A 502' 
AC3 Software A SO4 503 ? 6 'binding site for residue SO4 A 503' 
AC4 Software A GOL 504 ? 3 'binding site for residue GOL A 504' 
AC5 Software A SO4 505 ? 4 'binding site for residue SO4 A 505' 
# 
loop_
_struct_site_gen.id 
_struct_site_gen.site_id 
_struct_site_gen.pdbx_num_res 
_struct_site_gen.label_comp_id 
_struct_site_gen.label_asym_id 
_struct_site_gen.label_seq_id 
_struct_site_gen.pdbx_auth_ins_code 
_struct_site_gen.auth_comp_id 
_struct_site_gen.auth_asym_id 
_struct_site_gen.auth_seq_id 
_struct_site_gen.label_atom_id 
_struct_site_gen.label_alt_id 
_struct_site_gen.symmetry 
_struct_site_gen.details 
1  AC1 4 CYS A 67 ? CYS A 200 . ? 1_555 ? 
2  AC1 4 CYS A 70 ? CYS A 203 . ? 1_555 ? 
3  AC1 4 HIS A 87 ? HIS A 220 . ? 1_555 ? 
4  AC1 4 CYS A 94 ? CYS A 227 . ? 1_555 ? 
5  AC2 7 HIS A 21 ? HIS A -2  . ? 1_555 ? 
6  AC2 7 GLY A 20 ? GLY A -3  . ? 1_555 ? 
7  AC2 7 GLU A 31 ? GLU A 164 . ? 1_455 ? 
8  AC2 7 ALA A 69 ? ALA A 202 . ? 1_555 ? 
9  AC2 7 CYS A 70 ? CYS A 203 . ? 1_555 ? 
10 AC2 7 ASN A 93 ? ASN A 226 . ? 1_555 ? 
11 AC2 7 PHE A 95 ? PHE A 228 . ? 1_555 ? 
12 AC3 6 GLN A 64 ? GLN A 197 . ? 1_555 ? 
13 AC3 6 LYS A 75 ? LYS A 208 . ? 1_555 ? 
14 AC3 6 ASN A 76 ? ASN A 209 . ? 1_555 ? 
15 AC3 6 HOH H .  ? HOH A 606 . ? 1_555 ? 
16 AC3 6 HOH H .  ? HOH A 607 . ? 1_555 ? 
17 AC3 6 HOH H .  ? HOH A 609 . ? 1_555 ? 
18 AC4 3 LYS A 73 ? LYS A 206 . ? 1_555 ? 
19 AC4 3 PHE B 4  ? PHE B 4   . ? 1_555 ? 
20 AC4 3 4LZ B 5  ? 4LZ B 5   . ? 1_555 ? 
21 AC5 4 CYS A 70 ? CYS A 203 . ? 1_555 ? 
22 AC5 4 GLY A 72 ? GLY A 205 . ? 1_555 ? 
23 AC5 4 PHE A 91 ? PHE A 224 . ? 1_555 ? 
24 AC5 4 ASN A 93 ? ASN A 226 . ? 1_555 ? 
# 
_atom_sites.entry_id                    4WVS 
_atom_sites.fract_transf_matrix[1][1]   0.03386659 
_atom_sites.fract_transf_matrix[1][2]   -0.01083473 
_atom_sites.fract_transf_matrix[1][3]   -0.00147716 
_atom_sites.fract_transf_matrix[2][1]   -0.00385661 
_atom_sites.fract_transf_matrix[2][2]   -0.00884171 
_atom_sites.fract_transf_matrix[2][3]   -0.02356729 
_atom_sites.fract_transf_matrix[3][1]   0.01040307 
_atom_sites.fract_transf_matrix[3][2]   0.02618973 
_atom_sites.fract_transf_matrix[3][3]   -0.01152795 
_atom_sites.fract_transf_vector[1]      -0.008844 
_atom_sites.fract_transf_vector[2]      -21.572090 
_atom_sites.fract_transf_vector[3]      0.332933 
# 
loop_
_atom_type.symbol 
C  
H  
N  
O  
S  
ZN 
# 
loop_
_atom_site.group_PDB 
_atom_site.id 
_atom_site.type_symbol 
_atom_site.label_atom_id 
_atom_site.label_alt_id 
_atom_site.label_comp_id 
_atom_site.label_asym_id 
_atom_site.label_entity_id 
_atom_site.label_seq_id 
_atom_site.pdbx_PDB_ins_code 
_atom_site.Cartn_x 
_atom_site.Cartn_y 
_atom_site.Cartn_z 
_atom_site.occupancy 
_atom_site.B_iso_or_equiv 
_atom_site.pdbx_formal_charge 
_atom_site.auth_seq_id 
_atom_site.auth_comp_id 
_atom_site.auth_asym_id 
_atom_site.auth_atom_id 
_atom_site.pdbx_PDB_model_num 
ATOM   1   N  N   . GLY A 1 20 ? -7.678  16.297  -5.471  1.00 37.39 ? -3  GLY A N   1 
ATOM   2   C  CA  . GLY A 1 20 ? -7.165  15.404  -6.500  1.00 35.64 ? -3  GLY A CA  1 
ATOM   3   C  C   . GLY A 1 20 ? -5.650  15.359  -6.522  1.00 37.84 ? -3  GLY A C   1 
ATOM   4   O  O   . GLY A 1 20 ? -5.064  14.854  -7.486  1.00 38.12 ? -3  GLY A O   1 
ATOM   5   N  N   . HIS A 1 21 ? -5.007  15.860  -5.442  1.00 30.25 ? -2  HIS A N   1 
ATOM   6   C  CA  . HIS A 1 21 ? -3.545  15.967  -5.332  1.00 27.61 ? -2  HIS A CA  1 
ATOM   7   C  C   . HIS A 1 21 ? -2.854  14.722  -4.798  1.00 26.06 ? -2  HIS A C   1 
ATOM   8   O  O   . HIS A 1 21 ? -3.433  14.013  -3.997  1.00 25.51 ? -2  HIS A O   1 
ATOM   9   C  CB  . HIS A 1 21 ? -3.166  17.198  -4.482  1.00 28.66 ? -2  HIS A CB  1 
ATOM   10  N  N   . MET A 1 22 ? -1.578  14.506  -5.188  1.00 18.76 ? -1  MET A N   1 
ATOM   11  C  CA  . MET A 1 22 ? -0.762  13.389  -4.743  1.00 15.74 ? -1  MET A CA  1 
ATOM   12  C  C   . MET A 1 22 ? -0.444  13.658  -3.285  1.00 20.31 ? -1  MET A C   1 
ATOM   13  O  O   . MET A 1 22 ? 0.145   14.687  -2.972  1.00 19.77 ? -1  MET A O   1 
ATOM   14  C  CB  . MET A 1 22 ? 0.537   13.328  -5.570  1.00 16.25 ? -1  MET A CB  1 
ATOM   15  C  CG  . MET A 1 22 ? 1.377   12.144  -5.279  1.00 16.23 ? -1  MET A CG  1 
ATOM   16  S  SD  . MET A 1 22 ? 2.858   12.144  -6.329  1.00 17.87 ? -1  MET A SD  1 
ATOM   17  C  CE  . MET A 1 22 ? 2.116   11.913  -7.975  1.00 14.84 ? -1  MET A CE  1 
ATOM   18  N  N   . ARG A 1 23 ? -0.918  12.776  -2.388  1.00 18.52 ? 156 ARG A N   1 
ATOM   19  C  CA  . ARG A 1 23 ? -0.734  12.940  -0.943  1.00 17.01 ? 156 ARG A CA  1 
ATOM   20  C  C   . ARG A 1 23 ? 0.709   12.881  -0.500  1.00 19.70 ? 156 ARG A C   1 
ATOM   21  O  O   . ARG A 1 23 ? 1.112   13.687  0.323   1.00 19.50 ? 156 ARG A O   1 
ATOM   22  C  CB  . ARG A 1 23 ? -1.593  11.942  -0.162  1.00 13.71 ? 156 ARG A CB  1 
ATOM   23  C  CG  . ARG A 1 23 ? -3.082  12.251  -0.229  1.00 26.17 ? 156 ARG A CG  1 
ATOM   24  C  CD  . ARG A 1 23 ? -3.448  13.520  0.511   1.00 30.14 ? 156 ARG A CD  1 
ATOM   25  N  NE  . ARG A 1 23 ? -4.865  13.847  0.348   1.00 34.50 ? 156 ARG A NE  1 
ATOM   26  C  CZ  . ARG A 1 23 ? -5.829  13.384  1.135   1.00 51.44 ? 156 ARG A CZ  1 
ATOM   27  N  NH1 . ARG A 1 23 ? -5.537  12.578  2.148   1.00 36.35 ? 156 ARG A NH1 1 
ATOM   28  N  NH2 . ARG A 1 23 ? -7.089  13.738  0.929   1.00 47.55 ? 156 ARG A NH2 1 
ATOM   29  N  N   . ASN A 1 24 ? 1.522   11.958  -1.067  1.00 17.72 ? 157 ASN A N   1 
ATOM   30  C  CA  . ASN A 1 24 ? 2.922   11.883  -0.653  1.00 15.75 ? 157 ASN A CA  1 
ATOM   31  C  C   . ASN A 1 24 ? 3.890   11.739  -1.856  1.00 18.14 ? 157 ASN A C   1 
ATOM   32  O  O   . ASN A 1 24 ? 4.337   10.622  -2.178  1.00 17.32 ? 157 ASN A O   1 
ATOM   33  C  CB  . ASN A 1 24 ? 3.120   10.796  0.418   1.00 16.32 ? 157 ASN A CB  1 
ATOM   34  C  CG  . ASN A 1 24 ? 4.499   10.780  1.056   1.00 27.87 ? 157 ASN A CG  1 
ATOM   35  O  OD1 . ASN A 1 24 ? 5.395   11.523  0.653   1.00 17.45 ? 157 ASN A OD1 1 
ATOM   36  N  ND2 . ASN A 1 24 ? 4.684   9.977   2.110   1.00 18.92 ? 157 ASN A ND2 1 
ATOM   37  N  N   . PRO A 1 25 ? 4.317   12.886  -2.445  1.00 14.84 ? 158 PRO A N   1 
ATOM   38  C  CA  . PRO A 1 25 ? 5.276   12.826  -3.571  1.00 14.67 ? 158 PRO A CA  1 
ATOM   39  C  C   . PRO A 1 25 ? 6.651   12.220  -3.246  1.00 18.49 ? 158 PRO A C   1 
ATOM   40  O  O   . PRO A 1 25 ? 7.312   11.757  -4.161  1.00 17.45 ? 158 PRO A O   1 
ATOM   41  C  CB  . PRO A 1 25 ? 5.392   14.294  -4.044  1.00 17.47 ? 158 PRO A CB  1 
ATOM   42  C  CG  . PRO A 1 25 ? 4.190   15.013  -3.455  1.00 22.86 ? 158 PRO A CG  1 
ATOM   43  C  CD  . PRO A 1 25 ? 3.881   14.279  -2.167  1.00 17.52 ? 158 PRO A CD  1 
ATOM   44  N  N   . ALA A 1 26 ? 7.062   12.157  -1.964  1.00 17.01 ? 159 ALA A N   1 
ATOM   45  C  CA  . ALA A 1 26 ? 8.366   11.567  -1.557  1.00 16.67 ? 159 ALA A CA  1 
ATOM   46  C  C   . ALA A 1 26 ? 8.344   10.065  -1.798  1.00 21.37 ? 159 ALA A C   1 
ATOM   47  O  O   . ALA A 1 26 ? 9.385   9.420   -1.927  1.00 22.20 ? 159 ALA A O   1 
ATOM   48  C  CB  . ALA A 1 26 ? 8.624   11.833  -0.080  1.00 16.41 ? 159 ALA A CB  1 
ATOM   49  N  N   . MET A 1 27 ? 7.137   9.514   -1.905  1.00 17.87 ? 160 MET A N   1 
ATOM   50  C  CA  . MET A 1 27 ? 6.954   8.081   -2.152  1.00 15.85 ? 160 MET A CA  1 
ATOM   51  C  C   . MET A 1 27 ? 6.404   7.811   -3.557  1.00 18.60 ? 160 MET A C   1 
ATOM   52  O  O   . MET A 1 27 ? 5.926   6.713   -3.841  1.00 15.20 ? 160 MET A O   1 
ATOM   53  C  CB  . MET A 1 27 ? 6.094   7.478   -1.050  1.00 16.66 ? 160 MET A CB  1 
ATOM   54  C  CG  . MET A 1 27 ? 6.832   7.385   0.268   1.00 17.53 ? 160 MET A CG  1 
ATOM   55  S  SD  . MET A 1 27 ? 7.989   5.981   0.174   1.00 17.98 ? 160 MET A SD  1 
ATOM   56  C  CE  . MET A 1 27 ? 8.441   5.808   1.877   1.00 15.49 ? 160 MET A CE  1 
ATOM   57  N  N   . TYR A 1 28 ? 6.581   8.791   -4.460  1.00 15.99 ? 161 TYR A N   1 
ATOM   58  C  CA  . TYR A 1 28 ? 6.166   8.625   -5.858  1.00 14.70 ? 161 TYR A CA  1 
ATOM   59  C  C   . TYR A 1 28 ? 7.044   7.594   -6.533  1.00 17.47 ? 161 TYR A C   1 
ATOM   60  O  O   . TYR A 1 28 ? 6.548   6.821   -7.354  1.00 17.13 ? 161 TYR A O   1 
ATOM   61  C  CB  . TYR A 1 28 ? 6.205   9.944   -6.635  1.00 14.76 ? 161 TYR A CB  1 
ATOM   62  C  CG  . TYR A 1 28 ? 6.374   9.774   -8.141  1.00 14.20 ? 161 TYR A CG  1 
ATOM   63  C  CD1 . TYR A 1 28 ? 5.281   9.485   -8.958  1.00 14.72 ? 161 TYR A CD1 1 
ATOM   64  C  CD2 . TYR A 1 28 ? 7.620   9.950   -8.749  1.00 15.65 ? 161 TYR A CD2 1 
ATOM   65  C  CE1 . TYR A 1 28 ? 5.427   9.370   -10.353 1.00 15.14 ? 161 TYR A CE1 1 
ATOM   66  C  CE2 . TYR A 1 28 ? 7.772   9.860   -10.134 1.00 16.23 ? 161 TYR A CE2 1 
ATOM   67  C  CZ  . TYR A 1 28 ? 6.671   9.566   -10.933 1.00 18.43 ? 161 TYR A CZ  1 
ATOM   68  O  OH  . TYR A 1 28 ? 6.845   9.427   -12.295 1.00 15.00 ? 161 TYR A OH  1 
ATOM   69  N  N   . SER A 1 29 ? 8.331   7.561   -6.190  1.00 13.18 ? 162 SER A N   1 
ATOM   70  C  CA  . SER A 1 29 ? 9.251   6.590   -6.803  1.00 14.55 ? 162 SER A CA  1 
ATOM   71  C  C   . SER A 1 29 ? 8.861   5.156   -6.365  1.00 17.05 ? 162 SER A C   1 
ATOM   72  O  O   . SER A 1 29 ? 8.671   4.955   -5.173  1.00 15.72 ? 162 SER A O   1 
ATOM   73  C  CB  . SER A 1 29 ? 10.681  6.888   -6.356  1.00 19.53 ? 162 SER A CB  1 
ATOM   74  O  OG  . SER A 1 29 ? 11.559  5.865   -6.793  1.00 31.09 ? 162 SER A OG  1 
ATOM   75  N  N   . GLU A 1 30 ? 8.769   4.167   -7.297  1.00 15.38 ? 163 GLU A N   1 
ATOM   76  C  CA  . GLU A 1 30 ? 8.476   2.757   -6.903  1.00 15.37 ? 163 GLU A CA  1 
ATOM   77  C  C   . GLU A 1 30 ? 9.652   2.154   -6.093  1.00 16.98 ? 163 GLU A C   1 
ATOM   78  O  O   . GLU A 1 30 ? 9.464   1.375   -5.153  1.00 13.86 ? 163 GLU A O   1 
ATOM   79  C  CB  . GLU A 1 30 ? 8.198   1.882   -8.124  1.00 17.35 ? 163 GLU A CB  1 
ATOM   80  C  CG  . GLU A 1 30 ? 7.542   0.553   -7.764  1.00 19.85 ? 163 GLU A CG  1 
ATOM   81  C  CD  . GLU A 1 30 ? 7.157   -0.280  -8.969  1.00 29.87 ? 163 GLU A CD  1 
ATOM   82  O  OE1 . GLU A 1 30 ? 7.010   0.276   -10.080 1.00 27.33 ? 163 GLU A OE1 1 
ATOM   83  O  OE2 . GLU A 1 30 ? 6.932   -1.491  -8.782  1.00 22.67 ? 163 GLU A OE2 1 
ATOM   84  N  N   . GLU A 1 31 ? 10.858  2.583   -6.413  1.00 15.06 ? 164 GLU A N   1 
ATOM   85  C  CA  . GLU A 1 31 ? 12.044  2.155   -5.687  1.00 16.00 ? 164 GLU A CA  1 
ATOM   86  C  C   . GLU A 1 31 ? 12.000  2.683   -4.199  1.00 17.24 ? 164 GLU A C   1 
ATOM   87  O  O   . GLU A 1 31 ? 12.322  1.942   -3.288  1.00 14.95 ? 164 GLU A O   1 
ATOM   88  C  CB  . GLU A 1 31 ? 13.271  2.687   -6.421  1.00 18.07 ? 164 GLU A CB  1 
ATOM   89  C  CG  . GLU A 1 31 ? 14.570  2.242   -5.792  1.00 28.61 ? 164 GLU A CG  1 
ATOM   90  C  CD  . GLU A 1 31 ? 15.778  3.034   -6.243  1.00 43.00 ? 164 GLU A CD  1 
ATOM   91  O  OE1 . GLU A 1 31 ? 15.761  3.613   -7.352  1.00 27.01 ? 164 GLU A OE1 1 
ATOM   92  O  OE2 . GLU A 1 31 ? 16.767  3.041   -5.487  1.00 36.90 ? 164 GLU A OE2 1 
ATOM   93  N  N   . ALA A 1 32 ? 11.564  3.923   -3.957  1.00 15.68 ? 165 ALA A N   1 
ATOM   94  C  CA  . ALA A 1 32 ? 11.464  4.401   -2.564  1.00 15.94 ? 165 ALA A CA  1 
ATOM   95  C  C   . ALA A 1 32 ? 10.355  3.629   -1.796  1.00 16.58 ? 165 ALA A C   1 
ATOM   96  O  O   . ALA A 1 32 ? 10.545  3.294   -0.641  1.00 17.04 ? 165 ALA A O   1 
ATOM   97  C  CB  . ALA A 1 32 ? 11.203  5.894   -2.523  1.00 16.47 ? 165 ALA A CB  1 
ATOM   98  N  N   . ARG A 1 33 ? 9.247   3.292   -2.452  1.00 14.34 ? 166 ARG A N   1 
ATOM   99  C  CA  . ARG A 1 33 ? 8.208   2.476   -1.812  1.00 15.66 ? 166 ARG A CA  1 
ATOM   100 C  C   . ARG A 1 33 ? 8.773   1.091   -1.450  1.00 17.81 ? 166 ARG A C   1 
ATOM   101 O  O   . ARG A 1 33 ? 8.473   0.581   -0.386  1.00 16.01 ? 166 ARG A O   1 
ATOM   102 C  CB  . ARG A 1 33 ? 6.972   2.339   -2.716  1.00 15.18 ? 166 ARG A CB  1 
ATOM   103 C  CG  . ARG A 1 33 ? 6.256   3.678   -2.930  1.00 12.09 ? 166 ARG A CG  1 
ATOM   104 C  CD  . ARG A 1 33 ? 4.825   3.500   -3.435  1.00 12.35 ? 166 ARG A CD  1 
ATOM   105 N  NE  . ARG A 1 33 ? 4.754   2.837   -4.746  1.00 14.65 ? 166 ARG A NE  1 
ATOM   106 C  CZ  . ARG A 1 33 ? 4.857   3.455   -5.920  1.00 17.06 ? 166 ARG A CZ  1 
ATOM   107 N  NH1 . ARG A 1 33 ? 5.127   4.745   -5.976  1.00 11.41 ? 166 ARG A NH1 1 
ATOM   108 N  NH2 . ARG A 1 33 ? 4.770   2.766   -7.047  1.00 7.20  ? 166 ARG A NH2 1 
ATOM   109 N  N   . LEU A 1 34 ? 9.563   0.480   -2.342  1.00 15.48 ? 167 LEU A N   1 
ATOM   110 C  CA  . LEU A 1 34 ? 10.190  -0.823  -2.072  1.00 16.66 ? 167 LEU A CA  1 
ATOM   111 C  C   . LEU A 1 34 ? 11.137  -0.769  -0.846  1.00 19.00 ? 167 LEU A C   1 
ATOM   112 O  O   . LEU A 1 34 ? 11.088  -1.651  0.001   1.00 18.67 ? 167 LEU A O   1 
ATOM   113 C  CB  . LEU A 1 34 ? 10.957  -1.285  -3.310  1.00 17.37 ? 167 LEU A CB  1 
ATOM   114 C  CG  . LEU A 1 34 ? 10.112  -1.986  -4.383  1.00 22.16 ? 167 LEU A CG  1 
ATOM   115 C  CD1 . LEU A 1 34 ? 10.928  -2.181  -5.701  1.00 20.84 ? 167 LEU A CD1 1 
ATOM   116 C  CD2 . LEU A 1 34 ? 9.549   -3.333  -3.845  1.00 26.72 ? 167 LEU A CD2 1 
ATOM   117 N  N   . LYS A 1 35 ? 11.950  0.287   -0.748  1.00 14.24 ? 168 LYS A N   1 
ATOM   118 C  CA  . LYS A 1 35 ? 12.891  0.500   0.355   1.00 14.12 ? 168 LYS A CA  1 
ATOM   119 C  C   . LYS A 1 35 ? 12.228  0.734   1.695   1.00 17.34 ? 168 LYS A C   1 
ATOM   120 O  O   . LYS A 1 35 ? 12.836  0.478   2.719   1.00 16.57 ? 168 LYS A O   1 
ATOM   121 C  CB  . LYS A 1 35 ? 13.869  1.643   0.015   1.00 16.59 ? 168 LYS A CB  1 
ATOM   122 C  CG  . LYS A 1 35 ? 14.835  1.243   -1.106  1.00 18.75 ? 168 LYS A CG  1 
ATOM   123 C  CD  . LYS A 1 35 ? 15.917  2.295   -1.392  1.00 26.14 ? 168 LYS A CD  1 
ATOM   124 C  CE  . LYS A 1 35 ? 15.385  3.566   -2.039  1.00 38.37 ? 168 LYS A CE  1 
ATOM   125 N  NZ  . LYS A 1 35 ? 16.448  4.315   -2.770  1.00 38.62 ? 168 LYS A NZ  1 
ATOM   126 N  N   . SER A 1 36 ? 10.951  1.160   1.699   1.00 14.56 ? 169 SER A N   1 
ATOM   127 C  CA  . SER A 1 36 ? 10.217  1.411   2.926   1.00 13.71 ? 169 SER A CA  1 
ATOM   128 C  C   . SER A 1 36 ? 9.877   0.120   3.667   1.00 17.77 ? 169 SER A C   1 
ATOM   129 O  O   . SER A 1 36 ? 9.554   0.190   4.846   1.00 16.96 ? 169 SER A O   1 
ATOM   130 C  CB  . SER A 1 36 ? 8.914   2.135   2.609   1.00 15.51 ? 169 SER A CB  1 
ATOM   131 O  OG  . SER A 1 36 ? 7.990   1.238   2.010   1.00 13.98 ? 169 SER A OG  1 
ATOM   132 N  N   . PHE A 1 37 ? 9.966   -1.053  2.976   1.00 15.05 ? 170 PHE A N   1 
ATOM   133 C  CA  . PHE A 1 37 ? 9.571   -2.361  3.495   1.00 15.07 ? 170 PHE A CA  1 
ATOM   134 C  C   . PHE A 1 37 ? 10.577  -3.070  4.400   1.00 21.35 ? 170 PHE A C   1 
ATOM   135 O  O   . PHE A 1 37 ? 10.529  -4.294  4.480   1.00 23.39 ? 170 PHE A O   1 
ATOM   136 C  CB  . PHE A 1 37 ? 9.149   -3.289  2.330   1.00 15.92 ? 170 PHE A CB  1 
ATOM   137 C  CG  . PHE A 1 37 ? 7.743   -2.963  1.873   1.00 15.72 ? 170 PHE A CG  1 
ATOM   138 C  CD1 . PHE A 1 37 ? 6.639   -3.535  2.498   1.00 18.37 ? 170 PHE A CD1 1 
ATOM   139 C  CD2 . PHE A 1 37 ? 7.522   -2.043  0.849   1.00 16.08 ? 170 PHE A CD2 1 
ATOM   140 C  CE1 . PHE A 1 37 ? 5.338   -3.182  2.123   1.00 17.62 ? 170 PHE A CE1 1 
ATOM   141 C  CE2 . PHE A 1 37 ? 6.225   -1.682  0.477   1.00 17.51 ? 170 PHE A CE2 1 
ATOM   142 C  CZ  . PHE A 1 37 ? 5.142   -2.256  1.109   1.00 15.59 ? 170 PHE A CZ  1 
ATOM   143 N  N   . GLN A 1 38 ? 11.456  -2.328  5.096   1.00 19.96 ? 171 GLN A N   1 
ATOM   144 C  CA  . GLN A 1 38 ? 12.369  -2.915  6.091   1.00 20.94 ? 171 GLN A CA  1 
ATOM   145 C  C   . GLN A 1 38 ? 11.482  -3.495  7.200   1.00 24.12 ? 171 GLN A C   1 
ATOM   146 O  O   . GLN A 1 38 ? 10.502  -2.854  7.603   1.00 22.39 ? 171 GLN A O   1 
ATOM   147 C  CB  . GLN A 1 38 ? 13.271  -1.845  6.738   1.00 22.70 ? 171 GLN A CB  1 
ATOM   148 C  CG  . GLN A 1 38 ? 14.254  -1.185  5.784   1.00 33.48 ? 171 GLN A CG  1 
ATOM   149 C  CD  . GLN A 1 38 ? 15.415  -0.551  6.520   1.00 44.35 ? 171 GLN A CD  1 
ATOM   150 O  OE1 . GLN A 1 38 ? 15.523  -0.591  7.755   1.00 36.72 ? 171 GLN A OE1 1 
ATOM   151 N  NE2 . GLN A 1 38 ? 16.319  0.039   5.770   1.00 35.49 ? 171 GLN A NE2 1 
ATOM   152 N  N   . ASN A 1 39 ? 11.781  -4.727  7.623   1.00 21.03 ? 172 ASN A N   1 
ATOM   153 C  CA  . ASN A 1 39 ? 11.088  -5.459  8.691   1.00 21.81 ? 172 ASN A CA  1 
ATOM   154 C  C   . ASN A 1 39 ? 9.611   -5.695  8.438   1.00 23.44 ? 172 ASN A C   1 
ATOM   155 O  O   . ASN A 1 39 ? 8.834   -5.781  9.392   1.00 22.26 ? 172 ASN A O   1 
ATOM   156 C  CB  . ASN A 1 39 ? 11.304  -4.803  10.085  1.00 25.42 ? 172 ASN A CB  1 
ATOM   157 C  CG  . ASN A 1 39 ? 12.719  -4.899  10.582  1.00 46.03 ? 172 ASN A CG  1 
ATOM   158 O  OD1 . ASN A 1 39 ? 13.326  -3.908  10.994  1.00 36.65 ? 172 ASN A OD1 1 
ATOM   159 N  ND2 . ASN A 1 39 ? 13.266  -6.097  10.578  1.00 41.48 ? 172 ASN A ND2 1 
ATOM   160 N  N   . TRP A 1 40 ? 9.228   -5.873  7.161   1.00 19.60 ? 173 TRP A N   1 
ATOM   161 C  CA  . TRP A 1 40 ? 7.859   -6.210  6.776   1.00 19.20 ? 173 TRP A CA  1 
ATOM   162 C  C   . TRP A 1 40 ? 7.596   -7.611  7.369   1.00 24.46 ? 173 TRP A C   1 
ATOM   163 O  O   . TRP A 1 40 ? 8.482   -8.463  7.264   1.00 24.21 ? 173 TRP A O   1 
ATOM   164 C  CB  . TRP A 1 40 ? 7.746   -6.244  5.249   1.00 17.31 ? 173 TRP A CB  1 
ATOM   165 C  CG  . TRP A 1 40 ? 6.421   -6.704  4.722   1.00 16.77 ? 173 TRP A CG  1 
ATOM   166 C  CD1 . TRP A 1 40 ? 6.192   -7.789  3.932   1.00 19.75 ? 173 TRP A CD1 1 
ATOM   167 C  CD2 . TRP A 1 40 ? 5.163   -6.029  4.854   1.00 15.49 ? 173 TRP A CD2 1 
ATOM   168 N  NE1 . TRP A 1 40 ? 4.855   -7.862  3.601   1.00 18.17 ? 173 TRP A NE1 1 
ATOM   169 C  CE2 . TRP A 1 40 ? 4.201   -6.792  4.151   1.00 18.61 ? 173 TRP A CE2 1 
ATOM   170 C  CE3 . TRP A 1 40 ? 4.753   -4.838  5.481   1.00 15.57 ? 173 TRP A CE3 1 
ATOM   171 C  CZ2 . TRP A 1 40 ? 2.841   -6.440  4.119   1.00 16.83 ? 173 TRP A CZ2 1 
ATOM   172 C  CZ3 . TRP A 1 40 ? 3.419   -4.459  5.386   1.00 16.19 ? 173 TRP A CZ3 1 
ATOM   173 C  CH2 . TRP A 1 40 ? 2.485   -5.244  4.686   1.00 16.36 ? 173 TRP A CH2 1 
ATOM   174 N  N   . PRO A 1 41 ? 6.472   -7.860  8.075   1.00 21.08 ? 174 PRO A N   1 
ATOM   175 C  CA  . PRO A 1 41 ? 6.309   -9.186  8.728   1.00 23.08 ? 174 PRO A CA  1 
ATOM   176 C  C   . PRO A 1 41 ? 5.854   -10.311 7.801   1.00 30.49 ? 174 PRO A C   1 
ATOM   177 O  O   . PRO A 1 41 ? 5.013   -10.099 6.926   1.00 31.05 ? 174 PRO A O   1 
ATOM   178 C  CB  . PRO A 1 41 ? 5.300   -8.911  9.843   1.00 24.52 ? 174 PRO A CB  1 
ATOM   179 C  CG  . PRO A 1 41 ? 4.482   -7.744  9.337   1.00 27.93 ? 174 PRO A CG  1 
ATOM   180 C  CD  . PRO A 1 41 ? 5.329   -6.969  8.351   1.00 21.81 ? 174 PRO A CD  1 
ATOM   181 N  N   . ASP A 1 42 ? 6.353   -11.517 8.063   1.00 31.24 ? 175 ASP A N   1 
ATOM   182 C  CA  . ASP A 1 42 ? 6.079   -12.754 7.321   1.00 32.09 ? 175 ASP A CA  1 
ATOM   183 C  C   . ASP A 1 42 ? 4.602   -13.139 7.259   1.00 36.75 ? 175 ASP A C   1 
ATOM   184 O  O   . ASP A 1 42 ? 4.127   -13.574 6.203   1.00 34.99 ? 175 ASP A O   1 
ATOM   185 C  CB  . ASP A 1 42 ? 6.918   -13.907 7.882   1.00 34.48 ? 175 ASP A CB  1 
ATOM   186 C  CG  . ASP A 1 42 ? 8.370   -13.898 7.425   1.00 50.35 ? 175 ASP A CG  1 
ATOM   187 O  OD1 . ASP A 1 42 ? 8.682   -13.203 6.412   1.00 49.49 ? 175 ASP A OD1 1 
ATOM   188 O  OD2 . ASP A 1 42 ? 9.191   -14.619 8.041   1.00 60.45 ? 175 ASP A OD2 1 
ATOM   189 N  N   . TYR A 1 43 ? 3.866   -12.932 8.372   1.00 31.19 ? 176 TYR A N   1 
ATOM   190 C  CA  . TYR A 1 43 ? 2.457   -13.282 8.452   1.00 29.63 ? 176 TYR A CA  1 
ATOM   191 C  C   . TYR A 1 43 ? 1.573   -12.558 7.428   1.00 30.63 ? 176 TYR A C   1 
ATOM   192 O  O   . TYR A 1 43 ? 0.552   -13.106 7.020   1.00 31.53 ? 176 TYR A O   1 
ATOM   193 C  CB  . TYR A 1 43 ? 1.936   -13.076 9.898   1.00 30.39 ? 176 TYR A CB  1 
ATOM   194 C  CG  . TYR A 1 43 ? 2.058   -11.664 10.445  1.00 30.03 ? 176 TYR A CG  1 
ATOM   195 C  CD1 . TYR A 1 43 ? 1.213   -10.646 10.000  1.00 30.94 ? 176 TYR A CD1 1 
ATOM   196 C  CD2 . TYR A 1 43 ? 2.910   -11.382 11.507  1.00 29.87 ? 176 TYR A CD2 1 
ATOM   197 C  CE1 . TYR A 1 43 ? 1.276   -9.366  10.543  1.00 30.00 ? 176 TYR A CE1 1 
ATOM   198 C  CE2 . TYR A 1 43 ? 2.950   -10.116 12.084  1.00 29.88 ? 176 TYR A CE2 1 
ATOM   199 C  CZ  . TYR A 1 43 ? 2.134   -9.111  11.597  1.00 32.25 ? 176 TYR A CZ  1 
ATOM   200 O  OH  . TYR A 1 43 ? 2.195   -7.854  12.135  1.00 30.45 ? 176 TYR A OH  1 
ATOM   201 N  N   . ALA A 1 44 ? 1.951   -11.321 7.013   1.00 25.09 ? 177 ALA A N   1 
ATOM   202 C  CA  . ALA A 1 44 ? 1.133   -10.524 6.073   1.00 23.39 ? 177 ALA A CA  1 
ATOM   203 C  C   . ALA A 1 44 ? 1.034   -11.135 4.686   1.00 25.25 ? 177 ALA A C   1 
ATOM   204 O  O   . ALA A 1 44 ? 0.173   -10.729 3.895   1.00 25.76 ? 177 ALA A O   1 
ATOM   205 C  CB  . ALA A 1 44 ? 1.636   -9.089  5.996   1.00 23.58 ? 177 ALA A CB  1 
ATOM   206 N  N   . HIS A 1 45 ? 1.897   -12.127 4.403   1.00 19.82 ? 178 HIS A N   1 
ATOM   207 C  CA  . HIS A 1 45 ? 1.907   -12.962 3.207   1.00 19.92 ? 178 HIS A CA  1 
ATOM   208 C  C   . HIS A 1 45 ? 2.237   -12.219 1.862   1.00 21.34 ? 178 HIS A C   1 
ATOM   209 O  O   . HIS A 1 45 ? 2.989   -12.754 1.043   1.00 19.69 ? 178 HIS A O   1 
ATOM   210 C  CB  . HIS A 1 45 ? 0.573   -13.715 3.110   1.00 21.03 ? 178 HIS A CB  1 
ATOM   211 C  CG  . HIS A 1 45 ? 0.579   -14.800 2.087   1.00 24.31 ? 178 HIS A CG  1 
ATOM   212 N  ND1 . HIS A 1 45 ? 0.012   -14.612 0.834   1.00 26.86 ? 178 HIS A ND1 1 
ATOM   213 C  CD2 . HIS A 1 45 ? 1.164   -16.013 2.129   1.00 24.82 ? 178 HIS A CD2 1 
ATOM   214 C  CE1 . HIS A 1 45 ? 0.221   -15.748 0.183   1.00 25.94 ? 178 HIS A CE1 1 
ATOM   215 N  NE2 . HIS A 1 45 ? 0.905   -16.620 0.927   1.00 25.82 ? 178 HIS A NE2 1 
ATOM   216 N  N   . LEU A 1 46 ? 1.689   -11.022 1.641   1.00 18.05 ? 179 LEU A N   1 
ATOM   217 C  CA  . LEU A 1 46 ? 1.946   -10.274 0.402   1.00 18.02 ? 179 LEU A CA  1 
ATOM   218 C  C   . LEU A 1 46 ? 3.352   -9.712  0.409   1.00 22.55 ? 179 LEU A C   1 
ATOM   219 O  O   . LEU A 1 46 ? 3.930   -9.472  1.480   1.00 21.68 ? 179 LEU A O   1 
ATOM   220 C  CB  . LEU A 1 46 ? 0.906   -9.172  0.159   1.00 18.23 ? 179 LEU A CB  1 
ATOM   221 C  CG  . LEU A 1 46 ? -0.331  -9.633  -0.613  1.00 23.17 ? 179 LEU A CG  1 
ATOM   222 C  CD1 . LEU A 1 46 ? -1.334  -10.288 0.342   1.00 24.59 ? 179 LEU A CD1 1 
ATOM   223 C  CD2 . LEU A 1 46 ? -0.984  -8.457  -1.352  1.00 22.43 ? 179 LEU A CD2 1 
ATOM   224 N  N   . THR A 1 47 ? 3.948   -9.629  -0.782  1.00 19.29 ? 180 THR A N   1 
ATOM   225 C  CA  . THR A 1 47 ? 5.327   -9.180  -0.906  1.00 18.07 ? 180 THR A CA  1 
ATOM   226 C  C   . THR A 1 47 ? 5.418   -7.660  -1.035  1.00 19.34 ? 180 THR A C   1 
ATOM   227 O  O   . THR A 1 47 ? 4.540   -7.032  -1.648  1.00 15.06 ? 180 THR A O   1 
ATOM   228 C  CB  . THR A 1 47 ? 6.035   -9.812  -2.131  1.00 18.90 ? 180 THR A CB  1 
ATOM   229 O  OG1 . THR A 1 47 ? 5.380   -9.388  -3.334  1.00 13.38 ? 180 THR A OG1 1 
ATOM   230 C  CG2 . THR A 1 47 ? 6.126   -11.361 -2.057  1.00 21.02 ? 180 THR A CG2 1 
ATOM   231 N  N   . PRO A 1 48 ? 6.541   -7.098  -0.523  1.00 16.73 ? 181 PRO A N   1 
ATOM   232 C  CA  . PRO A 1 48 ? 6.867   -5.695  -0.781  1.00 14.84 ? 181 PRO A CA  1 
ATOM   233 C  C   . PRO A 1 48 ? 6.779   -5.321  -2.284  1.00 16.25 ? 181 PRO A C   1 
ATOM   234 O  O   . PRO A 1 48 ? 6.231   -4.266  -2.605  1.00 15.39 ? 181 PRO A O   1 
ATOM   235 C  CB  . PRO A 1 48 ? 8.333   -5.628  -0.304  1.00 15.46 ? 181 PRO A CB  1 
ATOM   236 C  CG  . PRO A 1 48 ? 8.382   -6.576  0.865   1.00 18.64 ? 181 PRO A CG  1 
ATOM   237 C  CD  . PRO A 1 48 ? 7.652   -7.748  0.227   1.00 17.39 ? 181 PRO A CD  1 
ATOM   238 N  N   . ARG A 1 49 ? 7.267   -6.189  -3.199  1.00 12.77 ? 182 ARG A N   1 
ATOM   239 C  CA  . ARG A 1 49 ? 7.230   -5.949  -4.652  1.00 11.43 ? 182 ARG A CA  1 
ATOM   240 C  C   . ARG A 1 49 ? 5.815   -5.703  -5.139  1.00 17.34 ? 182 ARG A C   1 
ATOM   241 O  O   . ARG A 1 49 ? 5.537   -4.685  -5.797  1.00 17.45 ? 182 ARG A O   1 
ATOM   242 C  CB  . ARG A 1 49 ? 7.905   -7.097  -5.419  1.00 15.83 ? 182 ARG A CB  1 
ATOM   243 C  CG  . ARG A 1 49 ? 8.321   -6.678  -6.855  1.00 28.32 ? 182 ARG A CG  1 
ATOM   244 C  CD  . ARG A 1 49 ? 8.657   -7.845  -7.757  1.00 34.62 ? 182 ARG A CD  1 
ATOM   245 N  NE  . ARG A 1 49 ? 8.723   -7.422  -9.159  1.00 48.91 ? 182 ARG A NE  1 
ATOM   246 C  CZ  . ARG A 1 49 ? 8.752   -8.248  -10.205 1.00 68.39 ? 182 ARG A CZ  1 
ATOM   247 N  NH1 . ARG A 1 49 ? 8.746   -9.565  -10.024 1.00 50.13 ? 182 ARG A NH1 1 
ATOM   248 N  NH2 . ARG A 1 49 ? 8.785   -7.763  -11.441 1.00 54.13 ? 182 ARG A NH2 1 
ATOM   249 N  N   . GLU A 1 50 ? 4.898   -6.602  -4.770  1.00 12.71 ? 183 GLU A N   1 
ATOM   250 C  CA  . GLU A 1 50 ? 3.511   -6.473  -5.179  1.00 11.90 ? 183 GLU A CA  1 
ATOM   251 C  C   . GLU A 1 50 ? 2.860   -5.225  -4.602  1.00 16.10 ? 183 GLU A C   1 
ATOM   252 O  O   . GLU A 1 50 ? 2.220   -4.485  -5.341  1.00 18.87 ? 183 GLU A O   1 
ATOM   253 C  CB  . GLU A 1 50 ? 2.702   -7.709  -4.784  1.00 13.10 ? 183 GLU A CB  1 
ATOM   254 C  CG  . GLU A 1 50 ? 1.265   -7.593  -5.283  1.00 15.13 ? 183 GLU A CG  1 
ATOM   255 C  CD  . GLU A 1 50 ? 0.331   -8.724  -4.919  1.00 21.01 ? 183 GLU A CD  1 
ATOM   256 O  OE1 . GLU A 1 50 ? 0.795   -9.752  -4.376  1.00 19.74 ? 183 GLU A OE1 1 
ATOM   257 O  OE2 . GLU A 1 50 ? -0.883  -8.564  -5.159  1.00 15.65 ? 183 GLU A OE2 1 
ATOM   258 N  N   . LEU A 1 51 ? 3.040   -4.975  -3.300  1.00 10.63 ? 184 LEU A N   1 
ATOM   259 C  CA  . LEU A 1 51 ? 2.442   -3.815  -2.640  1.00 9.71  ? 184 LEU A CA  1 
ATOM   260 C  C   . LEU A 1 51 ? 2.937   -2.500  -3.188  1.00 14.14 ? 184 LEU A C   1 
ATOM   261 O  O   . LEU A 1 51 ? 2.109   -1.636  -3.463  1.00 13.07 ? 184 LEU A O   1 
ATOM   262 C  CB  . LEU A 1 51 ? 2.615   -3.889  -1.120  1.00 10.49 ? 184 LEU A CB  1 
ATOM   263 C  CG  . LEU A 1 51 ? 1.908   -5.055  -0.411  1.00 15.47 ? 184 LEU A CG  1 
ATOM   264 C  CD1 . LEU A 1 51 ? 2.591   -5.353  0.940   1.00 14.76 ? 184 LEU A CD1 1 
ATOM   265 C  CD2 . LEU A 1 51 ? 0.430   -4.727  -0.187  1.00 16.01 ? 184 LEU A CD2 1 
ATOM   266 N  N   . ALA A 1 52 ? 4.279   -2.347  -3.399  1.00 13.68 ? 185 ALA A N   1 
ATOM   267 C  CA  . ALA A 1 52 ? 4.879   -1.092  -3.945  1.00 14.06 ? 185 ALA A CA  1 
ATOM   268 C  C   . ALA A 1 52 ? 4.378   -0.825  -5.368  1.00 18.56 ? 185 ALA A C   1 
ATOM   269 O  O   . ALA A 1 52 ? 4.106   0.331   -5.745  1.00 18.31 ? 185 ALA A O   1 
ATOM   270 C  CB  . ALA A 1 52 ? 6.411   -1.205  -3.946  1.00 14.40 ? 185 ALA A CB  1 
ATOM   271 N  N   . SER A 1 53 ? 4.248   -1.904  -6.169  1.00 16.07 ? 186 SER A N   1 
ATOM   272 C  CA  . SER A 1 53 ? 3.761   -1.769  -7.546  1.00 16.32 ? 186 SER A CA  1 
ATOM   273 C  C   . SER A 1 53 ? 2.312   -1.227  -7.595  1.00 19.62 ? 186 SER A C   1 
ATOM   274 O  O   . SER A 1 53 ? 1.963   -0.537  -8.552  1.00 18.35 ? 186 SER A O   1 
ATOM   275 C  CB  . SER A 1 53 ? 3.887   -3.082  -8.319  1.00 21.34 ? 186 SER A CB  1 
ATOM   276 O  OG  . SER A 1 53 ? 2.922   -4.039  -7.911  1.00 30.65 ? 186 SER A OG  1 
ATOM   277 N  N   . ALA A 1 54 ? 1.490   -1.503  -6.551  1.00 16.34 ? 187 ALA A N   1 
ATOM   278 C  CA  . ALA A 1 54 ? 0.101   -0.992  -6.456  1.00 14.20 ? 187 ALA A CA  1 
ATOM   279 C  C   . ALA A 1 54 ? 0.077   0.366   -5.774  1.00 15.42 ? 187 ALA A C   1 
ATOM   280 O  O   . ALA A 1 54 ? -0.991  0.871   -5.425  1.00 13.51 ? 187 ALA A O   1 
ATOM   281 C  CB  . ALA A 1 54 ? -0.794  -1.982  -5.706  1.00 14.62 ? 187 ALA A CB  1 
ATOM   282 N  N   . GLY A 1 55 ? 1.238   0.989   -5.627  1.00 12.39 ? 188 GLY A N   1 
ATOM   283 C  CA  . GLY A 1 55 ? 1.290   2.337   -5.070  1.00 11.34 ? 188 GLY A CA  1 
ATOM   284 C  C   . GLY A 1 55 ? 1.420   2.401   -3.563  1.00 12.41 ? 188 GLY A C   1 
ATOM   285 O  O   . GLY A 1 55 ? 1.471   3.491   -3.025  1.00 11.25 ? 188 GLY A O   1 
ATOM   286 N  N   . LEU A 1 56 ? 1.603   1.252   -2.885  1.00 11.47 ? 189 LEU A N   1 
ATOM   287 C  CA  . LEU A 1 56 ? 1.653   1.232   -1.416  1.00 11.49 ? 189 LEU A CA  1 
ATOM   288 C  C   . LEU A 1 56 ? 3.055   1.179   -0.827  1.00 16.00 ? 189 LEU A C   1 
ATOM   289 O  O   . LEU A 1 56 ? 3.906   0.472   -1.335  1.00 16.64 ? 189 LEU A O   1 
ATOM   290 C  CB  . LEU A 1 56 ? 0.776   0.068   -0.866  1.00 11.38 ? 189 LEU A CB  1 
ATOM   291 C  CG  . LEU A 1 56 ? -0.651  -0.017  -1.481  1.00 14.66 ? 189 LEU A CG  1 
ATOM   292 C  CD1 . LEU A 1 56 ? -1.309  -1.404  -1.254  1.00 14.32 ? 189 LEU A CD1 1 
ATOM   293 C  CD2 . LEU A 1 56 ? -1.568  1.092   -0.946  1.00 15.29 ? 189 LEU A CD2 1 
ATOM   294 N  N   . TYR A 1 57 ? 3.273   1.895   0.284   1.00 14.36 ? 190 TYR A N   1 
ATOM   295 C  CA  . TYR A 1 57 ? 4.560   1.871   0.984   1.00 13.55 ? 190 TYR A CA  1 
ATOM   296 C  C   . TYR A 1 57 ? 4.295   1.517   2.430   1.00 16.54 ? 190 TYR A C   1 
ATOM   297 O  O   . TYR A 1 57 ? 3.186   1.740   2.929   1.00 14.56 ? 190 TYR A O   1 
ATOM   298 C  CB  . TYR A 1 57 ? 5.329   3.203   0.860   1.00 13.61 ? 190 TYR A CB  1 
ATOM   299 C  CG  . TYR A 1 57 ? 4.614   4.413   1.439   1.00 14.15 ? 190 TYR A CG  1 
ATOM   300 C  CD1 . TYR A 1 57 ? 4.803   4.793   2.768   1.00 15.81 ? 190 TYR A CD1 1 
ATOM   301 C  CD2 . TYR A 1 57 ? 3.829   5.236   0.631   1.00 14.67 ? 190 TYR A CD2 1 
ATOM   302 C  CE1 . TYR A 1 57 ? 4.204   5.949   3.281   1.00 17.06 ? 190 TYR A CE1 1 
ATOM   303 C  CE2 . TYR A 1 57 ? 3.147   6.330   1.159   1.00 15.13 ? 190 TYR A CE2 1 
ATOM   304 C  CZ  . TYR A 1 57 ? 3.332   6.680   2.486   1.00 17.15 ? 190 TYR A CZ  1 
ATOM   305 O  OH  . TYR A 1 57 ? 2.755   7.841   2.939   1.00 17.81 ? 190 TYR A OH  1 
ATOM   306 N  N   . TYR A 1 58 ? 5.319   1.008   3.103   1.00 14.49 ? 191 TYR A N   1 
ATOM   307 C  CA  . TYR A 1 58 ? 5.233   0.559   4.492   1.00 14.22 ? 191 TYR A CA  1 
ATOM   308 C  C   . TYR A 1 58 ? 5.364   1.751   5.450   1.00 18.55 ? 191 TYR A C   1 
ATOM   309 O  O   . TYR A 1 58 ? 6.211   2.640   5.238   1.00 16.19 ? 191 TYR A O   1 
ATOM   310 C  CB  . TYR A 1 58 ? 6.314   -0.519  4.764   1.00 13.31 ? 191 TYR A CB  1 
ATOM   311 C  CG  . TYR A 1 58 ? 6.215   -1.260  6.082   1.00 13.99 ? 191 TYR A CG  1 
ATOM   312 C  CD1 . TYR A 1 58 ? 4.978   -1.516  6.676   1.00 14.55 ? 191 TYR A CD1 1 
ATOM   313 C  CD2 . TYR A 1 58 ? 7.358   -1.766  6.710   1.00 14.27 ? 191 TYR A CD2 1 
ATOM   314 C  CE1 . TYR A 1 58 ? 4.884   -2.207  7.898   1.00 12.80 ? 191 TYR A CE1 1 
ATOM   315 C  CE2 . TYR A 1 58 ? 7.272   -2.483  7.908   1.00 14.96 ? 191 TYR A CE2 1 
ATOM   316 C  CZ  . TYR A 1 58 ? 6.035   -2.695  8.500   1.00 16.55 ? 191 TYR A CZ  1 
ATOM   317 O  OH  . TYR A 1 58 ? 5.970   -3.367  9.702   1.00 14.79 ? 191 TYR A OH  1 
ATOM   318 N  N   . THR A 1 59 ? 4.487   1.787   6.469   1.00 16.00 ? 192 THR A N   1 
ATOM   319 C  CA  . THR A 1 59 ? 4.502   2.808   7.536   1.00 16.73 ? 192 THR A CA  1 
ATOM   320 C  C   . THR A 1 59 ? 5.374   2.344   8.717   1.00 20.91 ? 192 THR A C   1 
ATOM   321 O  O   . THR A 1 59 ? 5.445   3.063   9.715   1.00 23.05 ? 192 THR A O   1 
ATOM   322 C  CB  . THR A 1 59 ? 3.095   3.048   8.107   1.00 20.14 ? 192 THR A CB  1 
ATOM   323 O  OG1 . THR A 1 59 ? 2.701   1.887   8.835   1.00 13.44 ? 192 THR A OG1 1 
ATOM   324 C  CG2 . THR A 1 59 ? 2.072   3.465   7.057   1.00 14.25 ? 192 THR A CG2 1 
ATOM   325 N  N   . GLY A 1 60 ? 5.928   1.118   8.644   1.00 15.34 ? 193 GLY A N   1 
ATOM   326 C  CA  . GLY A 1 60 ? 6.797   0.545   9.677   1.00 14.55 ? 193 GLY A CA  1 
ATOM   327 C  C   . GLY A 1 60 ? 6.068   -0.040  10.883  1.00 17.32 ? 193 GLY A C   1 
ATOM   328 O  O   . GLY A 1 60 ? 6.707   -0.415  11.862  1.00 13.61 ? 193 GLY A O   1 
ATOM   329 N  N   . ILE A 1 61 ? 4.714   -0.103  10.831  1.00 13.16 ? 194 ILE A N   1 
ATOM   330 C  CA  . ILE A 1 61 ? 3.873   -0.576  11.936  1.00 12.21 ? 194 ILE A CA  1 
ATOM   331 C  C   . ILE A 1 61 ? 3.081   -1.797  11.448  1.00 14.11 ? 194 ILE A C   1 
ATOM   332 O  O   . ILE A 1 61 ? 2.285   -1.652  10.530  1.00 12.36 ? 194 ILE A O   1 
ATOM   333 C  CB  . ILE A 1 61 ? 2.914   0.614   12.314  1.00 14.73 ? 194 ILE A CB  1 
ATOM   334 C  CG1 . ILE A 1 61 ? 3.696   1.838   12.830  1.00 15.89 ? 194 ILE A CG1 1 
ATOM   335 C  CG2 . ILE A 1 61 ? 1.808   0.211   13.286  1.00 13.02 ? 194 ILE A CG2 1 
ATOM   336 C  CD1 . ILE A 1 61 ? 2.875   3.175   12.982  1.00 17.74 ? 194 ILE A CD1 1 
ATOM   337 N  N   . GLY A 1 62 ? 3.244   -2.955  12.093  1.00 10.93 ? 195 GLY A N   1 
ATOM   338 C  CA  . GLY A 1 62 ? 2.468   -4.152  11.748  1.00 11.64 ? 195 GLY A CA  1 
ATOM   339 C  C   . GLY A 1 62 ? 2.509   -4.456  10.263  1.00 14.89 ? 195 GLY A C   1 
ATOM   340 O  O   . GLY A 1 62 ? 3.587   -4.519  9.706   1.00 15.74 ? 195 GLY A O   1 
ATOM   341 N  N   . ASP A 1 63 ? 1.363   -4.601  9.605   1.00 11.85 ? 196 ASP A N   1 
ATOM   342 C  CA  . ASP A 1 63 ? 1.308   -4.819  8.137   1.00 10.38 ? 196 ASP A CA  1 
ATOM   343 C  C   . ASP A 1 63 ? 0.626   -3.586  7.502   1.00 16.10 ? 196 ASP A C   1 
ATOM   344 O  O   . ASP A 1 63 ? -0.062  -3.672  6.481   1.00 16.12 ? 196 ASP A O   1 
ATOM   345 C  CB  . ASP A 1 63 ? 0.548   -6.106  7.782   1.00 9.35  ? 196 ASP A CB  1 
ATOM   346 C  CG  . ASP A 1 63 ? -0.938  -6.185  8.148   1.00 16.36 ? 196 ASP A CG  1 
ATOM   347 O  OD1 . ASP A 1 63 ? -1.472  -5.214  8.771   1.00 12.71 ? 196 ASP A OD1 1 
ATOM   348 O  OD2 . ASP A 1 63 ? -1.570  -7.195  7.799   1.00 18.67 ? 196 ASP A OD2 1 
ATOM   349 N  N   . GLN A 1 64 ? 0.769   -2.450  8.166   1.00 11.49 ? 197 GLN A N   1 
ATOM   350 C  CA  . GLN A 1 64 ? 0.054   -1.249  7.743   1.00 11.62 ? 197 GLN A CA  1 
ATOM   351 C  C   . GLN A 1 64 ? 0.799   -0.517  6.640   1.00 17.93 ? 197 GLN A C   1 
ATOM   352 O  O   . GLN A 1 64 ? 1.949   -0.110  6.823   1.00 17.66 ? 197 GLN A O   1 
ATOM   353 C  CB  . GLN A 1 64 ? -0.193  -0.366  8.980   1.00 12.10 ? 197 GLN A CB  1 
ATOM   354 C  CG  . GLN A 1 64 ? -1.014  -1.109  10.066  1.00 10.55 ? 197 GLN A CG  1 
ATOM   355 C  CD  . GLN A 1 64 ? -1.324  -0.240  11.274  1.00 22.51 ? 197 GLN A CD  1 
ATOM   356 O  OE1 . GLN A 1 64 ? -1.007  0.956   11.332  1.00 15.34 ? 197 GLN A OE1 1 
ATOM   357 N  NE2 . GLN A 1 64 ? -1.873  -0.843  12.298  1.00 20.06 ? 197 GLN A NE2 1 
ATOM   358 N  N   . VAL A 1 65 ? 0.122   -0.367  5.488   1.00 15.51 ? 198 VAL A N   1 
ATOM   359 C  CA  . VAL A 1 65 ? 0.626   0.314   4.303   1.00 14.96 ? 198 VAL A CA  1 
ATOM   360 C  C   . VAL A 1 65 ? -0.226  1.530   3.956   1.00 16.54 ? 198 VAL A C   1 
ATOM   361 O  O   . VAL A 1 65 ? -1.403  1.576   4.305   1.00 14.42 ? 198 VAL A O   1 
ATOM   362 C  CB  . VAL A 1 65 ? 0.762   -0.624  3.068   1.00 16.85 ? 198 VAL A CB  1 
ATOM   363 C  CG1 . VAL A 1 65 ? 1.703   -1.808  3.350   1.00 17.03 ? 198 VAL A CG1 1 
ATOM   364 C  CG2 . VAL A 1 65 ? -0.621  -1.101  2.590   1.00 14.73 ? 198 VAL A CG2 1 
ATOM   365 N  N   . GLN A 1 66 ? 0.333   2.430   3.128   1.00 13.29 ? 199 GLN A N   1 
ATOM   366 C  CA  . GLN A 1 66 ? -0.371  3.613   2.677   1.00 13.13 ? 199 GLN A CA  1 
ATOM   367 C  C   . GLN A 1 66 ? -0.026  3.925   1.247   1.00 15.27 ? 199 GLN A C   1 
ATOM   368 O  O   . GLN A 1 66 ? 1.076   3.646   0.796   1.00 14.76 ? 199 GLN A O   1 
ATOM   369 C  CB  . GLN A 1 66 ? -0.039  4.814   3.616   1.00 14.94 ? 199 GLN A CB  1 
ATOM   370 C  CG  . GLN A 1 66 ? -0.948  6.060   3.430   1.00 19.03 ? 199 GLN A CG  1 
ATOM   371 C  CD  . GLN A 1 66 ? -0.835  6.999   4.612   1.00 40.54 ? 199 GLN A CD  1 
ATOM   372 O  OE1 . GLN A 1 66 ? 0.056   6.833   5.474   1.00 27.17 ? 199 GLN A OE1 1 
ATOM   373 N  NE2 . GLN A 1 66 ? -1.753  7.991   4.689   1.00 20.92 ? 199 GLN A NE2 1 
ATOM   374 N  N   . CYS A 1 67 ? -0.985  4.508   0.521   1.00 14.05 ? 200 CYS A N   1 
ATOM   375 C  CA  . CYS A 1 67 ? -0.816  4.882   -0.870  1.00 11.54 ? 200 CYS A CA  1 
ATOM   376 C  C   . CYS A 1 67 ? -0.195  6.272   -0.950  1.00 13.08 ? 200 CYS A C   1 
ATOM   377 O  O   . CYS A 1 67 ? -0.695  7.219   -0.324  1.00 13.08 ? 200 CYS A O   1 
ATOM   378 C  CB  . CYS A 1 67 ? -2.173  4.852   -1.566  1.00 11.23 ? 200 CYS A CB  1 
ATOM   379 S  SG  . CYS A 1 67 ? -2.130  5.357   -3.301  1.00 14.18 ? 200 CYS A SG  1 
ATOM   380 N  N   . PHE A 1 68 ? 0.834   6.416   -1.774  1.00 9.70  ? 201 PHE A N   1 
ATOM   381 C  CA  . PHE A 1 68 ? 1.510   7.703   -2.043  1.00 8.79  ? 201 PHE A CA  1 
ATOM   382 C  C   . PHE A 1 68 ? 0.542   8.679   -2.754  1.00 16.05 ? 201 PHE A C   1 
ATOM   383 O  O   . PHE A 1 68 ? 0.687   9.901   -2.656  1.00 17.53 ? 201 PHE A O   1 
ATOM   384 C  CB  . PHE A 1 68 ? 2.774   7.457   -2.924  1.00 9.54  ? 201 PHE A CB  1 
ATOM   385 C  CG  . PHE A 1 68 ? 2.525   7.321   -4.427  1.00 10.17 ? 201 PHE A CG  1 
ATOM   386 C  CD1 . PHE A 1 68 ? 2.180   6.099   -4.982  1.00 13.57 ? 201 PHE A CD1 1 
ATOM   387 C  CD2 . PHE A 1 68 ? 2.583   8.434   -5.265  1.00 12.76 ? 201 PHE A CD2 1 
ATOM   388 C  CE1 . PHE A 1 68 ? 1.940   5.971   -6.365  1.00 14.83 ? 201 PHE A CE1 1 
ATOM   389 C  CE2 . PHE A 1 68 ? 2.407   8.300   -6.645  1.00 15.94 ? 201 PHE A CE2 1 
ATOM   390 C  CZ  . PHE A 1 68 ? 2.056   7.074   -7.184  1.00 14.32 ? 201 PHE A CZ  1 
ATOM   391 N  N   . ALA A 1 69 ? -0.430  8.124   -3.487  1.00 13.80 ? 202 ALA A N   1 
ATOM   392 C  CA  . ALA A 1 69 ? -1.357  8.904   -4.321  1.00 13.42 ? 202 ALA A CA  1 
ATOM   393 C  C   . ALA A 1 69 ? -2.586  9.375   -3.579  1.00 17.53 ? 202 ALA A C   1 
ATOM   394 O  O   . ALA A 1 69 ? -2.801  10.591  -3.472  1.00 16.06 ? 202 ALA A O   1 
ATOM   395 C  CB  . ALA A 1 69 ? -1.746  8.106   -5.558  1.00 13.21 ? 202 ALA A CB  1 
ATOM   396 N  N   . CYS A 1 70 ? -3.373  8.431   -3.025  1.00 13.63 ? 203 CYS A N   1 
ATOM   397 C  CA  . CYS A 1 70 ? -4.606  8.804   -2.337  1.00 13.82 ? 203 CYS A CA  1 
ATOM   398 C  C   . CYS A 1 70 ? -4.466  8.949   -0.846  1.00 17.82 ? 203 CYS A C   1 
ATOM   399 O  O   . CYS A 1 70 ? -5.410  9.396   -0.194  1.00 18.20 ? 203 CYS A O   1 
ATOM   400 C  CB  . CYS A 1 70 ? -5.742  7.850   -2.691  1.00 13.67 ? 203 CYS A CB  1 
ATOM   401 S  SG  . CYS A 1 70 ? -5.550  6.165   -2.049  1.00 17.40 ? 203 CYS A SG  1 
ATOM   402 N  N   . GLY A 1 71 ? -3.338  8.529   -0.285  1.00 13.34 ? 204 GLY A N   1 
ATOM   403 C  CA  . GLY A 1 71 ? -3.214  8.557   1.165   1.00 13.39 ? 204 GLY A CA  1 
ATOM   404 C  C   . GLY A 1 71 ? -4.012  7.471   1.871   1.00 16.49 ? 204 GLY A C   1 
ATOM   405 O  O   . GLY A 1 71 ? -4.063  7.462   3.095   1.00 14.89 ? 204 GLY A O   1 
ATOM   406 N  N   . GLY A 1 72 ? -4.663  6.582   1.115   1.00 14.93 ? 205 GLY A N   1 
ATOM   407 C  CA  . GLY A 1 72 ? -5.456  5.492   1.679   1.00 15.04 ? 205 GLY A CA  1 
ATOM   408 C  C   . GLY A 1 72 ? -4.596  4.516   2.466   1.00 17.76 ? 205 GLY A C   1 
ATOM   409 O  O   . GLY A 1 72 ? -3.515  4.140   2.006   1.00 18.36 ? 205 GLY A O   1 
ATOM   410 N  N   . LYS A 1 73 ? -5.050  4.134   3.671   1.00 12.44 ? 206 LYS A N   1 
ATOM   411 C  CA  . LYS A 1 73 ? -4.345  3.237   4.573   1.00 12.80 ? 206 LYS A CA  1 
ATOM   412 C  C   . LYS A 1 73 ? -4.949  1.830   4.566   1.00 15.89 ? 206 LYS A C   1 
ATOM   413 O  O   . LYS A 1 73 ? -6.168  1.690   4.701   1.00 15.24 ? 206 LYS A O   1 
ATOM   414 C  CB  . LYS A 1 73 ? -4.354  3.802   6.016   1.00 15.55 ? 206 LYS A CB  1 
ATOM   415 C  CG  . LYS A 1 73 ? -3.554  5.095   6.213   1.00 18.09 ? 206 LYS A CG  1 
ATOM   416 C  CD  . LYS A 1 73 ? -3.856  5.666   7.585   1.00 16.31 ? 206 LYS A CD  1 
ATOM   417 C  CE  . LYS A 1 73 ? -3.714  7.168   7.684   1.00 27.23 ? 206 LYS A CE  1 
ATOM   418 N  NZ  . LYS A 1 73 ? -3.990  7.658   9.080   1.00 23.32 ? 206 LYS A NZ  1 
ATOM   419 N  N   . LEU A 1 74 ? -4.106  0.788   4.450   1.00 10.85 ? 207 LEU A N   1 
ATOM   420 C  CA  . LEU A 1 74 ? -4.592  -0.612  4.453   1.00 10.29 ? 207 LEU A CA  1 
ATOM   421 C  C   . LEU A 1 74 ? -3.847  -1.499  5.409   1.00 15.35 ? 207 LEU A C   1 
ATOM   422 O  O   . LEU A 1 74 ? -2.634  -1.421  5.473   1.00 15.40 ? 207 LEU A O   1 
ATOM   423 C  CB  . LEU A 1 74 ? -4.571  -1.233  3.045   1.00 9.71  ? 207 LEU A CB  1 
ATOM   424 C  CG  . LEU A 1 74 ? -5.563  -0.649  2.047   1.00 14.33 ? 207 LEU A CG  1 
ATOM   425 C  CD1 . LEU A 1 74 ? -5.107  -0.922  0.610   1.00 16.32 ? 207 LEU A CD1 1 
ATOM   426 C  CD2 . LEU A 1 74 ? -6.995  -1.179  2.304   1.00 17.75 ? 207 LEU A CD2 1 
ATOM   427 N  N   . LYS A 1 75 ? -4.573  -2.348  6.163   1.00 14.95 ? 208 LYS A N   1 
ATOM   428 C  CA  . LYS A 1 75 ? -3.967  -3.268  7.140   1.00 13.32 ? 208 LYS A CA  1 
ATOM   429 C  C   . LYS A 1 75 ? -4.654  -4.625  7.133   1.00 16.57 ? 208 LYS A C   1 
ATOM   430 O  O   . LYS A 1 75 ? -5.575  -4.814  6.347   1.00 16.72 ? 208 LYS A O   1 
ATOM   431 C  CB  . LYS A 1 75 ? -4.023  -2.668  8.552   1.00 14.61 ? 208 LYS A CB  1 
ATOM   432 C  CG  . LYS A 1 75 ? -5.418  -2.469  9.133   1.00 16.80 ? 208 LYS A CG  1 
ATOM   433 C  CD  . LYS A 1 75 ? -5.286  -1.806  10.537  1.00 24.10 ? 208 LYS A CD  1 
ATOM   434 C  CE  . LYS A 1 75 ? -6.633  -1.399  11.118  1.00 25.38 ? 208 LYS A CE  1 
ATOM   435 N  NZ  . LYS A 1 75 ? -7.435  -2.568  11.553  1.00 43.91 ? 208 LYS A NZ  1 
ATOM   436 N  N   . ASN A 1 76 ? -4.239  -5.545  8.042   1.00 13.41 ? 209 ASN A N   1 
ATOM   437 C  CA  . ASN A 1 76 ? -4.847  -6.891  8.205   1.00 15.16 ? 209 ASN A CA  1 
ATOM   438 C  C   . ASN A 1 76 ? -4.916  -7.638  6.882   1.00 19.84 ? 209 ASN A C   1 
ATOM   439 O  O   . ASN A 1 76 ? -5.975  -8.129  6.479   1.00 18.21 ? 209 ASN A O   1 
ATOM   440 C  CB  . ASN A 1 76 ? -6.240  -6.776  8.870   1.00 11.22 ? 209 ASN A CB  1 
ATOM   441 C  CG  . ASN A 1 76 ? -6.185  -6.039  10.186  1.00 26.22 ? 209 ASN A CG  1 
ATOM   442 O  OD1 . ASN A 1 76 ? -7.070  -5.273  10.526  1.00 31.36 ? 209 ASN A OD1 1 
ATOM   443 N  ND2 . ASN A 1 76 ? -5.083  -6.149  10.876  1.00 23.10 ? 209 ASN A ND2 1 
ATOM   444 N  N   . TRP A 1 77 ? -3.778  -7.652  6.173   1.00 17.67 ? 210 TRP A N   1 
ATOM   445 C  CA  . TRP A 1 77 ? -3.658  -8.321  4.890   1.00 17.41 ? 210 TRP A CA  1 
ATOM   446 C  C   . TRP A 1 77 ? -3.842  -9.832  5.112   1.00 22.31 ? 210 TRP A C   1 
ATOM   447 O  O   . TRP A 1 77 ? -3.427  -10.368 6.133   1.00 21.67 ? 210 TRP A O   1 
ATOM   448 C  CB  . TRP A 1 77 ? -2.294  -8.016  4.258   1.00 15.06 ? 210 TRP A CB  1 
ATOM   449 C  CG  . TRP A 1 77 ? -2.167  -6.589  3.787   1.00 13.79 ? 210 TRP A CG  1 
ATOM   450 C  CD1 . TRP A 1 77 ? -1.736  -5.522  4.519   1.00 15.88 ? 210 TRP A CD1 1 
ATOM   451 C  CD2 . TRP A 1 77 ? -2.587  -6.064  2.517   1.00 13.48 ? 210 TRP A CD2 1 
ATOM   452 N  NE1 . TRP A 1 77 ? -1.820  -4.366  3.773   1.00 14.88 ? 210 TRP A NE1 1 
ATOM   453 C  CE2 . TRP A 1 77 ? -2.378  -4.663  2.551   1.00 15.59 ? 210 TRP A CE2 1 
ATOM   454 C  CE3 . TRP A 1 77 ? -3.195  -6.633  1.374   1.00 13.89 ? 210 TRP A CE3 1 
ATOM   455 C  CZ2 . TRP A 1 77 ? -2.663  -3.844  1.465   1.00 13.42 ? 210 TRP A CZ2 1 
ATOM   456 C  CZ3 . TRP A 1 77 ? -3.440  -5.829  0.290   1.00 14.04 ? 210 TRP A CZ3 1 
ATOM   457 C  CH2 . TRP A 1 77 ? -3.158  -4.449  0.330   1.00 14.15 ? 210 TRP A CH2 1 
ATOM   458 N  N   . GLU A 1 78 ? -4.483  -10.502 4.161   1.00 17.20 ? 211 GLU A N   1 
ATOM   459 C  CA  . GLU A 1 78 ? -4.760  -11.914 4.280   1.00 17.23 ? 211 GLU A CA  1 
ATOM   460 C  C   . GLU A 1 78 ? -4.244  -12.650 3.078   1.00 20.07 ? 211 GLU A C   1 
ATOM   461 O  O   . GLU A 1 78 ? -4.257  -12.075 1.981   1.00 18.88 ? 211 GLU A O   1 
ATOM   462 C  CB  . GLU A 1 78 ? -6.281  -12.133 4.396   1.00 19.72 ? 211 GLU A CB  1 
ATOM   463 C  CG  . GLU A 1 78 ? -6.774  -11.901 5.819   1.00 32.43 ? 211 GLU A CG  1 
ATOM   464 C  CD  . GLU A 1 78 ? -8.261  -12.027 6.095   1.00 51.12 ? 211 GLU A CD  1 
ATOM   465 O  OE1 . GLU A 1 78 ? -8.993  -12.551 5.227   1.00 30.07 ? 211 GLU A OE1 1 
ATOM   466 O  OE2 . GLU A 1 78 ? -8.690  -11.632 7.203   1.00 52.38 ? 211 GLU A OE2 1 
ATOM   467 N  N   . PRO A 1 79 ? -3.768  -13.910 3.237   1.00 17.38 ? 212 PRO A N   1 
ATOM   468 C  CA  . PRO A 1 79 ? -3.379  -14.683 2.052   1.00 17.10 ? 212 PRO A CA  1 
ATOM   469 C  C   . PRO A 1 79 ? -4.591  -14.677 1.112   1.00 21.22 ? 212 PRO A C   1 
ATOM   470 O  O   . PRO A 1 79 ? -5.747  -14.759 1.572   1.00 18.82 ? 212 PRO A O   1 
ATOM   471 C  CB  . PRO A 1 79 ? -3.171  -16.103 2.611   1.00 19.55 ? 212 PRO A CB  1 
ATOM   472 C  CG  . PRO A 1 79 ? -2.800  -15.885 4.048   1.00 22.98 ? 212 PRO A CG  1 
ATOM   473 C  CD  . PRO A 1 79 ? -3.625  -14.713 4.479   1.00 18.65 ? 212 PRO A CD  1 
ATOM   474 N  N   . GLY A 1 80 ? -4.331  -14.547 -0.176  1.00 18.68 ? 213 GLY A N   1 
ATOM   475 C  CA  . GLY A 1 80 ? -5.418  -14.475 -1.135  1.00 20.12 ? 213 GLY A CA  1 
ATOM   476 C  C   . GLY A 1 80 ? -5.750  -13.054 -1.551  1.00 21.38 ? 213 GLY A C   1 
ATOM   477 O  O   . GLY A 1 80 ? -6.288  -12.859 -2.643  1.00 20.65 ? 213 GLY A O   1 
ATOM   478 N  N   . ASP A 1 81 ? -5.450  -12.034 -0.695  1.00 17.25 ? 214 ASP A N   1 
ATOM   479 C  CA  . ASP A 1 81 ? -5.640  -10.635 -1.117  1.00 14.73 ? 214 ASP A CA  1 
ATOM   480 C  C   . ASP A 1 81 ? -4.700  -10.279 -2.271  1.00 18.28 ? 214 ASP A C   1 
ATOM   481 O  O   . ASP A 1 81 ? -3.545  -10.765 -2.360  1.00 14.83 ? 214 ASP A O   1 
ATOM   482 C  CB  . ASP A 1 81 ? -5.341  -9.634  0.023   1.00 16.60 ? 214 ASP A CB  1 
ATOM   483 C  CG  . ASP A 1 81 ? -6.344  -9.492  1.166   1.00 19.18 ? 214 ASP A CG  1 
ATOM   484 O  OD1 . ASP A 1 81 ? -7.493  -9.947  1.015   1.00 16.37 ? 214 ASP A OD1 1 
ATOM   485 O  OD2 . ASP A 1 81 ? -5.990  -8.869  2.188   1.00 17.08 ? 214 ASP A OD2 1 
ATOM   486 N  N   . ARG A 1 82 ? -5.177  -9.384  -3.140  1.00 15.28 ? 215 ARG A N   1 
ATOM   487 C  CA  . ARG A 1 82 ? -4.344  -8.814  -4.194  1.00 14.54 ? 215 ARG A CA  1 
ATOM   488 C  C   . ARG A 1 82 ? -4.182  -7.340  -3.836  1.00 14.37 ? 215 ARG A C   1 
ATOM   489 O  O   . ARG A 1 82 ? -5.189  -6.708  -3.531  1.00 13.20 ? 215 ARG A O   1 
ATOM   490 C  CB  . ARG A 1 82 ? -5.018  -9.004  -5.590  1.00 14.33 ? 215 ARG A CB  1 
ATOM   491 C  CG  . ARG A 1 82 ? -4.727  -10.408 -6.132  1.00 23.53 ? 215 ARG A CG  1 
ATOM   492 C  CD  . ARG A 1 82 ? -3.292  -10.458 -6.620  1.00 30.46 ? 215 ARG A CD  1 
ATOM   493 N  NE  . ARG A 1 82 ? -2.646  -11.742 -6.404  1.00 51.94 ? 215 ARG A NE  1 
ATOM   494 C  CZ  . ARG A 1 82 ? -1.870  -12.049 -5.368  1.00 68.52 ? 215 ARG A CZ  1 
ATOM   495 N  NH1 . ARG A 1 82 ? -1.645  -11.163 -4.410  1.00 42.19 ? 215 ARG A NH1 1 
ATOM   496 N  NH2 . ARG A 1 82 ? -1.304  -13.238 -5.293  1.00 70.23 ? 215 ARG A NH2 1 
ATOM   497 N  N   . ALA A 1 83 ? -2.943  -6.807  -3.803  1.00 11.33 ? 216 ALA A N   1 
ATOM   498 C  CA  . ALA A 1 83 ? -2.684  -5.400  -3.454  1.00 12.90 ? 216 ALA A CA  1 
ATOM   499 C  C   . ALA A 1 83 ? -3.501  -4.475  -4.342  1.00 17.22 ? 216 ALA A C   1 
ATOM   500 O  O   . ALA A 1 83 ? -4.206  -3.637  -3.826  1.00 14.04 ? 216 ALA A O   1 
ATOM   501 C  CB  . ALA A 1 83 ? -1.204  -5.064  -3.626  1.00 14.90 ? 216 ALA A CB  1 
ATOM   502 N  N   . TRP A 1 84 ? -3.505  -4.707  -5.674  1.00 18.25 ? 217 TRP A N   1 
ATOM   503 C  CA  . TRP A 1 84 ? -4.265  -3.862  -6.597  1.00 17.21 ? 217 TRP A CA  1 
ATOM   504 C  C   . TRP A 1 84 ? -5.765  -3.872  -6.302  1.00 19.26 ? 217 TRP A C   1 
ATOM   505 O  O   . TRP A 1 84 ? -6.386  -2.812  -6.267  1.00 14.63 ? 217 TRP A O   1 
ATOM   506 C  CB  . TRP A 1 84 ? -4.021  -4.295  -8.039  1.00 16.72 ? 217 TRP A CB  1 
ATOM   507 C  CG  . TRP A 1 84 ? -4.598  -3.326  -9.026  1.00 17.86 ? 217 TRP A CG  1 
ATOM   508 C  CD1 . TRP A 1 84 ? -5.887  -3.293  -9.500  1.00 20.69 ? 217 TRP A CD1 1 
ATOM   509 C  CD2 . TRP A 1 84 ? -3.912  -2.240  -9.645  1.00 17.15 ? 217 TRP A CD2 1 
ATOM   510 N  NE1 . TRP A 1 84 ? -6.030  -2.258  -10.395 1.00 19.51 ? 217 TRP A NE1 1 
ATOM   511 C  CE2 . TRP A 1 84 ? -4.825  -1.616  -10.529 1.00 20.81 ? 217 TRP A CE2 1 
ATOM   512 C  CE3 . TRP A 1 84 ? -2.587  -1.769  -9.592  1.00 18.29 ? 217 TRP A CE3 1 
ATOM   513 C  CZ2 . TRP A 1 84 ? -4.467  -0.520  -11.322 1.00 20.24 ? 217 TRP A CZ2 1 
ATOM   514 C  CZ3 . TRP A 1 84 ? -2.223  -0.723  -10.427 1.00 20.07 ? 217 TRP A CZ3 1 
ATOM   515 C  CH2 . TRP A 1 84 ? -3.165  -0.094  -11.259 1.00 20.51 ? 217 TRP A CH2 1 
ATOM   516 N  N   . SER A 1 85 ? -6.345  -5.088  -6.166  1.00 16.81 ? 218 SER A N   1 
ATOM   517 C  CA  . SER A 1 85 ? -7.760  -5.288  -5.954  1.00 17.83 ? 218 SER A CA  1 
ATOM   518 C  C   . SER A 1 85 ? -8.241  -4.679  -4.630  1.00 20.31 ? 218 SER A C   1 
ATOM   519 O  O   . SER A 1 85 ? -9.235  -3.943  -4.649  1.00 20.01 ? 218 SER A O   1 
ATOM   520 C  CB  . SER A 1 85 ? -8.120  -6.767  -6.102  1.00 24.05 ? 218 SER A CB  1 
ATOM   521 O  OG  . SER A 1 85 ? -9.377  -7.060  -5.515  1.00 45.52 ? 218 SER A OG  1 
ATOM   522 N  N   . GLU A 1 86 ? -7.524  -4.919  -3.507  1.00 15.52 ? 219 GLU A N   1 
ATOM   523 C  CA  . GLU A 1 86 ? -7.899  -4.320  -2.216  1.00 15.71 ? 219 GLU A CA  1 
ATOM   524 C  C   . GLU A 1 86 ? -7.828  -2.786  -2.267  1.00 18.08 ? 219 GLU A C   1 
ATOM   525 O  O   . GLU A 1 86 ? -8.689  -2.095  -1.711  1.00 18.56 ? 219 GLU A O   1 
ATOM   526 C  CB  . GLU A 1 86 ? -7.015  -4.837  -1.060  1.00 16.01 ? 219 GLU A CB  1 
ATOM   527 C  CG  . GLU A 1 86 ? -7.200  -6.319  -0.779  1.00 23.32 ? 219 GLU A CG  1 
ATOM   528 C  CD  . GLU A 1 86 ? -8.624  -6.668  -0.384  1.00 22.12 ? 219 GLU A CD  1 
ATOM   529 O  OE1 . GLU A 1 86 ? -9.053  -6.207  0.694   1.00 16.88 ? 219 GLU A OE1 1 
ATOM   530 O  OE2 . GLU A 1 86 ? -9.350  -7.275  -1.206  1.00 20.86 ? 219 GLU A OE2 1 
ATOM   531 N  N   . HIS A 1 87 ? -6.779  -2.272  -2.884  1.00 11.33 ? 220 HIS A N   1 
ATOM   532 C  CA  . HIS A 1 87 ? -6.532  -0.835  -2.986  1.00 11.11 ? 220 HIS A CA  1 
ATOM   533 C  C   . HIS A 1 87 ? -7.699  -0.152  -3.743  1.00 16.39 ? 220 HIS A C   1 
ATOM   534 O  O   . HIS A 1 87 ? -8.346  0.722   -3.184  1.00 15.28 ? 220 HIS A O   1 
ATOM   535 C  CB  . HIS A 1 87 ? -5.170  -0.613  -3.710  1.00 10.64 ? 220 HIS A CB  1 
ATOM   536 C  CG  . HIS A 1 87 ? -4.693  0.808   -3.756  1.00 13.37 ? 220 HIS A CG  1 
ATOM   537 N  ND1 . HIS A 1 87 ? -3.425  1.106   -4.212  1.00 15.43 ? 220 HIS A ND1 1 
ATOM   538 C  CD2 . HIS A 1 87 ? -5.316  1.960   -3.402  1.00 14.07 ? 220 HIS A CD2 1 
ATOM   539 C  CE1 . HIS A 1 87 ? -3.299  2.419   -4.098  1.00 15.11 ? 220 HIS A CE1 1 
ATOM   540 N  NE2 . HIS A 1 87 ? -4.424  2.978   -3.642  1.00 15.28 ? 220 HIS A NE2 1 
ATOM   541 N  N   . ARG A 1 88 ? -8.010  -0.635  -4.953  1.00 16.73 ? 221 ARG A N   1 
ATOM   542 C  CA  . ARG A 1 88 ? -9.090  -0.129  -5.819  1.00 17.67 ? 221 ARG A CA  1 
ATOM   543 C  C   . ARG A 1 88 ? -10.498 -0.277  -5.203  1.00 19.77 ? 221 ARG A C   1 
ATOM   544 O  O   . ARG A 1 88 ? -11.275 0.674   -5.234  1.00 19.20 ? 221 ARG A O   1 
ATOM   545 C  CB  . ARG A 1 88 ? -9.006  -0.800  -7.204  1.00 22.26 ? 221 ARG A CB  1 
ATOM   546 C  CG  . ARG A 1 88 ? -10.208 -0.581  -8.116  1.00 31.51 ? 221 ARG A CG  1 
ATOM   547 C  CD  . ARG A 1 88 ? -10.205 0.807   -8.738  1.00 33.93 ? 221 ARG A CD  1 
ATOM   548 N  NE  . ARG A 1 88 ? -11.391 0.983   -9.564  1.00 32.58 ? 221 ARG A NE  1 
ATOM   549 C  CZ  . ARG A 1 88 ? -12.089 2.105   -9.658  1.00 40.73 ? 221 ARG A CZ  1 
ATOM   550 N  NH1 . ARG A 1 88 ? -11.689 3.202   -9.017  1.00 19.06 ? 221 ARG A NH1 1 
ATOM   551 N  NH2 . ARG A 1 88 ? -13.185 2.149   -10.406 1.00 25.71 ? 221 ARG A NH2 1 
ATOM   552 N  N   . ARG A 1 89 ? -10.812 -1.434  -4.634  1.00 16.10 ? 222 ARG A N   1 
ATOM   553 C  CA  . ARG A 1 89 ? -12.133 -1.644  -4.049  1.00 18.21 ? 222 ARG A CA  1 
ATOM   554 C  C   . ARG A 1 89 ? -12.379 -0.733  -2.813  1.00 20.38 ? 222 ARG A C   1 
ATOM   555 O  O   . ARG A 1 89 ? -13.487 -0.227  -2.653  1.00 20.93 ? 222 ARG A O   1 
ATOM   556 C  CB  . ARG A 1 89 ? -12.410 -3.146  -3.787  1.00 22.22 ? 222 ARG A CB  1 
ATOM   557 C  CG  . ARG A 1 89 ? -11.926 -3.731  -2.459  1.00 34.78 ? 222 ARG A CG  1 
ATOM   558 C  CD  . ARG A 1 89 ? -12.555 -5.102  -2.202  1.00 45.52 ? 222 ARG A CD  1 
ATOM   559 N  NE  . ARG A 1 89 ? -11.899 -5.813  -1.094  1.00 51.25 ? 222 ARG A NE  1 
ATOM   560 C  CZ  . ARG A 1 89 ? -12.442 -6.023  0.105   1.00 56.85 ? 222 ARG A CZ  1 
ATOM   561 N  NH1 . ARG A 1 89 ? -13.673 -5.593  0.371   1.00 36.95 ? 222 ARG A NH1 1 
ATOM   562 N  NH2 . ARG A 1 89 ? -11.755 -6.656  1.051   1.00 34.76 ? 222 ARG A NH2 1 
ATOM   563 N  N   . HIS A 1 90 ? -11.345 -0.458  -1.999  1.00 15.01 ? 223 HIS A N   1 
ATOM   564 C  CA  . HIS A 1 90 ? -11.488 0.405   -0.819  1.00 16.32 ? 223 HIS A CA  1 
ATOM   565 C  C   . HIS A 1 90 ? -11.319 1.883   -1.111  1.00 17.59 ? 223 HIS A C   1 
ATOM   566 O  O   . HIS A 1 90 ? -11.914 2.718   -0.434  1.00 17.98 ? 223 HIS A O   1 
ATOM   567 C  CB  . HIS A 1 90 ? -10.542 -0.040  0.308   1.00 17.20 ? 223 HIS A CB  1 
ATOM   568 C  CG  . HIS A 1 90 ? -10.871 -1.422  0.815   1.00 21.26 ? 223 HIS A CG  1 
ATOM   569 N  ND1 . HIS A 1 90 ? -12.166 -1.762  1.220   1.00 23.52 ? 223 HIS A ND1 1 
ATOM   570 C  CD2 . HIS A 1 90 ? -10.072 -2.511  0.950   1.00 21.97 ? 223 HIS A CD2 1 
ATOM   571 C  CE1 . HIS A 1 90 ? -12.103 -3.025  1.620   1.00 22.75 ? 223 HIS A CE1 1 
ATOM   572 N  NE2 . HIS A 1 90 ? -10.860 -3.517  1.496   1.00 22.88 ? 223 HIS A NE2 1 
ATOM   573 N  N   . PHE A 1 91 ? -10.523 2.219   -2.138  1.00 13.87 ? 224 PHE A N   1 
ATOM   574 C  CA  . PHE A 1 91 ? -10.289 3.626   -2.469  1.00 13.60 ? 224 PHE A CA  1 
ATOM   575 C  C   . PHE A 1 91 ? -10.632 3.888   -3.933  1.00 17.57 ? 224 PHE A C   1 
ATOM   576 O  O   . PHE A 1 91 ? -9.730  4.066   -4.746  1.00 16.29 ? 224 PHE A O   1 
ATOM   577 C  CB  . PHE A 1 91 ? -8.851  4.077   -2.058  1.00 14.62 ? 224 PHE A CB  1 
ATOM   578 C  CG  . PHE A 1 91 ? -8.567  3.791   -0.597  1.00 16.27 ? 224 PHE A CG  1 
ATOM   579 C  CD1 . PHE A 1 91 ? -9.193  4.520   0.407   1.00 19.92 ? 224 PHE A CD1 1 
ATOM   580 C  CD2 . PHE A 1 91 ? -7.744  2.731   -0.224  1.00 17.58 ? 224 PHE A CD2 1 
ATOM   581 C  CE1 . PHE A 1 91 ? -8.964  4.226   1.762   1.00 20.01 ? 224 PHE A CE1 1 
ATOM   582 C  CE2 . PHE A 1 91 ? -7.515  2.441   1.122   1.00 19.60 ? 224 PHE A CE2 1 
ATOM   583 C  CZ  . PHE A 1 91 ? -8.152  3.168   2.106   1.00 18.65 ? 224 PHE A CZ  1 
ATOM   584 N  N   . PRO A 1 92 ? -11.944 3.924   -4.291  1.00 16.44 ? 225 PRO A N   1 
ATOM   585 C  CA  . PRO A 1 92 ? -12.326 4.162   -5.704  1.00 16.14 ? 225 PRO A CA  1 
ATOM   586 C  C   . PRO A 1 92 ? -12.005 5.568   -6.208  1.00 20.24 ? 225 PRO A C   1 
ATOM   587 O  O   . PRO A 1 92 ? -12.137 5.810   -7.399  1.00 20.52 ? 225 PRO A O   1 
ATOM   588 C  CB  . PRO A 1 92 ? -13.844 3.927   -5.692  1.00 17.58 ? 225 PRO A CB  1 
ATOM   589 C  CG  . PRO A 1 92 ? -14.266 4.259   -4.326  1.00 21.51 ? 225 PRO A CG  1 
ATOM   590 C  CD  . PRO A 1 92 ? -13.153 3.725   -3.454  1.00 17.76 ? 225 PRO A CD  1 
ATOM   591 N  N   . ASN A 1 93 ? -11.643 6.501   -5.306  1.00 17.46 ? 226 ASN A N   1 
ATOM   592 C  CA  . ASN A 1 93 ? -11.256 7.881   -5.695  1.00 17.67 ? 226 ASN A CA  1 
ATOM   593 C  C   . ASN A 1 93 ? -9.791  7.923   -6.114  1.00 19.45 ? 226 ASN A C   1 
ATOM   594 O  O   . ASN A 1 93 ? -9.377  8.898   -6.728  1.00 19.55 ? 226 ASN A O   1 
ATOM   595 C  CB  . ASN A 1 93 ? -11.454 8.877   -4.521  1.00 14.48 ? 226 ASN A CB  1 
ATOM   596 C  CG  . ASN A 1 93 ? -10.740 8.442   -3.265  1.00 24.74 ? 226 ASN A CG  1 
ATOM   597 O  OD1 . ASN A 1 93 ? -11.021 7.384   -2.709  1.00 18.98 ? 226 ASN A OD1 1 
ATOM   598 N  ND2 . ASN A 1 93 ? -9.697  9.157   -2.874  1.00 15.17 ? 226 ASN A ND2 1 
ATOM   599 N  N   . CYS A 1 94 ? -8.997  6.887   -5.768  1.00 15.21 ? 227 CYS A N   1 
ATOM   600 C  CA  . CYS A 1 94 ? -7.566  6.901   -6.067  1.00 13.12 ? 227 CYS A CA  1 
ATOM   601 C  C   . CYS A 1 94 ? -7.247  6.924   -7.563  1.00 15.44 ? 227 CYS A C   1 
ATOM   602 O  O   . CYS A 1 94 ? -7.596  5.968   -8.259  1.00 14.32 ? 227 CYS A O   1 
ATOM   603 C  CB  . CYS A 1 94 ? -6.834  5.755   -5.375  1.00 12.69 ? 227 CYS A CB  1 
ATOM   604 S  SG  . CYS A 1 94 ? -5.056  5.706   -5.773  1.00 14.58 ? 227 CYS A SG  1 
ATOM   605 N  N   . PHE A 1 95 ? -6.505  7.971   -8.032  1.00 15.10 ? 228 PHE A N   1 
ATOM   606 C  CA  . PHE A 1 95 ? -6.124  8.114   -9.451  1.00 14.77 ? 228 PHE A CA  1 
ATOM   607 C  C   . PHE A 1 95 ? -5.139  7.036   -9.914  1.00 17.66 ? 228 PHE A C   1 
ATOM   608 O  O   . PHE A 1 95 ? -5.125  6.699   -11.103 1.00 14.48 ? 228 PHE A O   1 
ATOM   609 C  CB  . PHE A 1 95 ? -5.603  9.528   -9.791  1.00 15.69 ? 228 PHE A CB  1 
ATOM   610 C  CG  . PHE A 1 95 ? -4.391  10.017  -9.019  1.00 16.16 ? 228 PHE A CG  1 
ATOM   611 C  CD1 . PHE A 1 95 ? -3.112  9.533   -9.311  1.00 14.97 ? 228 PHE A CD1 1 
ATOM   612 C  CD2 . PHE A 1 95 ? -4.523  10.995  -8.024  1.00 16.46 ? 228 PHE A CD2 1 
ATOM   613 C  CE1 . PHE A 1 95 ? -1.991  9.999   -8.615  1.00 15.41 ? 228 PHE A CE1 1 
ATOM   614 C  CE2 . PHE A 1 95 ? -3.404  11.456  -7.324  1.00 18.60 ? 228 PHE A CE2 1 
ATOM   615 C  CZ  . PHE A 1 95 ? -2.134  10.983  -7.645  1.00 15.97 ? 228 PHE A CZ  1 
ATOM   616 N  N   . PHE A 1 96 ? -4.339  6.476   -8.965  1.00 15.03 ? 229 PHE A N   1 
ATOM   617 C  CA  . PHE A 1 96 ? -3.301  5.478   -9.307  1.00 15.36 ? 229 PHE A CA  1 
ATOM   618 C  C   . PHE A 1 96 ? -3.856  4.124   -9.754  1.00 18.85 ? 229 PHE A C   1 
ATOM   619 O  O   . PHE A 1 96 ? -3.444  3.594   -10.788 1.00 17.55 ? 229 PHE A O   1 
ATOM   620 C  CB  . PHE A 1 96 ? -2.288  5.301   -8.150  1.00 16.91 ? 229 PHE A CB  1 
ATOM   621 C  CG  . PHE A 1 96 ? -1.015  4.599   -8.580  1.00 18.08 ? 229 PHE A CG  1 
ATOM   622 C  CD1 . PHE A 1 96 ? -0.086  5.245   -9.406  1.00 20.21 ? 229 PHE A CD1 1 
ATOM   623 C  CD2 . PHE A 1 96 ? -0.714  3.325   -8.113  1.00 18.22 ? 229 PHE A CD2 1 
ATOM   624 C  CE1 . PHE A 1 96 ? 1.099   4.614   -9.772  1.00 22.27 ? 229 PHE A CE1 1 
ATOM   625 C  CE2 . PHE A 1 96 ? 0.441   2.664   -8.541  1.00 21.52 ? 229 PHE A CE2 1 
ATOM   626 C  CZ  . PHE A 1 96 ? 1.338   3.309   -9.369  1.00 21.23 ? 229 PHE A CZ  1 
ATOM   627 N  N   . VAL A 1 97 ? -4.831  3.599   -9.027  1.00 16.62 ? 230 VAL A N   1 
ATOM   628 C  CA  . VAL A 1 97 ? -5.394  2.291   -9.357  1.00 15.69 ? 230 VAL A CA  1 
ATOM   629 C  C   . VAL A 1 97 ? -6.713  2.369   -10.180 1.00 19.56 ? 230 VAL A C   1 
ATOM   630 O  O   . VAL A 1 97 ? -7.302  1.335   -10.498 1.00 18.96 ? 230 VAL A O   1 
ATOM   631 C  CB  . VAL A 1 97 ? -5.548  1.412   -8.076  1.00 17.02 ? 230 VAL A CB  1 
ATOM   632 C  CG1 . VAL A 1 97 ? -4.188  1.048   -7.521  1.00 15.64 ? 230 VAL A CG1 1 
ATOM   633 C  CG2 . VAL A 1 97 ? -6.406  2.106   -6.998  1.00 16.00 ? 230 VAL A CG2 1 
ATOM   634 N  N   . LEU A 1 98 ? -7.148  3.581   -10.524 1.00 15.57 ? 231 LEU A N   1 
ATOM   635 C  CA  . LEU A 1 98 ? -8.401  3.860   -11.215 1.00 21.37 ? 231 LEU A CA  1 
ATOM   636 C  C   . LEU A 1 98 ? -8.500  3.166   -12.578 1.00 19.48 ? 231 LEU A C   1 
ATOM   637 O  O   . LEU A 1 98 ? -9.571  2.607   -12.891 1.00 19.71 ? 231 LEU A O   1 
ATOM   638 C  CB  . LEU A 1 98 ? -8.536  5.399   -11.353 1.00 22.35 ? 231 LEU A CB  1 
ATOM   639 C  CG  . LEU A 1 98 ? -9.817  5.946   -11.941 1.00 28.88 ? 231 LEU A CG  1 
ATOM   640 C  CD1 . LEU A 1 98 ? -10.946 5.919   -10.923 1.00 29.41 ? 231 LEU A CD1 1 
ATOM   641 C  CD2 . LEU A 1 98 ? -9.602  7.364   -12.364 1.00 33.20 ? 231 LEU A CD2 1 
ATOM   642 O  OXT . LEU A 1 98 ? -7.491  3.142   -13.300 1.00 24.83 ? 231 LEU A OXT 1 
HETATM 643 N  N   . MAA B 2 1  ? -7.914  -7.377  3.237   1.00 23.13 ? 1   MAA B N   1 
HETATM 644 C  CM  . MAA B 2 1  ? -8.762  -8.251  4.054   1.00 21.05 ? 1   MAA B CM  1 
HETATM 645 C  CA  . MAA B 2 1  ? -7.316  -6.205  3.892   1.00 18.87 ? 1   MAA B CA  1 
HETATM 646 C  CB  . MAA B 2 1  ? -6.310  -5.547  2.954   1.00 25.70 ? 1   MAA B CB  1 
HETATM 647 C  C   . MAA B 2 1  ? -8.398  -5.205  4.269   1.00 20.79 ? 1   MAA B C   1 
HETATM 648 O  O   . MAA B 2 1  ? -9.469  -5.186  3.667   1.00 20.87 ? 1   MAA B O   1 
HETATM 649 H  H   . MAA B 2 1  ? -8.392  -7.104  2.384   1.00 23.63 ? 1   MAA B H   1 
HETATM 650 H  HM1 . MAA B 2 1  ? -9.626  -8.548  3.463   1.00 21.48 ? 1   MAA B HM1 1 
HETATM 651 H  HM2 . MAA B 2 1  ? -9.147  -7.837  4.984   1.00 20.81 ? 1   MAA B HM2 1 
HETATM 652 H  HM3 . MAA B 2 1  ? -8.226  -9.162  4.317   1.00 19.65 ? 1   MAA B HM3 1 
HETATM 653 H  HA  . MAA B 2 1  ? -6.808  -6.566  4.782   1.00 17.40 ? 1   MAA B HA  1 
HETATM 654 H  HB1 . MAA B 2 1  ? -5.331  -5.449  3.422   1.00 24.99 ? 1   MAA B HB1 1 
HETATM 655 H  HB2 . MAA B 2 1  ? -6.152  -6.113  2.037   1.00 26.70 ? 1   MAA B HB2 1 
HETATM 656 H  HB3 . MAA B 2 1  ? -6.611  -4.545  2.650   1.00 25.97 ? 1   MAA B HB3 1 
HETATM 657 C  CD  . LPH B 2 2  ? -10.372 -6.382  7.386   1.00 26.34 ? 2   LPH B CD  1 
HETATM 658 C  CG  . LPH B 2 2  ? -9.912  -5.296  7.393   1.00 25.97 ? 2   LPH B CG  1 
HETATM 659 C  CB  . LPH B 2 2  ? -9.385  -3.929  7.368   1.00 20.33 ? 2   LPH B CB  1 
HETATM 660 C  CA  . LPH B 2 2  ? -9.134  -3.550  5.895   1.00 19.08 ? 2   LPH B CA  1 
HETATM 661 N  N   . LPH B 2 2  ? -8.121  -4.394  5.293   1.00 17.87 ? 2   LPH B N   1 
HETATM 662 C  C   . LPH B 2 2  ? -8.587  -2.128  5.800   1.00 19.78 ? 2   LPH B C   1 
HETATM 663 O  O   . LPH B 2 2  ? -7.464  -1.894  6.191   1.00 18.64 ? 2   LPH B O   1 
HETATM 664 H  H1  . LPH B 2 2  ? -10.807 -7.379  7.377   1.00 26.36 ? 2   LPH B H1  1 
HETATM 665 H  H4  . LPH B 2 2  ? -10.097 -3.234  7.811   1.00 19.63 ? 2   LPH B H4  1 
HETATM 666 H  H3  . LPH B 2 2  ? -8.484  -3.860  7.977   1.00 20.33 ? 2   LPH B H3  1 
HETATM 667 H  HA  . LPH B 2 2  ? -10.083 -3.691  5.382   1.00 18.26 ? 2   LPH B HA  1 
HETATM 668 H  H   . LPH B 2 2  ? -7.183  -4.332  5.675   1.00 17.90 ? 2   LPH B H   1 
ATOM   669 N  N   . PRO B 2 3  ? -9.367  -1.174  5.269   1.00 22.76 ? 3   PRO B N   1 
ATOM   670 C  CA  . PRO B 2 3  ? -8.957  0.228   5.322   1.00 19.12 ? 3   PRO B CA  1 
ATOM   671 C  C   . PRO B 2 3  ? -9.063  0.768   6.741   1.00 23.37 ? 3   PRO B C   1 
ATOM   672 O  O   . PRO B 2 3  ? -9.837  0.268   7.554   1.00 28.40 ? 3   PRO B O   1 
ATOM   673 C  CB  . PRO B 2 3  ? -9.933  0.913   4.364   1.00 16.61 ? 3   PRO B CB  1 
ATOM   674 C  CG  . PRO B 2 3  ? -11.196 0.075   4.482   1.00 20.16 ? 3   PRO B CG  1 
ATOM   675 C  CD  . PRO B 2 3  ? -10.713 -1.341  4.687   1.00 23.10 ? 3   PRO B CD  1 
ATOM   676 H  HA  . PRO B 2 3  ? -7.947  0.292   4.926   1.00 19.83 ? 3   PRO B HA  1 
ATOM   677 H  HB2 . PRO B 2 3  ? -10.089 1.959   4.624   1.00 17.27 ? 3   PRO B HB2 1 
ATOM   678 H  HB3 . PRO B 2 3  ? -9.543  0.935   3.349   1.00 16.71 ? 3   PRO B HB3 1 
ATOM   679 H  HG2 . PRO B 2 3  ? -11.832 0.406   5.301   1.00 20.35 ? 3   PRO B HG2 1 
ATOM   680 H  HG3 . PRO B 2 3  ? -11.824 0.125   3.596   1.00 20.14 ? 3   PRO B HG3 1 
ATOM   681 H  HD2 . PRO B 2 3  ? -11.388 -1.900  5.334   1.00 22.65 ? 3   PRO B HD2 1 
ATOM   682 H  HD3 . PRO B 2 3  ? -10.650 -1.892  3.750   1.00 22.48 ? 3   PRO B HD3 1 
ATOM   683 N  N   . PHE B 2 4  ? -8.290  1.817   7.024   1.00 21.59 ? 4   PHE B N   1 
ATOM   684 C  CA  . PHE B 2 4  ? -8.376  2.478   8.317   1.00 19.35 ? 4   PHE B CA  1 
ATOM   685 C  C   . PHE B 2 4  ? -7.835  3.900   8.232   1.00 20.32 ? 4   PHE B C   1 
ATOM   686 O  O   . PHE B 2 4  ? -7.234  4.287   7.237   1.00 15.86 ? 4   PHE B O   1 
ATOM   687 C  CB  . PHE B 2 4  ? -7.649  1.675   9.412   1.00 15.26 ? 4   PHE B CB  1 
ATOM   688 C  CG  . PHE B 2 4  ? -6.149  1.686   9.255   1.00 18.44 ? 4   PHE B CG  1 
ATOM   689 C  CD1 . PHE B 2 4  ? -5.365  2.523   10.041  1.00 20.03 ? 4   PHE B CD1 1 
ATOM   690 C  CD2 . PHE B 2 4  ? -5.525  0.919   8.283   1.00 14.23 ? 4   PHE B CD2 1 
ATOM   691 C  CE1 . PHE B 2 4  ? -3.994  2.586   9.860   1.00 19.12 ? 4   PHE B CE1 1 
ATOM   692 C  CE2 . PHE B 2 4  ? -4.149  0.976   8.108   1.00 14.65 ? 4   PHE B CE2 1 
ATOM   693 C  CZ  . PHE B 2 4  ? -3.380  1.795   8.909   1.00 15.16 ? 4   PHE B CZ  1 
ATOM   694 H  H   . PHE B 2 4  ? -7.616  2.189   6.361   1.00 20.87 ? 4   PHE B H   1 
ATOM   695 H  HA  . PHE B 2 4  ? -9.420  2.513   8.623   1.00 20.09 ? 4   PHE B HA  1 
ATOM   696 H  HB2 . PHE B 2 4  ? -7.909  2.039   10.404  1.00 14.17 ? 4   PHE B HB2 1 
ATOM   697 H  HB3 . PHE B 2 4  ? -8.022  0.653   9.417   1.00 16.54 ? 4   PHE B HB3 1 
ATOM   698 H  HD1 . PHE B 2 4  ? -5.828  3.130   10.816  1.00 19.63 ? 4   PHE B HD1 1 
ATOM   699 H  HD2 . PHE B 2 4  ? -6.111  0.259   7.645   1.00 13.29 ? 4   PHE B HD2 1 
ATOM   700 H  HE1 . PHE B 2 4  ? -3.409  3.272   10.470  1.00 19.33 ? 4   PHE B HE1 1 
ATOM   701 H  HE2 . PHE B 2 4  ? -3.674  0.381   7.330   1.00 13.86 ? 4   PHE B HE2 1 
ATOM   702 H  HZ  . PHE B 2 4  ? -2.295  1.810   8.819   1.00 13.12 ? 4   PHE B HZ  1 
HETATM 703 C  C   . 4LZ B 2 5  ? -7.258  6.450   10.654  1.00 32.61 ? 5   4LZ B C   1 
HETATM 704 N  N   . 4LZ B 2 5  ? -8.082  4.671   9.290   1.00 24.89 ? 5   4LZ B N   1 
HETATM 705 O  O   . 4LZ B 2 5  ? -6.186  7.002   10.771  1.00 33.24 ? 5   4LZ B O   1 
HETATM 706 N  N6  . 4LZ B 2 5  ? -12.492 2.280   2.399   1.00 55.51 ? 5   4LZ B N6  1 
HETATM 707 N  N7  . 4LZ B 2 5  ? -13.342 1.411   2.196   1.00 58.15 ? 5   4LZ B N7  1 
HETATM 708 N  N8  . 4LZ B 2 5  ? -14.123 0.606   2.011   1.00 58.50 ? 5   4LZ B N8  1 
HETATM 709 C  CA  . 4LZ B 2 5  ? -7.867  6.104   9.303   1.00 26.54 ? 5   4LZ B CA  1 
HETATM 710 C  CB  . 4LZ B 2 5  ? -9.195  6.843   9.044   1.00 27.26 ? 5   4LZ B CB  1 
HETATM 711 C  CG  . 4LZ B 2 5  ? -9.912  6.347   7.808   1.00 33.86 ? 5   4LZ B CG  1 
HETATM 712 O  OH  . 4LZ B 2 5  ? -11.566 4.841   4.289   1.00 44.84 ? 5   4LZ B OH  1 
HETATM 713 C  CZ  . 4LZ B 2 5  ? -11.061 5.263   5.498   1.00 41.32 ? 5   4LZ B CZ  1 
HETATM 714 C  C31 . 4LZ B 2 5  ? -12.588 3.825   4.289   1.00 51.03 ? 5   4LZ B C31 1 
HETATM 715 C  C32 . 4LZ B 2 5  ? -13.001 3.594   2.861   1.00 54.06 ? 5   4LZ B C32 1 
HETATM 716 C  CD1 . 4LZ B 2 5  ? -9.592  6.843   6.551   1.00 37.07 ? 5   4LZ B CD1 1 
HETATM 717 C  CD2 . 4LZ B 2 5  ? -10.841 5.316   7.890   1.00 37.57 ? 5   4LZ B CD2 1 
HETATM 718 C  CE1 . 4LZ B 2 5  ? -10.162 6.315   5.402   1.00 38.92 ? 5   4LZ B CE1 1 
HETATM 719 C  CE2 . 4LZ B 2 5  ? -11.412 4.770   6.751   1.00 38.31 ? 5   4LZ B CE2 1 
HETATM 720 O  OXT . 4LZ B 2 5  ? -7.945  5.954   11.648  1.00 36.21 ? 5   4LZ B OXT 1 
HETATM 721 H  H   . 4LZ B 2 5  ? -8.457  4.283   10.150  1.00 25.12 ? 5   4LZ B H   1 
HETATM 722 H  HXT . 4LZ B 2 5  ? -7.550  6.171   12.533  1.00 36.85 ? 5   4LZ B HXT 1 
HETATM 723 H  HA  . 4LZ B 2 5  ? -7.136  6.417   8.561   1.00 26.20 ? 5   4LZ B HA  1 
HETATM 724 H  HB  . 4LZ B 2 5  ? -9.856  6.746   9.903   1.00 27.59 ? 5   4LZ B HB  1 
HETATM 725 H  HBA . 4LZ B 2 5  ? -8.989  7.909   8.969   1.00 26.80 ? 5   4LZ B HBA 1 
HETATM 726 H  H31 . 4LZ B 2 5  ? -12.234 2.914   4.770   1.00 51.02 ? 5   4LZ B H31 1 
HETATM 727 H  H32 . 4LZ B 2 5  ? -13.449 4.152   4.869   1.00 51.96 ? 5   4LZ B H32 1 
HETATM 728 H  H33 . 4LZ B 2 5  ? -12.588 4.365   2.212   1.00 53.95 ? 5   4LZ B H33 1 
HETATM 729 H  H34 . 4LZ B 2 5  ? -14.080 3.722   2.777   1.00 54.30 ? 5   4LZ B H34 1 
HETATM 730 H  HD1 . 4LZ B 2 5  ? -8.879  7.660   6.446   1.00 36.45 ? 5   4LZ B HD1 1 
HETATM 731 H  HD2 . 4LZ B 2 5  ? -11.141 4.921   8.860   1.00 37.56 ? 5   4LZ B HD2 1 
HETATM 732 H  HE1 . 4LZ B 2 5  ? -9.898  6.720   4.428   1.00 38.11 ? 5   4LZ B HE1 1 
HETATM 733 H  HE2 . 4LZ B 2 5  ? -12.134 3.971   6.910   1.00 37.48 ? 5   4LZ B HE2 1 
HETATM 734 ZN ZN  . ZN  C 3 .  ? -4.366  5.048   -3.696  1.00 16.36 2 501 ZN  A ZN  1 
HETATM 735 S  S   . SO4 D 4 .  ? -6.932  11.574  -4.541  1.00 78.19 ? 502 SO4 A S   1 
HETATM 736 O  O1  . SO4 D 4 .  ? -8.275  11.278  -4.024  1.00 75.30 ? 502 SO4 A O1  1 
HETATM 737 O  O2  . SO4 D 4 .  ? -6.227  10.331  -4.813  1.00 78.16 ? 502 SO4 A O2  1 
HETATM 738 O  O3  . SO4 D 4 .  ? -6.232  12.433  -3.567  1.00 76.01 ? 502 SO4 A O3  1 
HETATM 739 O  O4  . SO4 D 4 .  ? -7.005  12.249  -5.826  1.00 80.68 ? 502 SO4 A O4  1 
HETATM 740 S  S   . SO4 E 4 .  ? -4.458  -3.320  14.069  1.00 30.56 ? 503 SO4 A S   1 
HETATM 741 O  O1  . SO4 E 4 .  ? -4.334  -3.768  15.460  1.00 32.85 ? 503 SO4 A O1  1 
HETATM 742 O  O2  . SO4 E 4 .  ? -5.638  -3.985  13.503  1.00 33.88 ? 503 SO4 A O2  1 
HETATM 743 O  O3  . SO4 E 4 .  ? -4.537  -1.876  13.999  1.00 25.37 ? 503 SO4 A O3  1 
HETATM 744 O  O4  . SO4 E 4 .  ? -3.274  -3.738  13.295  1.00 32.62 ? 503 SO4 A O4  1 
HETATM 745 C  C1  . GOL F 5 .  ? -3.250  5.788   12.646  1.00 30.26 ? 504 GOL A C1  1 
HETATM 746 O  O1  . GOL F 5 .  ? -3.874  7.042   12.365  1.00 25.44 ? 504 GOL A O1  1 
HETATM 747 C  C2  . GOL F 5 .  ? -2.089  5.523   11.714  1.00 33.52 ? 504 GOL A C2  1 
HETATM 748 O  O2  . GOL F 5 .  ? -2.550  5.702   10.384  1.00 34.08 ? 504 GOL A O2  1 
HETATM 749 C  C3  . GOL F 5 .  ? -0.820  6.328   11.921  1.00 31.96 ? 504 GOL A C3  1 
HETATM 750 O  O3  . GOL F 5 .  ? -1.049  7.734   11.815  1.00 29.38 ? 504 GOL A O3  1 
HETATM 751 H  H11 . GOL F 5 .  ? -2.931  5.738   13.685  1.00 30.94 ? 504 GOL A H11 1 
HETATM 752 H  H12 . GOL F 5 .  ? -3.985  4.992   12.535  1.00 28.71 ? 504 GOL A H12 1 
HETATM 753 H  HO1 . GOL F 5 .  ? -4.851  6.867   12.341  1.00 24.39 ? 504 GOL A HO1 1 
HETATM 754 H  H2  . GOL F 5 .  ? -1.850  4.461   11.709  1.00 34.04 ? 504 GOL A H2  1 
HETATM 755 H  HO2 . GOL F 5 .  ? -1.810  5.461   9.768   1.00 34.74 ? 504 GOL A HO2 1 
HETATM 756 H  H31 . GOL F 5 .  ? -0.353  6.087   12.875  1.00 31.99 ? 504 GOL A H31 1 
HETATM 757 H  H32 . GOL F 5 .  ? -0.085  6.035   11.173  1.00 30.50 ? 504 GOL A H32 1 
HETATM 758 H  HO3 . GOL F 5 .  ? -1.427  8.022   12.686  1.00 29.29 ? 504 GOL A HO3 1 
HETATM 759 S  S   . SO4 G 4 .  ? -8.472  8.806   1.018   1.00 65.94 ? 505 SO4 A S   1 
HETATM 760 O  O1  . SO4 G 4 .  ? -8.224  7.386   1.024   1.00 66.49 ? 505 SO4 A O1  1 
HETATM 761 O  O2  . SO4 G 4 .  ? -9.853  9.026   1.469   1.00 66.52 ? 505 SO4 A O2  1 
HETATM 762 O  O3  . SO4 G 4 .  ? -7.549  9.464   1.960   1.00 66.91 ? 505 SO4 A O3  1 
HETATM 763 O  O4  . SO4 G 4 .  ? -8.276  9.314   -0.347  1.00 58.20 ? 505 SO4 A O4  1 
HETATM 764 O  O   . HOH H 6 .  ? 2.589   7.803   5.529   1.00 24.27 ? 601 HOH A O   1 
HETATM 765 O  O   . HOH H 6 .  ? -4.993  3.811   -12.999 1.00 25.04 ? 602 HOH A O   1 
HETATM 766 O  O   . HOH H 6 .  ? 3.733   -7.288  14.160  1.00 24.81 ? 603 HOH A O   1 
HETATM 767 O  O   . HOH H 6 .  ? 2.928   -10.695 -3.115  1.00 14.04 ? 604 HOH A O   1 
HETATM 768 O  O   . HOH H 6 .  ? -0.036  7.152   8.118   1.00 25.98 ? 605 HOH A O   1 
HETATM 769 O  O   . HOH H 6 .  ? -1.894  -4.006  16.520  1.00 32.10 ? 606 HOH A O   1 
HETATM 770 O  O   . HOH H 6 .  ? -1.432  -4.142  11.389  1.00 21.37 ? 607 HOH A O   1 
HETATM 771 O  O   . HOH H 6 .  ? 10.372  -0.516  8.934   1.00 19.92 ? 608 HOH A O   1 
HETATM 772 O  O   . HOH H 6 .  ? -7.673  -5.750  13.903  1.00 39.22 ? 609 HOH A O   1 
HETATM 773 O  O   . HOH H 6 .  ? 9.287   1.358   7.292   1.00 22.94 ? 610 HOH A O   1 
HETATM 774 O  O   . HOH H 6 .  ? -1.801  -6.699  -6.928  1.00 17.85 ? 611 HOH A O   1 
HETATM 775 O  O   . HOH H 6 .  ? 0.501   2.936   10.214  1.00 18.66 ? 612 HOH A O   1 
HETATM 776 O  O   . HOH H 6 .  ? -8.607  -0.769  -11.666 1.00 33.30 ? 613 HOH A O   1 
HETATM 777 O  O   . HOH H 6 .  ? 5.984   14.188  0.909   1.00 40.16 ? 614 HOH A O   1 
HETATM 778 O  O   . HOH H 6 .  ? -9.338  3.920   -7.696  1.00 18.80 ? 615 HOH A O   1 
HETATM 779 O  O   . HOH H 6 .  ? -1.001  3.029   -11.943 1.00 23.41 ? 616 HOH A O   1 
HETATM 780 O  O   . HOH H 6 .  ? -8.131  -8.834  -3.134  1.00 20.09 ? 617 HOH A O   1 
HETATM 781 O  O   . HOH H 6 .  ? 5.054   -3.389  14.174  1.00 33.70 ? 618 HOH A O   1 
HETATM 782 O  O   . HOH H 6 .  ? 9.267   10.039  -13.546 1.00 26.69 ? 619 HOH A O   1 
HETATM 783 O  O   . HOH H 6 .  ? 4.008   1.113   -9.501  1.00 35.80 ? 620 HOH A O   1 
HETATM 784 O  O   . HOH H 6 .  ? -1.856  10.244  6.353   1.00 31.50 ? 621 HOH A O   1 
HETATM 785 O  O   . HOH H 6 .  ? 0.454   8.885   1.621   1.00 17.66 ? 622 HOH A O   1 
HETATM 786 O  O   . HOH H 6 .  ? -0.380  -6.523  12.081  1.00 33.59 ? 623 HOH A O   1 
HETATM 787 O  O   . HOH H 6 .  ? -9.832  -1.256  12.639  1.00 40.70 ? 624 HOH A O   1 
HETATM 788 O  O   . HOH H 6 .  ? -2.489  -7.567  10.650  1.00 36.47 ? 625 HOH A O   1 
HETATM 789 O  O   . HOH H 6 .  ? -15.961 0.414   -4.219  1.00 35.02 ? 626 HOH A O   1 
HETATM 790 O  O   . HOH H 6 .  ? 9.381   -8.234  -2.574  1.00 14.54 ? 627 HOH A O   1 
HETATM 791 O  O   . HOH H 6 .  ? 15.150  6.493   -4.512  1.00 49.75 ? 628 HOH A O   1 
HETATM 792 O  O   . HOH H 6 .  ? 5.880   -10.387 -6.452  1.00 43.30 ? 629 HOH A O   1 
HETATM 793 O  O   . HOH H 6 .  ? 2.484   12.992  3.609   1.00 40.35 ? 630 HOH A O   1 
HETATM 794 O  O   . HOH H 6 .  ? 7.511   15.828  -0.492  1.00 44.81 ? 631 HOH A O   1 
HETATM 795 O  O   . HOH H 6 .  ? -2.374  -10.618 10.134  1.00 42.11 ? 632 HOH A O   1 
HETATM 796 O  O   . HOH I 6 .  ? -7.454  5.490   4.908   1.00 19.46 ? 101 HOH B O   1 
# 
loop_
_atom_site_anisotrop.id 
_atom_site_anisotrop.type_symbol 
_atom_site_anisotrop.pdbx_label_atom_id 
_atom_site_anisotrop.pdbx_label_alt_id 
_atom_site_anisotrop.pdbx_label_comp_id 
_atom_site_anisotrop.pdbx_label_asym_id 
_atom_site_anisotrop.pdbx_label_seq_id 
_atom_site_anisotrop.pdbx_PDB_ins_code 
_atom_site_anisotrop.U[1][1] 
_atom_site_anisotrop.U[2][2] 
_atom_site_anisotrop.U[3][3] 
_atom_site_anisotrop.U[1][2] 
_atom_site_anisotrop.U[1][3] 
_atom_site_anisotrop.U[2][3] 
_atom_site_anisotrop.pdbx_auth_seq_id 
_atom_site_anisotrop.pdbx_auth_comp_id 
_atom_site_anisotrop.pdbx_auth_asym_id 
_atom_site_anisotrop.pdbx_auth_atom_id 
1   N  N   . GLY A 20 ? 0.4660 0.4605 0.4941 0.0455  -0.0019 0.0186  -3  GLY A N   
2   C  CA  . GLY A 20 ? 0.4403 0.4449 0.4689 0.0372  -0.0067 0.0197  -3  GLY A CA  
3   C  C   . GLY A 20 ? 0.4753 0.4694 0.4930 0.0294  -0.0079 0.0164  -3  GLY A C   
4   O  O   . GLY A 20 ? 0.4775 0.4771 0.4937 0.0232  -0.0114 0.0176  -3  GLY A O   
5   N  N   . HIS A 21 ? 0.3865 0.3664 0.3964 0.0296  -0.0046 0.0122  -2  HIS A N   
6   C  CA  . HIS A 21 ? 0.3595 0.3302 0.3595 0.0223  -0.0056 0.0094  -2  HIS A CA  
7   C  C   . HIS A 21 ? 0.3375 0.3155 0.3372 0.0169  -0.0048 0.0051  -2  HIS A C   
8   O  O   . HIS A 21 ? 0.3273 0.3110 0.3309 0.0192  -0.0021 0.0029  -2  HIS A O   
9   C  CB  . HIS A 21 ? 0.3826 0.3335 0.3729 0.0240  -0.0034 0.0073  -2  HIS A CB  
10  N  N   . MET A 22 ? 0.2470 0.2244 0.2415 0.0099  -0.0071 0.0045  -1  MET A N   
11  C  CA  . MET A 22 ? 0.2068 0.1903 0.2007 0.0054  -0.0066 0.0011  -1  MET A CA  
12  C  C   . MET A 22 ? 0.2695 0.2442 0.2580 0.0058  -0.0039 -0.0027 -1  MET A C   
13  O  O   . MET A 22 ? 0.2691 0.2319 0.2501 0.0040  -0.0041 -0.0033 -1  MET A O   
14  C  CB  . MET A 22 ? 0.2140 0.1994 0.2042 -0.0010 -0.0092 0.0021  -1  MET A CB  
15  C  CG  . MET A 22 ? 0.2109 0.2040 0.2017 -0.0043 -0.0087 -0.0006 -1  MET A CG  
16  S  SD  . MET A 22 ? 0.2312 0.2288 0.2189 -0.0108 -0.0109 0.0010  -1  MET A SD  
17  C  CE  . MET A 22 ? 0.1895 0.1939 0.1804 -0.0103 -0.0127 0.0043  -1  MET A CE  
18  N  N   . ARG A 23 ? 0.2442 0.2239 0.2354 0.0079  -0.0012 -0.0052 156 ARG A N   
19  C  CA  . ARG A 23 ? 0.2296 0.2018 0.2150 0.0083  0.0016  -0.0088 156 ARG A CA  
20  C  C   . ARG A 23 ? 0.2671 0.2362 0.2454 0.0021  -0.0001 -0.0106 156 ARG A C   
21  O  O   . ARG A 23 ? 0.2708 0.2290 0.2409 0.0006  0.0004  -0.0127 156 ARG A O   
22  C  CB  . ARG A 23 ? 0.1839 0.1632 0.1738 0.0113  0.0048  -0.0104 156 ARG A CB  
23  C  CG  . ARG A 23 ? 0.3387 0.3207 0.3350 0.0178  0.0074  -0.0089 156 ARG A CG  
24  C  CD  . ARG A 23 ? 0.3952 0.3642 0.3859 0.0225  0.0106  -0.0104 156 ARG A CD  
25  N  NE  . ARG A 23 ? 0.4463 0.4197 0.4448 0.0302  0.0132  -0.0083 156 ARG A NE  
26  C  CZ  . ARG A 23 ? 0.6571 0.6373 0.6602 0.0341  0.0177  -0.0093 156 ARG A CZ  
27  N  NH1 . ARG A 23 ? 0.4668 0.4484 0.4661 0.0309  0.0198  -0.0124 156 ARG A NH1 
28  N  NH2 . ARG A 23 ? 0.6029 0.5893 0.6145 0.0413  0.0200  -0.0067 156 ARG A NH2 
29  N  N   . ASN A 24 ? 0.2376 0.2166 0.2189 -0.0017 -0.0023 -0.0097 157 ASN A N   
30  C  CA  . ASN A 24 ? 0.2143 0.1934 0.1907 -0.0070 -0.0041 -0.0106 157 ASN A CA  
31  C  C   . ASN A 24 ? 0.2414 0.2278 0.2202 -0.0110 -0.0068 -0.0081 157 ASN A C   
32  O  O   . ASN A 24 ? 0.2263 0.2228 0.2092 -0.0113 -0.0070 -0.0079 157 ASN A O   
33  C  CB  . ASN A 24 ? 0.2200 0.2038 0.1964 -0.0067 -0.0029 -0.0125 157 ASN A CB  
34  C  CG  . ASN A 24 ? 0.3674 0.3525 0.3390 -0.0117 -0.0050 -0.0129 157 ASN A CG  
35  O  OD1 . ASN A 24 ? 0.2367 0.2206 0.2057 -0.0163 -0.0074 -0.0119 157 ASN A OD1 
36  N  ND2 . ASN A 24 ? 0.2538 0.2414 0.2239 -0.0114 -0.0043 -0.0140 157 ASN A ND2 
37  N  N   . PRO A 25 ? 0.2028 0.1832 0.1778 -0.0143 -0.0086 -0.0064 158 PRO A N   
38  C  CA  . PRO A 25 ? 0.1976 0.1856 0.1742 -0.0187 -0.0107 -0.0039 158 PRO A CA  
39  C  C   . PRO A 25 ? 0.2427 0.2400 0.2197 -0.0229 -0.0115 -0.0042 158 PRO A C   
40  O  O   . PRO A 25 ? 0.2252 0.2322 0.2056 -0.0244 -0.0119 -0.0026 158 PRO A O   
41  C  CB  . PRO A 25 ? 0.2386 0.2158 0.2094 -0.0220 -0.0123 -0.0018 158 PRO A CB  
42  C  CG  . PRO A 25 ? 0.3121 0.2763 0.2801 -0.0169 -0.0107 -0.0028 158 PRO A CG  
43  C  CD  . PRO A 25 ? 0.2439 0.2094 0.2124 -0.0139 -0.0084 -0.0065 158 PRO A CD  
44  N  N   . ALA A 26 ? 0.2257 0.2211 0.1995 -0.0241 -0.0117 -0.0061 159 ALA A N   
45  C  CA  . ALA A 26 ? 0.2174 0.2234 0.1926 -0.0274 -0.0131 -0.0057 159 ALA A CA  
46  C  C   . ALA A 26 ? 0.2709 0.2877 0.2531 -0.0226 -0.0114 -0.0057 159 ALA A C   
47  O  O   . ALA A 26 ? 0.2767 0.3045 0.2623 -0.0233 -0.0119 -0.0044 159 ALA A O   
48  C  CB  . ALA A 26 ? 0.2179 0.2185 0.1870 -0.0297 -0.0139 -0.0076 159 ALA A CB  
49  N  N   . MET A 27 ? 0.2272 0.2405 0.2112 -0.0175 -0.0094 -0.0069 160 MET A N   
50  C  CA  . MET A 27 ? 0.1977 0.2178 0.1866 -0.0134 -0.0076 -0.0074 160 MET A CA  
51  C  C   . MET A 27 ? 0.2310 0.2532 0.2226 -0.0120 -0.0069 -0.0068 160 MET A C   
52  O  O   . MET A 27 ? 0.1863 0.2108 0.1804 -0.0091 -0.0053 -0.0077 160 MET A O   
53  C  CB  . MET A 27 ? 0.2098 0.2253 0.1977 -0.0101 -0.0061 -0.0090 160 MET A CB  
54  C  CG  . MET A 27 ? 0.2218 0.2377 0.2063 -0.0114 -0.0070 -0.0092 160 MET A CG  
55  S  SD  . MET A 27 ? 0.2223 0.2496 0.2113 -0.0094 -0.0073 -0.0075 160 MET A SD  
56  C  CE  . MET A 27 ? 0.1924 0.2192 0.1771 -0.0101 -0.0088 -0.0072 160 MET A CE  
57  N  N   . TYR A 28 ? 0.1985 0.2200 0.1890 -0.0151 -0.0081 -0.0051 161 TYR A N   
58  C  CA  . TYR A 28 ? 0.1808 0.2051 0.1727 -0.0148 -0.0080 -0.0041 161 TYR A CA  
59  C  C   . TYR A 28 ? 0.2121 0.2457 0.2059 -0.0146 -0.0066 -0.0044 161 TYR A C   
60  O  O   . TYR A 28 ? 0.2071 0.2423 0.2015 -0.0130 -0.0055 -0.0053 161 TYR A O   
61  C  CB  . TYR A 28 ? 0.1836 0.2043 0.1727 -0.0183 -0.0097 -0.0015 161 TYR A CB  
62  C  CG  . TYR A 28 ? 0.1745 0.2012 0.1638 -0.0200 -0.0098 0.0001  161 TYR A CG  
63  C  CD1 . TYR A 28 ? 0.1810 0.2073 0.1709 -0.0180 -0.0101 0.0005  161 TYR A CD1 
64  C  CD2 . TYR A 28 ? 0.1910 0.2245 0.1793 -0.0239 -0.0097 0.0016  161 TYR A CD2 
65  C  CE1 . TYR A 28 ? 0.1854 0.2165 0.1735 -0.0201 -0.0104 0.0019  161 TYR A CE1 
66  C  CE2 . TYR A 28 ? 0.1969 0.2357 0.1840 -0.0256 -0.0093 0.0030  161 TYR A CE2 
67  C  CZ  . TYR A 28 ? 0.2258 0.2626 0.2121 -0.0238 -0.0097 0.0030  161 TYR A CZ  
68  O  OH  . TYR A 28 ? 0.1815 0.2233 0.1650 -0.0261 -0.0094 0.0043  161 TYR A OH  
69  N  N   . SER A 29 ? 0.1554 0.1952 0.1500 -0.0161 -0.0066 -0.0038 162 SER A N   
70  C  CA  . SER A 29 ? 0.1687 0.2183 0.1659 -0.0146 -0.0046 -0.0039 162 SER A CA  
71  C  C   . SER A 29 ? 0.2006 0.2486 0.1989 -0.0091 -0.0025 -0.0062 162 SER A C   
72  O  O   . SER A 29 ? 0.1846 0.2293 0.1833 -0.0077 -0.0031 -0.0066 162 SER A O   
73  C  CB  . SER A 29 ? 0.2279 0.2868 0.2273 -0.0169 -0.0052 -0.0020 162 SER A CB  
74  O  OG  . SER A 29 ? 0.3697 0.4388 0.3727 -0.0135 -0.0026 -0.0020 162 SER A OG  
75  N  N   . GLU A 30 ? 0.1790 0.2285 0.1769 -0.0067 0.0000  -0.0078 163 GLU A N   
76  C  CA  . GLU A 30 ? 0.1803 0.2259 0.1779 -0.0020 0.0019  -0.0099 163 GLU A CA  
77  C  C   . GLU A 30 ? 0.1976 0.2491 0.1983 0.0017  0.0029  -0.0089 163 GLU A C   
78  O  O   . GLU A 30 ? 0.1596 0.2067 0.1602 0.0048  0.0032  -0.0091 163 GLU A O   
79  C  CB  . GLU A 30 ? 0.2070 0.2508 0.2014 -0.0009 0.0045  -0.0121 163 GLU A CB  
80  C  CG  . GLU A 30 ? 0.2421 0.2778 0.2342 0.0022  0.0060  -0.0145 163 GLU A CG  
81  C  CD  . GLU A 30 ? 0.3723 0.4037 0.3591 0.0020  0.0081  -0.0175 163 GLU A CD  
82  O  OE1 . GLU A 30 ? 0.3398 0.3741 0.3244 -0.0014 0.0076  -0.0176 163 GLU A OE1 
83  O  OE2 . GLU A 30 ? 0.2846 0.3085 0.2682 0.0045  0.0101  -0.0196 163 GLU A OE2 
84  N  N   . GLU A 31 ? 0.1689 0.2309 0.1724 0.0009  0.0032  -0.0070 164 GLU A N   
85  C  CA  . GLU A 31 ? 0.1762 0.2472 0.1843 0.0041  0.0035  -0.0049 164 GLU A CA  
86  C  C   . GLU A 31 ? 0.1924 0.2618 0.2008 0.0020  -0.0002 -0.0033 164 GLU A C   
87  O  O   . GLU A 31 ? 0.1626 0.2330 0.1724 0.0058  -0.0004 -0.0023 164 GLU A O   
88  C  CB  . GLU A 31 ? 0.1967 0.2817 0.2085 0.0022  0.0043  -0.0029 164 GLU A CB  
89  C  CG  . GLU A 31 ? 0.3237 0.4216 0.3419 0.0059  0.0045  0.0000  164 GLU A CG  
90  C  CD  . GLU A 31 ? 0.4987 0.6132 0.5219 0.0019  0.0043  0.0031  164 GLU A CD  
91  O  OE1 . GLU A 31 ? 0.2963 0.4124 0.3176 -0.0020 0.0056  0.0027  164 GLU A OE1 
92  O  OE2 . GLU A 31 ? 0.4153 0.5421 0.4445 0.0023  0.0025  0.0063  164 GLU A OE2 
93  N  N   . ALA A 32 ? 0.1747 0.2403 0.1807 -0.0039 -0.0029 -0.0031 165 ALA A N   
94  C  CA  . ALA A 32 ? 0.1799 0.2419 0.1838 -0.0060 -0.0058 -0.0025 165 ALA A CA  
95  C  C   . ALA A 32 ? 0.1924 0.2440 0.1936 -0.0025 -0.0048 -0.0043 165 ALA A C   
96  O  O   . ALA A 32 ? 0.1986 0.2499 0.1989 -0.0013 -0.0059 -0.0033 165 ALA A O   
97  C  CB  . ALA A 32 ? 0.1892 0.2467 0.1897 -0.0125 -0.0081 -0.0024 165 ALA A CB  
98  N  N   . ARG A 33 ? 0.1670 0.2112 0.1668 -0.0012 -0.0030 -0.0063 166 ARG A N   
99  C  CA  . ARG A 33 ? 0.1871 0.2230 0.1847 0.0013  -0.0019 -0.0077 166 ARG A CA  
100 C  C   . ARG A 33 ? 0.2138 0.2508 0.2122 0.0062  -0.0004 -0.0069 166 ARG A C   
101 O  O   . ARG A 33 ? 0.1930 0.2258 0.1894 0.0076  -0.0006 -0.0063 166 ARG A O   
102 C  CB  . ARG A 33 ? 0.1833 0.2135 0.1800 0.0009  -0.0005 -0.0096 166 ARG A CB  
103 C  CG  . ARG A 33 ? 0.1451 0.1731 0.1412 -0.0025 -0.0019 -0.0096 166 ARG A CG  
104 C  CD  . ARG A 33 ? 0.1498 0.1734 0.1461 -0.0026 -0.0012 -0.0107 166 ARG A CD  
105 N  NE  . ARG A 33 ? 0.1783 0.2037 0.1746 -0.0026 -0.0004 -0.0115 166 ARG A NE  
106 C  CZ  . ARG A 33 ? 0.2079 0.2362 0.2040 -0.0046 -0.0012 -0.0109 166 ARG A CZ  
107 N  NH1 . ARG A 33 ? 0.1359 0.1652 0.1322 -0.0067 -0.0030 -0.0092 166 ARG A NH1 
108 N  NH2 . ARG A 33 ? 0.0833 0.1125 0.0776 -0.0050 -0.0004 -0.0120 166 ARG A NH2 
109 N  N   . LEU A 34 ? 0.1817 0.2241 0.1825 0.0092  0.0013  -0.0067 167 LEU A N   
110 C  CA  . LEU A 34 ? 0.1964 0.2389 0.1978 0.0153  0.0031  -0.0058 167 LEU A CA  
111 C  C   . LEU A 34 ? 0.2228 0.2724 0.2266 0.0167  0.0007  -0.0022 167 LEU A C   
112 O  O   . LEU A 34 ? 0.2206 0.2659 0.2229 0.0203  0.0008  -0.0007 167 LEU A O   
113 C  CB  . LEU A 34 ? 0.2029 0.2509 0.2063 0.0186  0.0060  -0.0065 167 LEU A CB  
114 C  CG  . LEU A 34 ? 0.2683 0.3065 0.2671 0.0191  0.0089  -0.0101 167 LEU A CG  
115 C  CD1 . LEU A 34 ? 0.2492 0.2937 0.2488 0.0215  0.0121  -0.0113 167 LEU A CD1 
116 C  CD2 . LEU A 34 ? 0.3317 0.3575 0.3262 0.0227  0.0105  -0.0110 167 LEU A CD2 
117 N  N   . LYS A 35 ? 0.1578 0.2184 0.1649 0.0130  -0.0018 -0.0004 168 LYS A N   
118 C  CA  . LYS A 35 ? 0.1527 0.2220 0.1617 0.0126  -0.0051 0.0032  168 LYS A CA  
119 C  C   . LYS A 35 ? 0.1980 0.2596 0.2014 0.0098  -0.0074 0.0033  168 LYS A C   
120 O  O   . LYS A 35 ? 0.1867 0.2528 0.1900 0.0108  -0.0099 0.0063  168 LYS A O   
121 C  CB  . LYS A 35 ? 0.1784 0.2607 0.1912 0.0073  -0.0073 0.0048  168 LYS A CB  
122 C  CG  . LYS A 35 ? 0.1996 0.2939 0.2190 0.0111  -0.0046 0.0059  168 LYS A CG  
123 C  CD  . LYS A 35 ? 0.2864 0.3962 0.3104 0.0054  -0.0067 0.0084  168 LYS A CD  
124 C  CE  . LYS A 35 ? 0.4446 0.5489 0.4646 -0.0026 -0.0074 0.0063  168 LYS A CE  
125 N  NZ  . LYS A 35 ? 0.4413 0.5602 0.4658 -0.0073 -0.0077 0.0087  168 LYS A NZ  
126 N  N   . SER A 36 ? 0.1682 0.2183 0.1668 0.0068  -0.0065 0.0001  169 SER A N   
127 C  CA  . SER A 36 ? 0.1619 0.2044 0.1548 0.0045  -0.0077 -0.0004 169 SER A CA  
128 C  C   . SER A 36 ? 0.2158 0.2530 0.2064 0.0089  -0.0064 0.0010  169 SER A C   
129 O  O   . SER A 36 ? 0.2086 0.2419 0.1942 0.0072  -0.0076 0.0016  169 SER A O   
130 C  CB  . SER A 36 ? 0.1887 0.2221 0.1785 0.0016  -0.0062 -0.0037 169 SER A CB  
131 O  OG  . SER A 36 ? 0.1710 0.1986 0.1617 0.0045  -0.0033 -0.0051 169 SER A OG  
132 N  N   . PHE A 37 ? 0.1811 0.2167 0.1742 0.0142  -0.0041 0.0013  170 PHE A N   
133 C  CA  . PHE A 37 ? 0.1850 0.2125 0.1751 0.0182  -0.0025 0.0026  170 PHE A CA  
134 C  C   . PHE A 37 ? 0.2630 0.2949 0.2534 0.0226  -0.0045 0.0073  170 PHE A C   
135 O  O   . PHE A 37 ? 0.2916 0.3167 0.2805 0.0277  -0.0028 0.0088  170 PHE A O   
136 C  CB  . PHE A 37 ? 0.1979 0.2184 0.1884 0.0214  0.0010  0.0004  170 PHE A CB  
137 C  CG  . PHE A 37 ? 0.1986 0.2119 0.1868 0.0169  0.0024  -0.0032 170 PHE A CG  
138 C  CD1 . PHE A 37 ? 0.2368 0.2406 0.2206 0.0154  0.0035  -0.0034 170 PHE A CD1 
139 C  CD2 . PHE A 37 ? 0.2011 0.2181 0.1918 0.0139  0.0025  -0.0056 170 PHE A CD2 
140 C  CE1 . PHE A 37 ? 0.2287 0.2289 0.2119 0.0113  0.0047  -0.0060 170 PHE A CE1 
141 C  CE2 . PHE A 37 ? 0.2211 0.2334 0.2107 0.0103  0.0032  -0.0080 170 PHE A CE2 
142 C  CZ  . PHE A 37 ? 0.2003 0.2052 0.1867 0.0091  0.0043  -0.0081 170 PHE A CZ  
143 N  N   . GLN A 38 ? 0.2414 0.2839 0.2330 0.0204  -0.0082 0.0098  171 GLN A N   
144 C  CA  . GLN A 38 ? 0.2516 0.3002 0.2435 0.0239  -0.0111 0.0152  171 GLN A CA  
145 C  C   . GLN A 38 ? 0.2987 0.3354 0.2824 0.0233  -0.0108 0.0160  171 GLN A C   
146 O  O   . GLN A 38 ? 0.2807 0.3109 0.2590 0.0178  -0.0104 0.0130  171 GLN A O   
147 C  CB  . GLN A 38 ? 0.2692 0.3310 0.2623 0.0188  -0.0159 0.0172  171 GLN A CB  
148 C  CG  . GLN A 38 ? 0.3984 0.4742 0.3996 0.0179  -0.0166 0.0173  171 GLN A CG  
149 C  CD  . GLN A 38 ? 0.5301 0.6214 0.5334 0.0140  -0.0220 0.0214  171 GLN A CD  
150 O  OE1 . GLN A 38 ? 0.4352 0.5268 0.4335 0.0120  -0.0257 0.0241  171 GLN A OE1 
151 N  NE2 . GLN A 38 ? 0.4110 0.5161 0.4216 0.0121  -0.0228 0.0221  171 GLN A NE2 
152 N  N   . ASN A 39 ? 0.2610 0.2944 0.2438 0.0294  -0.0107 0.0202  172 ASN A N   
153 C  CA  . ASN A 39 ? 0.2771 0.2996 0.2518 0.0293  -0.0106 0.0224  172 ASN A CA  
154 C  C   . ASN A 39 ? 0.3042 0.3125 0.2740 0.0262  -0.0066 0.0183  172 ASN A C   
155 O  O   . ASN A 39 ? 0.2938 0.2954 0.2565 0.0227  -0.0063 0.0189  172 ASN A O   
156 C  CB  . ASN A 39 ? 0.3230 0.3507 0.2921 0.0244  -0.0149 0.0250  172 ASN A CB  
157 C  CG  . ASN A 39 ? 0.5782 0.6198 0.5510 0.0275  -0.0197 0.0309  172 ASN A CG  
158 O  OD1 . ASN A 39 ? 0.4554 0.5083 0.4287 0.0225  -0.0237 0.0312  172 ASN A OD1 
159 N  ND2 . ASN A 39 ? 0.5199 0.5608 0.4953 0.0357  -0.0196 0.0359  172 ASN A ND2 
160 N  N   . TRP A 40 ? 0.2557 0.2601 0.2290 0.0273  -0.0034 0.0145  173 TRP A N   
161 C  CA  . TRP A 40 ? 0.2557 0.2483 0.2255 0.0242  0.0001  0.0111  173 TRP A CA  
162 C  C   . TRP A 40 ? 0.3285 0.3088 0.2922 0.0269  0.0014  0.0144  173 TRP A C   
163 O  O   . TRP A 40 ? 0.3255 0.3043 0.2900 0.0335  0.0010  0.0176  173 TRP A O   
164 C  CB  . TRP A 40 ? 0.2306 0.2224 0.2047 0.0252  0.0025  0.0070  173 TRP A CB  
165 C  CG  . TRP A 40 ? 0.2284 0.2095 0.1994 0.0217  0.0054  0.0039  173 TRP A CG  
166 C  CD1 . TRP A 40 ? 0.2703 0.2411 0.2389 0.0237  0.0079  0.0027  173 TRP A CD1 
167 C  CD2 . TRP A 40 ? 0.2125 0.1932 0.1827 0.0155  0.0061  0.0015  173 TRP A CD2 
168 N  NE1 . TRP A 40 ? 0.2531 0.2178 0.2194 0.0179  0.0094  -0.0001 173 TRP A NE1 
169 C  CE2 . TRP A 40 ? 0.2557 0.2276 0.2239 0.0133  0.0085  -0.0005 173 TRP A CE2 
170 C  CE3 . TRP A 40 ? 0.2113 0.1982 0.1820 0.0117  0.0052  0.0007  173 TRP A CE3 
171 C  CZ2 . TRP A 40 ? 0.2332 0.2048 0.2015 0.0075  0.0096  -0.0024 173 TRP A CZ2 
172 C  CZ3 . TRP A 40 ? 0.2196 0.2049 0.1905 0.0073  0.0070  -0.0016 173 TRP A CZ3 
173 C  CH2 . TRP A 40 ? 0.2239 0.2033 0.1946 0.0053  0.0090  -0.0028 173 TRP A CH2 
174 N  N   . PRO A 41 ? 0.2905 0.2626 0.2480 0.0223  0.0027  0.0146  174 PRO A N   
175 C  CA  . PRO A 41 ? 0.3222 0.2820 0.2728 0.0243  0.0035  0.0188  174 PRO A CA  
176 C  C   . PRO A 41 ? 0.4213 0.3674 0.3699 0.0256  0.0066  0.0172  174 PRO A C   
177 O  O   . PRO A 41 ? 0.4284 0.3729 0.3785 0.0213  0.0086  0.0126  174 PRO A O   
178 C  CB  . PRO A 41 ? 0.3431 0.3010 0.2876 0.0179  0.0040  0.0195  174 PRO A CB  
179 C  CG  . PRO A 41 ? 0.3825 0.3473 0.3313 0.0128  0.0054  0.0140  174 PRO A CG  
180 C  CD  . PRO A 41 ? 0.2995 0.2733 0.2559 0.0156  0.0038  0.0114  174 PRO A CD  
181 N  N   . ASP A 42 ? 0.4358 0.3711 0.3798 0.0309  0.0067  0.0213  175 ASP A N   
182 C  CA  . ASP A 42 ? 0.4540 0.3722 0.3932 0.0329  0.0097  0.0204  175 ASP A CA  
183 C  C   . ASP A 42 ? 0.5186 0.4258 0.4520 0.0241  0.0120  0.0181  175 ASP A C   
184 O  O   . ASP A 42 ? 0.4996 0.3984 0.4315 0.0221  0.0142  0.0140  175 ASP A O   
185 C  CB  . ASP A 42 ? 0.4893 0.3972 0.4237 0.0409  0.0093  0.0264  175 ASP A CB  
186 C  CG  . ASP A 42 ? 0.6851 0.6014 0.6264 0.0513  0.0084  0.0278  175 ASP A CG  
187 O  OD1 . ASP A 42 ? 0.6686 0.5951 0.6170 0.0519  0.0091  0.0231  175 ASP A OD1 
188 O  OD2 . ASP A 42 ? 0.8148 0.7277 0.7545 0.0591  0.0071  0.0340  175 ASP A OD2 
189 N  N   . TYR A 43 ? 0.4487 0.3575 0.3787 0.0184  0.0116  0.0207  176 TYR A N   
190 C  CA  . TYR A 43 ? 0.4330 0.3343 0.3584 0.0095  0.0139  0.0195  176 TYR A CA  
191 C  C   . TYR A 43 ? 0.4411 0.3501 0.3725 0.0039  0.0151  0.0135  176 TYR A C   
192 O  O   . TYR A 43 ? 0.4561 0.3573 0.3845 -0.0025 0.0169  0.0120  176 TYR A O   
193 C  CB  . TYR A 43 ? 0.4430 0.3476 0.3642 0.0052  0.0137  0.0235  176 TYR A CB  
194 C  CG  . TYR A 43 ? 0.4308 0.3528 0.3572 0.0046  0.0124  0.0224  176 TYR A CG  
195 C  CD1 . TYR A 43 ? 0.4371 0.3692 0.3695 0.0000  0.0136  0.0175  176 TYR A CD1 
196 C  CD2 . TYR A 43 ? 0.4280 0.3549 0.3519 0.0081  0.0097  0.0264  176 TYR A CD2 
197 C  CE1 . TYR A 43 ? 0.4199 0.3647 0.3552 -0.0004 0.0130  0.0162  176 TYR A CE1 
198 C  CE2 . TYR A 43 ? 0.4230 0.3632 0.3490 0.0063  0.0086  0.0249  176 TYR A CE2 
199 C  CZ  . TYR A 43 ? 0.4487 0.3966 0.3802 0.0023  0.0105  0.0195  176 TYR A CZ  
200 O  OH  . TYR A 43 ? 0.4222 0.3802 0.3545 0.0010  0.0098  0.0176  176 TYR A OH  
201 N  N   . ALA A 44 ? 0.3633 0.2870 0.3029 0.0058  0.0138  0.0105  177 ALA A N   
202 C  CA  . ALA A 44 ? 0.3371 0.2690 0.2826 0.0012  0.0144  0.0058  177 ALA A CA  
203 C  C   . ALA A 44 ? 0.3633 0.2876 0.3082 0.0007  0.0153  0.0022  177 ALA A C   
204 O  O   . ALA A 44 ? 0.3671 0.2961 0.3154 -0.0045 0.0156  -0.0011 177 ALA A O   
205 C  CB  . ALA A 44 ? 0.3320 0.2790 0.2849 0.0036  0.0128  0.0040  177 ALA A CB  
206 N  N   . HIS A 45 ? 0.3003 0.2124 0.2403 0.0061  0.0157  0.0030  178 HIS A N   
207 C  CA  . HIS A 45 ? 0.3070 0.2071 0.2427 0.0062  0.0173  -0.0003 178 HIS A CA  
208 C  C   . HIS A 45 ? 0.3202 0.2293 0.2614 0.0076  0.0170  -0.0051 178 HIS A C   
209 O  O   . HIS A 45 ? 0.3025 0.2046 0.2410 0.0127  0.0184  -0.0071 178 HIS A O   
210 C  CB  . HIS A 45 ? 0.3269 0.2160 0.2562 -0.0032 0.0184  -0.0011 178 HIS A CB  
211 C  CG  . HIS A 45 ? 0.3771 0.2486 0.2980 -0.0040 0.0200  -0.0043 178 HIS A CG  
212 N  ND1 . HIS A 45 ? 0.4086 0.2819 0.3299 -0.0094 0.0199  -0.0093 178 HIS A ND1 
213 C  CD2 . HIS A 45 ? 0.3933 0.2451 0.3048 0.0006  0.0217  -0.0032 178 HIS A CD2 
214 C  CE1 . HIS A 45 ? 0.4070 0.2608 0.3179 -0.0089 0.0218  -0.0117 178 HIS A CE1 
215 N  NE2 . HIS A 45 ? 0.4123 0.2517 0.3171 -0.0026 0.0231  -0.0082 178 HIS A NE2 
216 N  N   . LEU A 46 ? 0.2711 0.1951 0.2196 0.0035  0.0157  -0.0067 179 LEU A N   
217 C  CA  . LEU A 46 ? 0.2664 0.1989 0.2194 0.0041  0.0152  -0.0104 179 LEU A CA  
218 C  C   . LEU A 46 ? 0.3195 0.2603 0.2771 0.0120  0.0146  -0.0095 179 LEU A C   
219 O  O   . LEU A 46 ? 0.3062 0.2516 0.2660 0.0154  0.0136  -0.0059 179 LEU A O   
220 C  CB  . LEU A 46 ? 0.2628 0.2077 0.2221 -0.0021 0.0138  -0.0117 179 LEU A CB  
221 C  CG  . LEU A 46 ? 0.3278 0.2683 0.2842 -0.0100 0.0139  -0.0139 179 LEU A CG  
222 C  CD1 . LEU A 46 ? 0.3487 0.2837 0.3020 -0.0154 0.0147  -0.0114 179 LEU A CD1 
223 C  CD2 . LEU A 46 ? 0.3114 0.2659 0.2748 -0.0134 0.0121  -0.0154 179 LEU A CD2 
224 N  N   . THR A 47 ? 0.2773 0.2198 0.2357 0.0145  0.0155  -0.0125 180 THR A N   
225 C  CA  . THR A 47 ? 0.2572 0.2088 0.2204 0.0216  0.0154  -0.0114 180 THR A CA  
226 C  C   . THR A 47 ? 0.2654 0.2333 0.2362 0.0192  0.0131  -0.0116 180 THR A C   
227 O  O   . THR A 47 ? 0.2099 0.1807 0.1817 0.0137  0.0124  -0.0138 180 THR A O   
228 C  CB  . THR A 47 ? 0.2707 0.2170 0.2308 0.0262  0.0183  -0.0146 180 THR A CB  
229 O  OG1 . THR A 47 ? 0.2004 0.1485 0.1594 0.0205  0.0184  -0.0187 180 THR A OG1 
230 C  CG2 . THR A 47 ? 0.3068 0.2340 0.2580 0.0301  0.0212  -0.0148 180 THR A CG2 
231 N  N   . PRO A 48 ? 0.2273 0.2052 0.2031 0.0236  0.0119  -0.0089 181 PRO A N   
232 C  CA  . PRO A 48 ? 0.1969 0.1885 0.1786 0.0215  0.0100  -0.0091 181 PRO A CA  
233 C  C   . PRO A 48 ? 0.2136 0.2078 0.1959 0.0196  0.0110  -0.0125 181 PRO A C   
234 O  O   . PRO A 48 ? 0.2001 0.1999 0.1848 0.0150  0.0093  -0.0133 181 PRO A O   
235 C  CB  . PRO A 48 ? 0.2003 0.2009 0.1861 0.0272  0.0091  -0.0058 181 PRO A CB  
236 C  CG  . PRO A 48 ? 0.2442 0.2374 0.2266 0.0305  0.0089  -0.0026 181 PRO A CG  
237 C  CD  . PRO A 48 ? 0.2356 0.2134 0.2117 0.0308  0.0120  -0.0053 181 PRO A CD  
238 N  N   . ARG A 49 ? 0.1720 0.1616 0.1514 0.0233  0.0138  -0.0144 182 ARG A N   
239 C  CA  . ARG A 49 ? 0.1549 0.1464 0.1330 0.0214  0.0151  -0.0177 182 ARG A CA  
240 C  C   . ARG A 49 ? 0.2322 0.2194 0.2073 0.0141  0.0138  -0.0199 182 ARG A C   
241 O  O   . ARG A 49 ? 0.2302 0.2250 0.2078 0.0103  0.0122  -0.0203 182 ARG A O   
242 C  CB  . ARG A 49 ? 0.2148 0.1987 0.1878 0.0270  0.0193  -0.0201 182 ARG A CB  
243 C  CG  . ARG A 49 ? 0.3713 0.3614 0.3436 0.0265  0.0211  -0.0229 182 ARG A CG  
244 C  CD  . ARG A 49 ? 0.4572 0.4365 0.4216 0.0307  0.0258  -0.0267 182 ARG A CD  
245 N  NE  . ARG A 49 ? 0.6377 0.6214 0.5991 0.0279  0.0273  -0.0299 182 ARG A NE  
246 C  CZ  . ARG A 49 ? 0.8910 0.8646 0.8428 0.0290  0.0314  -0.0345 182 ARG A CZ  
247 N  NH1 . ARG A 49 ? 0.6678 0.6248 0.6121 0.0333  0.0346  -0.0368 182 ARG A NH1 
248 N  NH2 . ARG A 49 ? 0.7099 0.6887 0.6583 0.0255  0.0324  -0.0371 182 ARG A NH2 
249 N  N   . GLU A 50 ? 0.1790 0.1547 0.1491 0.0119  0.0142  -0.0207 183 GLU A N   
250 C  CA  . GLU A 50 ? 0.1701 0.1437 0.1385 0.0046  0.0127  -0.0221 183 GLU A CA  
251 C  C   . GLU A 50 ? 0.2176 0.2013 0.1928 0.0015  0.0099  -0.0198 183 GLU A C   
252 O  O   . GLU A 50 ? 0.2503 0.2395 0.2273 -0.0025 0.0083  -0.0204 183 GLU A O   
253 C  CB  . GLU A 50 ? 0.1919 0.1520 0.1538 0.0019  0.0137  -0.0228 183 GLU A CB  
254 C  CG  . GLU A 50 ? 0.2178 0.1784 0.1788 -0.0065 0.0118  -0.0240 183 GLU A CG  
255 C  CD  . GLU A 50 ? 0.2981 0.2470 0.2532 -0.0114 0.0124  -0.0243 183 GLU A CD  
256 O  OE1 . GLU A 50 ? 0.2880 0.2244 0.2374 -0.0082 0.0146  -0.0240 183 GLU A OE1 
257 O  OE2 . GLU A 50 ? 0.2286 0.1812 0.1849 -0.0187 0.0105  -0.0243 183 GLU A OE2 
258 N  N   . LEU A 51 ? 0.1467 0.1323 0.1248 0.0036  0.0095  -0.0172 184 LEU A N   
259 C  CA  . LEU A 51 ? 0.1311 0.1238 0.1141 0.0014  0.0077  -0.0155 184 LEU A CA  
260 C  C   . LEU A 51 ? 0.1828 0.1846 0.1699 0.0015  0.0061  -0.0154 184 LEU A C   
261 O  O   . LEU A 51 ? 0.1669 0.1728 0.1568 -0.0013 0.0049  -0.0152 184 LEU A O   
262 C  CB  . LEU A 51 ? 0.1413 0.1329 0.1244 0.0032  0.0078  -0.0131 184 LEU A CB  
263 C  CG  . LEU A 51 ? 0.2089 0.1914 0.1877 0.0018  0.0092  -0.0124 184 LEU A CG  
264 C  CD1 . LEU A 51 ? 0.2011 0.1816 0.1780 0.0052  0.0093  -0.0096 184 LEU A CD1 
265 C  CD2 . LEU A 51 ? 0.2141 0.1991 0.1950 -0.0033 0.0092  -0.0124 184 LEU A CD2 
266 N  N   . ALA A 52 ? 0.1756 0.1811 0.1633 0.0050  0.0063  -0.0149 185 ALA A N   
267 C  CA  . ALA A 52 ? 0.1765 0.1904 0.1674 0.0042  0.0049  -0.0143 185 ALA A CA  
268 C  C   . ALA A 52 ? 0.2333 0.2484 0.2234 0.0013  0.0047  -0.0158 185 ALA A C   
269 O  O   . ALA A 52 ? 0.2280 0.2475 0.2201 -0.0011 0.0027  -0.0149 185 ALA A O   
270 C  CB  . ALA A 52 ? 0.1786 0.1977 0.1708 0.0078  0.0055  -0.0134 185 ALA A CB  
271 N  N   . SER A 53 ? 0.2048 0.2150 0.1907 0.0012  0.0063  -0.0181 186 SER A N   
272 C  CA  . SER A 53 ? 0.2087 0.2196 0.1919 -0.0022 0.0058  -0.0196 186 SER A CA  
273 C  C   . SER A 53 ? 0.2494 0.2615 0.2345 -0.0066 0.0032  -0.0187 186 SER A C   
274 O  O   . SER A 53 ? 0.2318 0.2483 0.2170 -0.0093 0.0014  -0.0181 186 SER A O   
275 C  CB  . SER A 53 ? 0.2772 0.2804 0.2532 -0.0018 0.0083  -0.0228 186 SER A CB  
276 O  OG  . SER A 53 ? 0.3991 0.3936 0.3719 -0.0040 0.0085  -0.0239 186 SER A OG  
277 N  N   . ALA A 54 ? 0.2081 0.2176 0.1951 -0.0071 0.0031  -0.0180 187 ALA A N   
278 C  CA  . ALA A 54 ? 0.1786 0.1916 0.1693 -0.0102 0.0013  -0.0166 187 ALA A CA  
279 C  C   . ALA A 54 ? 0.1908 0.2085 0.1867 -0.0082 0.0003  -0.0142 187 ALA A C   
280 O  O   . ALA A 54 ? 0.1642 0.1850 0.1642 -0.0089 -0.0004 -0.0128 187 ALA A O   
281 C  CB  . ALA A 54 ? 0.1857 0.1942 0.1756 -0.0121 0.0023  -0.0168 187 ALA A CB  
282 N  N   . GLY A 55 ? 0.1523 0.1708 0.1479 -0.0059 0.0004  -0.0139 188 GLY A N   
283 C  CA  . GLY A 55 ? 0.1373 0.1579 0.1358 -0.0049 -0.0006 -0.0122 188 GLY A CA  
284 C  C   . GLY A 55 ? 0.1518 0.1696 0.1502 -0.0030 0.0006  -0.0120 188 GLY A C   
285 O  O   . GLY A 55 ? 0.1370 0.1546 0.1360 -0.0024 0.0001  -0.0113 188 GLY A O   
286 N  N   . LEU A 56 ? 0.1415 0.1564 0.1380 -0.0021 0.0021  -0.0128 189 LEU A N   
287 C  CA  . LEU A 56 ? 0.1429 0.1553 0.1383 -0.0008 0.0030  -0.0123 189 LEU A CA  
288 C  C   . LEU A 56 ? 0.2006 0.2133 0.1941 0.0008  0.0025  -0.0118 189 LEU A C   
289 O  O   . LEU A 56 ? 0.2085 0.2220 0.2015 0.0022  0.0027  -0.0118 189 LEU A O   
290 C  CB  . LEU A 56 ? 0.1430 0.1519 0.1374 -0.0015 0.0047  -0.0124 189 LEU A CB  
291 C  CG  . LEU A 56 ? 0.1828 0.1941 0.1802 -0.0042 0.0049  -0.0125 189 LEU A CG  
292 C  CD1 . LEU A 56 ? 0.1805 0.1880 0.1758 -0.0065 0.0063  -0.0126 189 LEU A CD1 
293 C  CD2 . LEU A 56 ? 0.1883 0.2033 0.1895 -0.0035 0.0054  -0.0116 189 LEU A CD2 
294 N  N   . TYR A 57 ? 0.1805 0.1927 0.1725 0.0008  0.0020  -0.0113 190 TYR A N   
295 C  CA  . TYR A 57 ? 0.1702 0.1843 0.1602 0.0016  0.0008  -0.0101 190 TYR A CA  
296 C  C   . TYR A 57 ? 0.2106 0.2210 0.1968 0.0019  0.0015  -0.0095 190 TYR A C   
297 O  O   . TYR A 57 ? 0.1869 0.1941 0.1720 0.0012  0.0031  -0.0103 190 TYR A O   
298 C  CB  . TYR A 57 ? 0.1701 0.1872 0.1600 -0.0006 -0.0013 -0.0099 190 TYR A CB  
299 C  CG  . TYR A 57 ? 0.1794 0.1918 0.1666 -0.0024 -0.0013 -0.0109 190 TYR A CG  
300 C  CD1 . TYR A 57 ? 0.2031 0.2123 0.1852 -0.0034 -0.0017 -0.0112 190 TYR A CD1 
301 C  CD2 . TYR A 57 ? 0.1860 0.1965 0.1749 -0.0027 -0.0010 -0.0114 190 TYR A CD2 
302 C  CE1 . TYR A 57 ? 0.2223 0.2254 0.2004 -0.0046 -0.0009 -0.0128 190 TYR A CE1 
303 C  CE2 . TYR A 57 ? 0.1946 0.1995 0.1810 -0.0029 -0.0003 -0.0124 190 TYR A CE2 
304 C  CZ  . TYR A 57 ? 0.2235 0.2239 0.2041 -0.0036 0.0000  -0.0134 190 TYR A CZ  
305 O  OH  . TYR A 57 ? 0.2357 0.2288 0.2124 -0.0035 0.0012  -0.0149 190 TYR A OH  
306 N  N   . TYR A 58 ? 0.1846 0.1970 0.1692 0.0031  0.0002  -0.0078 191 TYR A N   
307 C  CA  . TYR A 58 ? 0.1837 0.1930 0.1636 0.0034  0.0004  -0.0064 191 TYR A CA  
308 C  C   . TYR A 58 ? 0.2400 0.2492 0.2155 0.0005  -0.0009 -0.0071 191 TYR A C   
309 O  O   . TYR A 58 ? 0.2088 0.2218 0.1846 -0.0014 -0.0033 -0.0072 191 TYR A O   
310 C  CB  . TYR A 58 ? 0.1713 0.1830 0.1512 0.0064  -0.0009 -0.0035 191 TYR A CB  
311 C  CG  . TYR A 58 ? 0.1830 0.1910 0.1576 0.0072  -0.0009 -0.0011 191 TYR A CG  
312 C  CD1 . TYR A 58 ? 0.1936 0.1950 0.1644 0.0055  0.0017  -0.0019 191 TYR A CD1 
313 C  CD2 . TYR A 58 ? 0.1855 0.1973 0.1592 0.0096  -0.0033 0.0026  191 TYR A CD2 
314 C  CE1 . TYR A 58 ? 0.1745 0.1722 0.1395 0.0056  0.0018  0.0007  191 TYR A CE1 
315 C  CE2 . TYR A 58 ? 0.1976 0.2054 0.1655 0.0102  -0.0037 0.0054  191 TYR A CE2 
316 C  CZ  . TYR A 58 ? 0.2219 0.2221 0.1848 0.0079  -0.0010 0.0045  191 TYR A CZ  
317 O  OH  . TYR A 58 ? 0.2031 0.1994 0.1594 0.0079  -0.0013 0.0078  191 TYR A OH  
318 N  N   . THR A 59 ? 0.2110 0.2153 0.1815 -0.0003 0.0010  -0.0078 192 THR A N   
319 C  CA  . THR A 59 ? 0.2235 0.2250 0.1871 -0.0029 0.0007  -0.0091 192 THR A CA  
320 C  C   . THR A 59 ? 0.2779 0.2810 0.2355 -0.0039 -0.0018 -0.0066 192 THR A C   
321 O  O   . THR A 59 ? 0.3086 0.3088 0.2584 -0.0068 -0.0024 -0.0079 192 THR A O   
322 C  CB  . THR A 59 ? 0.2695 0.2656 0.2300 -0.0027 0.0048  -0.0112 192 THR A CB  
323 O  OG1 . THR A 59 ? 0.1857 0.1810 0.1439 -0.0022 0.0064  -0.0092 192 THR A OG1 
324 C  CG2 . THR A 59 ? 0.1927 0.1890 0.1598 -0.0014 0.0070  -0.0128 192 THR A CG2 
325 N  N   . GLY A 60 ? 0.2054 0.2116 0.1657 -0.0013 -0.0030 -0.0033 193 GLY A N   
326 C  CA  . GLY A 60 ? 0.1961 0.2049 0.1520 -0.0011 -0.0058 0.0003  193 GLY A CA  
327 C  C   . GLY A 60 ? 0.2356 0.2385 0.1837 -0.0017 -0.0039 0.0015  193 GLY A C   
328 O  O   . GLY A 60 ? 0.1899 0.1946 0.1326 -0.0021 -0.0065 0.0047  193 GLY A O   
329 N  N   . ILE A 61 ? 0.1851 0.1823 0.1326 -0.0019 0.0005  -0.0009 194 ILE A N   
330 C  CA  . ILE A 61 ? 0.1770 0.1694 0.1174 -0.0031 0.0034  -0.0001 194 ILE A CA  
331 C  C   . ILE A 61 ? 0.2010 0.1901 0.1453 -0.0014 0.0062  0.0015  194 ILE A C   
332 O  O   . ILE A 61 ? 0.1766 0.1659 0.1270 -0.0013 0.0085  -0.0009 194 ILE A O   
333 C  CB  . ILE A 61 ? 0.2110 0.2008 0.1477 -0.0053 0.0069  -0.0045 194 ILE A CB  
334 C  CG1 . ILE A 61 ? 0.2280 0.2177 0.1581 -0.0080 0.0042  -0.0066 194 ILE A CG1 
335 C  CG2 . ILE A 61 ? 0.1927 0.1789 0.1232 -0.0064 0.0114  -0.0043 194 ILE A CG2 
336 C  CD1 . ILE A 61 ? 0.2545 0.2390 0.1807 -0.0090 0.0078  -0.0118 194 ILE A CD1 
337 N  N   . GLY A 62 ? 0.1631 0.1489 0.1032 -0.0008 0.0057  0.0056  195 GLY A N   
338 C  CA  . GLY A 62 ? 0.1735 0.1538 0.1149 -0.0005 0.0084  0.0073  195 GLY A CA  
339 C  C   . GLY A 62 ? 0.2120 0.1922 0.1617 0.0015  0.0084  0.0056  195 GLY A C   
340 O  O   . GLY A 62 ? 0.2209 0.2035 0.1738 0.0047  0.0056  0.0063  195 GLY A O   
341 N  N   . ASP A 63 ? 0.1728 0.1515 0.1259 -0.0006 0.0113  0.0036  196 ASP A N   
342 C  CA  . ASP A 63 ? 0.1519 0.1308 0.1117 0.0004  0.0112  0.0016  196 ASP A CA  
343 C  C   . ASP A 63 ? 0.2203 0.2056 0.1857 -0.0011 0.0120  -0.0021 196 ASP A C   
344 O  O   . ASP A 63 ? 0.2186 0.2049 0.1888 -0.0024 0.0129  -0.0037 196 ASP A O   
345 C  CB  . ASP A 63 ? 0.1420 0.1131 0.1004 -0.0018 0.0130  0.0026  196 ASP A CB  
346 C  CG  . ASP A 63 ? 0.2306 0.2023 0.1887 -0.0069 0.0163  0.0024  196 ASP A CG  
347 O  OD1 . ASP A 63 ? 0.1818 0.1601 0.1409 -0.0079 0.0178  0.0014  196 ASP A OD1 
348 O  OD2 . ASP A 63 ? 0.2623 0.2280 0.2192 -0.0100 0.0175  0.0032  196 ASP A OD2 
349 N  N   . GLN A 64 ? 0.1611 0.1502 0.1252 -0.0011 0.0118  -0.0032 197 GLN A N   
350 C  CA  . GLN A 64 ? 0.1601 0.1533 0.1283 -0.0016 0.0131  -0.0062 197 GLN A CA  
351 C  C   . GLN A 64 ? 0.2374 0.2336 0.2102 -0.0002 0.0104  -0.0076 197 GLN A C   
352 O  O   . GLN A 64 ? 0.2344 0.2315 0.2051 0.0006  0.0078  -0.0073 197 GLN A O   
353 C  CB  . GLN A 64 ? 0.1679 0.1611 0.1306 -0.0022 0.0149  -0.0071 197 GLN A CB  
354 C  CG  . GLN A 64 ? 0.1506 0.1419 0.1084 -0.0041 0.0182  -0.0054 197 GLN A CG  
355 C  CD  . GLN A 64 ? 0.3046 0.2954 0.2555 -0.0045 0.0208  -0.0070 197 GLN A CD  
356 O  OE1 . GLN A 64 ? 0.2143 0.2047 0.1635 -0.0035 0.0203  -0.0096 197 GLN A OE1 
357 N  NE2 . GLN A 64 ? 0.2759 0.2654 0.2211 -0.0064 0.0238  -0.0051 197 GLN A NE2 
358 N  N   . VAL A 65 ? 0.2040 0.2026 0.1828 -0.0005 0.0109  -0.0089 198 VAL A N   
359 C  CA  . VAL A 65 ? 0.1948 0.1962 0.1777 0.0003  0.0088  -0.0100 198 VAL A CA  
360 C  C   . VAL A 65 ? 0.2126 0.2167 0.1991 0.0003  0.0097  -0.0115 198 VAL A C   
361 O  O   . VAL A 65 ? 0.1849 0.1901 0.1729 0.0000  0.0123  -0.0115 198 VAL A O   
362 C  CB  . VAL A 65 ? 0.2177 0.2190 0.2035 0.0002  0.0080  -0.0099 198 VAL A CB  
363 C  CG1 . VAL A 65 ? 0.2224 0.2198 0.2047 0.0018  0.0075  -0.0084 198 VAL A CG1 
364 C  CG2 . VAL A 65 ? 0.1898 0.1917 0.1784 -0.0022 0.0096  -0.0101 198 VAL A CG2 
365 N  N   . GLN A 66 ? 0.1704 0.1758 0.1587 0.0007  0.0076  -0.0121 199 GLN A N   
366 C  CA  . GLN A 66 ? 0.1671 0.1734 0.1584 0.0014  0.0079  -0.0127 199 GLN A CA  
367 C  C   . GLN A 66 ? 0.1922 0.2010 0.1868 0.0010  0.0055  -0.0123 199 GLN A C   
368 O  O   . GLN A 66 ? 0.1859 0.1954 0.1795 0.0001  0.0037  -0.0121 199 GLN A O   
369 C  CB  . GLN A 66 ? 0.1933 0.1950 0.1793 0.0020  0.0085  -0.0140 199 GLN A CB  
370 C  CG  . GLN A 66 ? 0.2451 0.2449 0.2329 0.0041  0.0100  -0.0148 199 GLN A CG  
371 C  CD  . GLN A 66 ? 0.5226 0.5150 0.5028 0.0047  0.0118  -0.0168 199 GLN A CD  
372 O  OE1 . GLN A 66 ? 0.3566 0.3460 0.3299 0.0025  0.0108  -0.0175 199 GLN A OE1 
373 N  NE2 . GLN A 66 ? 0.2750 0.2641 0.2557 0.0081  0.0145  -0.0177 199 GLN A NE2 
374 N  N   . CYS A 67 ? 0.1744 0.1857 0.1736 0.0017  0.0057  -0.0118 200 CYS A N   
375 C  CA  . CYS A 67 ? 0.1410 0.1548 0.1427 0.0009  0.0033  -0.0110 200 CYS A CA  
376 C  C   . CYS A 67 ? 0.1625 0.1726 0.1618 0.0013  0.0020  -0.0108 200 CYS A C   
377 O  O   . CYS A 67 ? 0.1642 0.1702 0.1625 0.0033  0.0033  -0.0111 200 CYS A O   
378 C  CB  . CYS A 67 ? 0.1334 0.1525 0.1409 0.0013  0.0033  -0.0097 200 CYS A CB  
379 S  SG  . CYS A 67 ? 0.1688 0.1915 0.1786 0.0000  0.0000  -0.0079 200 CYS A SG  
380 N  N   . PHE A 68 ? 0.1198 0.1307 0.1178 -0.0006 -0.0003 -0.0103 201 PHE A N   
381 C  CA  . PHE A 68 ? 0.1105 0.1177 0.1058 -0.0018 -0.0018 -0.0096 201 PHE A CA  
382 C  C   . PHE A 68 ? 0.2022 0.2077 0.1997 -0.0002 -0.0024 -0.0079 201 PHE A C   
383 O  O   . PHE A 68 ? 0.2243 0.2231 0.2187 0.0000  -0.0029 -0.0073 201 PHE A O   
384 C  CB  . PHE A 68 ? 0.1188 0.1303 0.1135 -0.0047 -0.0037 -0.0088 201 PHE A CB  
385 C  CG  . PHE A 68 ? 0.1246 0.1403 0.1216 -0.0055 -0.0048 -0.0074 201 PHE A CG  
386 C  CD1 . PHE A 68 ? 0.1655 0.1855 0.1644 -0.0052 -0.0041 -0.0082 201 PHE A CD1 
387 C  CD2 . PHE A 68 ? 0.1582 0.1723 0.1542 -0.0070 -0.0066 -0.0054 201 PHE A CD2 
388 C  CE1 . PHE A 68 ? 0.1802 0.2037 0.1795 -0.0067 -0.0053 -0.0073 201 PHE A CE1 
389 C  CE2 . PHE A 68 ? 0.1968 0.2153 0.1937 -0.0082 -0.0078 -0.0039 201 PHE A CE2 
390 C  CZ  . PHE A 68 ? 0.1741 0.1976 0.1725 -0.0081 -0.0072 -0.0050 201 PHE A CZ  
391 N  N   . ALA A 69 ? 0.1701 0.1816 0.1727 0.0009  -0.0025 -0.0067 202 ALA A N   
392 C  CA  . ALA A 69 ? 0.1638 0.1763 0.1698 0.0027  -0.0038 -0.0041 202 ALA A CA  
393 C  C   . ALA A 69 ? 0.2148 0.2267 0.2244 0.0073  -0.0015 -0.0036 202 ALA A C   
394 O  O   . ALA A 69 ? 0.1988 0.2041 0.2072 0.0104  -0.0013 -0.0026 202 ALA A O   
395 C  CB  . ALA A 69 ? 0.1572 0.1781 0.1665 0.0006  -0.0057 -0.0027 202 ALA A CB  
396 N  N   . CYS A 70 ? 0.1623 0.1798 0.1758 0.0080  0.0006  -0.0046 203 CYS A N   
397 C  CA  . CYS A 70 ? 0.1624 0.1820 0.1806 0.0126  0.0034  -0.0039 203 CYS A CA  
398 C  C   . CYS A 70 ? 0.2168 0.2299 0.2304 0.0144  0.0073  -0.0068 203 CYS A C   
399 O  O   . CYS A 70 ? 0.2205 0.2342 0.2367 0.0189  0.0107  -0.0067 203 CYS A O   
400 C  CB  . CYS A 70 ? 0.1539 0.1856 0.1798 0.0118  0.0034  -0.0023 203 CYS A CB  
401 S  SG  . CYS A 70 ? 0.2011 0.2349 0.2250 0.0070  0.0049  -0.0047 203 CYS A SG  
402 N  N   . GLY A 71 ? 0.1641 0.1720 0.1709 0.0111  0.0071  -0.0091 204 GLY A N   
403 C  CA  . GLY A 71 ? 0.1683 0.1708 0.1697 0.0119  0.0103  -0.0117 204 GLY A CA  
404 C  C   . GLY A 71 ? 0.2043 0.2132 0.2088 0.0119  0.0131  -0.0119 204 GLY A C   
405 O  O   . GLY A 71 ? 0.1869 0.1922 0.1867 0.0126  0.0163  -0.0137 204 GLY A O   
406 N  N   . GLY A 72 ? 0.1794 0.1974 0.1907 0.0104  0.0122  -0.0100 205 GLY A N   
407 C  CA  . GLY A 72 ? 0.1778 0.2019 0.1919 0.0091  0.0147  -0.0097 205 GLY A CA  
408 C  C   . GLY A 72 ? 0.2160 0.2354 0.2233 0.0059  0.0149  -0.0111 205 GLY A C   
409 O  O   . GLY A 72 ? 0.2259 0.2419 0.2298 0.0039  0.0120  -0.0114 205 GLY A O   
410 N  N   . LYS A 73 ? 0.1495 0.1687 0.1545 0.0060  0.0186  -0.0116 206 LYS A N   
411 C  CA  . LYS A 73 ? 0.1580 0.1725 0.1560 0.0035  0.0189  -0.0120 206 LYS A CA  
412 C  C   . LYS A 73 ? 0.1951 0.2135 0.1951 0.0001  0.0197  -0.0104 206 LYS A C   
413 O  O   . LYS A 73 ? 0.1829 0.2081 0.1881 -0.0004 0.0224  -0.0093 206 LYS A O   
414 C  CB  . LYS A 73 ? 0.1965 0.2066 0.1877 0.0052  0.0224  -0.0135 206 LYS A CB  
415 C  CG  . LYS A 73 ? 0.2330 0.2357 0.2186 0.0071  0.0213  -0.0157 206 LYS A CG  
416 C  CD  . LYS A 73 ? 0.2146 0.2126 0.1927 0.0086  0.0256  -0.0178 206 LYS A CD  
417 C  CE  . LYS A 73 ? 0.3569 0.3472 0.3307 0.0114  0.0263  -0.0203 206 LYS A CE  
418 N  NZ  . LYS A 73 ? 0.3126 0.2965 0.2768 0.0126  0.0310  -0.0232 206 LYS A NZ  
419 N  N   . LEU A 74 ? 0.1343 0.1479 0.1302 -0.0023 0.0176  -0.0100 207 LEU A N   
420 C  CA  . LEU A 74 ? 0.1272 0.1408 0.1229 -0.0061 0.0182  -0.0085 207 LEU A CA  
421 C  C   . LEU A 74 ? 0.1964 0.2025 0.1842 -0.0068 0.0186  -0.0077 207 LEU A C   
422 O  O   . LEU A 74 ? 0.1998 0.2015 0.1838 -0.0049 0.0164  -0.0080 207 LEU A O   
423 C  CB  . LEU A 74 ? 0.1188 0.1328 0.1173 -0.0085 0.0154  -0.0085 207 LEU A CB  
424 C  CG  . LEU A 74 ? 0.1717 0.1947 0.1782 -0.0092 0.0146  -0.0082 207 LEU A CG  
425 C  CD1 . LEU A 74 ? 0.1972 0.2190 0.2039 -0.0107 0.0111  -0.0090 207 LEU A CD1 
426 C  CD2 . LEU A 74 ? 0.2108 0.2414 0.2221 -0.0130 0.0168  -0.0065 207 LEU A CD2 
427 N  N   . LYS A 75 ? 0.1923 0.1978 0.1779 -0.0099 0.0211  -0.0060 208 LYS A N   
428 C  CA  . LYS A 75 ? 0.1770 0.1747 0.1543 -0.0107 0.0214  -0.0041 208 LYS A CA  
429 C  C   . LYS A 75 ? 0.2198 0.2142 0.1956 -0.0156 0.0226  -0.0020 208 LYS A C   
430 O  O   . LYS A 75 ? 0.2182 0.2173 0.1996 -0.0189 0.0229  -0.0022 208 LYS A O   
431 C  CB  . LYS A 75 ? 0.1948 0.1932 0.1672 -0.0096 0.0240  -0.0039 208 LYS A CB  
432 C  CG  . LYS A 75 ? 0.2193 0.2245 0.1943 -0.0115 0.0287  -0.0036 208 LYS A CG  
433 C  CD  . LYS A 75 ? 0.3147 0.3187 0.2822 -0.0099 0.0315  -0.0042 208 LYS A CD  
434 C  CE  . LYS A 75 ? 0.3274 0.3393 0.2978 -0.0103 0.0374  -0.0045 208 LYS A CE  
435 N  NZ  . LYS A 75 ? 0.5617 0.5757 0.5313 -0.0154 0.0400  -0.0011 208 LYS A NZ  
436 N  N   . ASN A 76 ? 0.1852 0.1713 0.1530 -0.0166 0.0230  0.0005  209 ASN A N   
437 C  CA  . ASN A 76 ? 0.2108 0.1907 0.1746 -0.0218 0.0243  0.0031  209 ASN A CA  
438 C  C   . ASN A 76 ? 0.2710 0.2461 0.2367 -0.0243 0.0224  0.0020  209 ASN A C   
439 O  O   . ASN A 76 ? 0.2489 0.2261 0.2168 -0.0303 0.0233  0.0024  209 ASN A O   
440 C  CB  . ASN A 76 ? 0.1573 0.1455 0.1236 -0.0265 0.0284  0.0045  209 ASN A CB  
441 C  CG  . ASN A 76 ? 0.3473 0.3390 0.3100 -0.0241 0.0310  0.0048  209 ASN A CG  
442 O  OD1 . ASN A 76 ? 0.4076 0.4093 0.3747 -0.0241 0.0345  0.0040  209 ASN A OD1 
443 N  ND2 . ASN A 76 ? 0.3130 0.2971 0.2678 -0.0211 0.0293  0.0059  209 ASN A ND2 
444 N  N   . TRP A 77 ? 0.2456 0.2154 0.2102 -0.0197 0.0196  0.0005  210 TRP A N   
445 C  CA  . TRP A 77 ? 0.2444 0.2082 0.2088 -0.0211 0.0181  -0.0013 210 TRP A CA  
446 C  C   . TRP A 77 ? 0.3140 0.2637 0.2700 -0.0251 0.0189  0.0007  210 TRP A C   
447 O  O   . TRP A 77 ? 0.3105 0.2527 0.2603 -0.0236 0.0197  0.0038  210 TRP A O   
448 C  CB  . TRP A 77 ? 0.2153 0.1772 0.1798 -0.0146 0.0160  -0.0031 210 TRP A CB  
449 C  CG  . TRP A 77 ? 0.1928 0.1666 0.1647 -0.0121 0.0148  -0.0052 210 TRP A CG  
450 C  CD1 . TRP A 77 ? 0.2165 0.1966 0.1902 -0.0089 0.0146  -0.0049 210 TRP A CD1 
451 C  CD2 . TRP A 77 ? 0.1850 0.1649 0.1622 -0.0137 0.0137  -0.0076 210 TRP A CD2 
452 N  NE1 . TRP A 77 ? 0.1992 0.1874 0.1788 -0.0078 0.0136  -0.0069 210 TRP A NE1 
453 C  CE2 . TRP A 77 ? 0.2070 0.1960 0.1894 -0.0107 0.0129  -0.0082 210 TRP A CE2 
454 C  CE3 . TRP A 77 ? 0.1909 0.1689 0.1679 -0.0181 0.0130  -0.0091 210 TRP A CE3 
455 C  CZ2 . TRP A 77 ? 0.1754 0.1714 0.1632 -0.0110 0.0115  -0.0098 210 TRP A CZ2 
456 C  CZ3 . TRP A 77 ? 0.1882 0.1744 0.1706 -0.0187 0.0113  -0.0107 210 TRP A CZ3 
457 C  CH2 . TRP A 77 ? 0.1849 0.1800 0.1729 -0.0147 0.0106  -0.0108 210 TRP A CH2 
458 N  N   . GLU A 78 ? 0.2512 0.1963 0.2061 -0.0309 0.0187  -0.0008 211 GLU A N   
459 C  CA  . GLU A 78 ? 0.2598 0.1894 0.2057 -0.0360 0.0195  0.0007  211 GLU A CA  
460 C  C   . GLU A 78 ? 0.3018 0.2186 0.2422 -0.0355 0.0184  -0.0024 211 GLU A C   
461 O  O   . GLU A 78 ? 0.2828 0.2067 0.2278 -0.0353 0.0170  -0.0058 211 GLU A O   
462 C  CB  . GLU A 78 ? 0.2884 0.2243 0.2365 -0.0463 0.0207  0.0020  211 GLU A CB  
463 C  CG  . GLU A 78 ? 0.4469 0.3896 0.3959 -0.0475 0.0232  0.0059  211 GLU A CG  
464 C  CD  . GLU A 78 ? 0.6790 0.6315 0.6318 -0.0569 0.0252  0.0079  211 GLU A CD  
465 O  OE1 . GLU A 78 ? 0.4124 0.3644 0.3658 -0.0646 0.0240  0.0070  211 GLU A OE1 
466 O  OE2 . GLU A 78 ? 0.6914 0.6525 0.6462 -0.0569 0.0280  0.0105  211 GLU A OE2 
467 N  N   . PRO A 79 ? 0.2779 0.1749 0.2075 -0.0350 0.0193  -0.0013 212 PRO A N   
468 C  CA  . PRO A 79 ? 0.2815 0.1640 0.2042 -0.0348 0.0191  -0.0051 212 PRO A CA  
469 C  C   . PRO A 79 ? 0.3317 0.2190 0.2557 -0.0454 0.0180  -0.0079 212 PRO A C   
470 O  O   . PRO A 79 ? 0.2988 0.1919 0.2246 -0.0541 0.0181  -0.0056 212 PRO A O   
471 C  CB  . PRO A 79 ? 0.3245 0.1839 0.2346 -0.0354 0.0206  -0.0024 212 PRO A CB  
472 C  CG  . PRO A 79 ? 0.3660 0.2295 0.2778 -0.0307 0.0210  0.0028  212 PRO A CG  
473 C  CD  . PRO A 79 ? 0.3003 0.1858 0.2226 -0.0346 0.0206  0.0035  212 PRO A CD  
474 N  N   . GLY A 80 ? 0.2999 0.1865 0.2231 -0.0448 0.0170  -0.0123 213 GLY A N   
475 C  CA  . GLY A 80 ? 0.3157 0.2086 0.2401 -0.0549 0.0151  -0.0148 213 GLY A CA  
476 C  C   . GLY A 80 ? 0.3196 0.2359 0.2569 -0.0537 0.0131  -0.0151 213 GLY A C   
477 O  O   . GLY A 80 ? 0.3081 0.2303 0.2465 -0.0591 0.0110  -0.0176 213 GLY A O   
478 N  N   . ASP A 81 ? 0.2597 0.1893 0.2064 -0.0469 0.0136  -0.0125 214 ASP A N   
479 C  CA  . ASP A 81 ? 0.2176 0.1665 0.1754 -0.0445 0.0121  -0.0129 214 ASP A CA  
480 C  C   . ASP A 81 ? 0.2635 0.2109 0.2200 -0.0396 0.0108  -0.0164 214 ASP A C   
481 O  O   . ASP A 81 ? 0.2260 0.1615 0.1761 -0.0336 0.0121  -0.0179 214 ASP A O   
482 C  CB  . ASP A 81 ? 0.2355 0.1946 0.2005 -0.0378 0.0132  -0.0103 214 ASP A CB  
483 C  CG  . ASP A 81 ? 0.2640 0.2313 0.2334 -0.0415 0.0149  -0.0069 214 ASP A CG  
484 O  OD1 . ASP A 81 ? 0.2270 0.1977 0.1973 -0.0498 0.0147  -0.0059 214 ASP A OD1 
485 O  OD2 . ASP A 81 ? 0.2353 0.2068 0.2070 -0.0362 0.0162  -0.0052 214 ASP A OD2 
486 N  N   . ARG A 82 ? 0.2189 0.1798 0.1819 -0.0415 0.0085  -0.0173 215 ARG A N   
487 C  CA  . ARG A 82 ? 0.2090 0.1718 0.1718 -0.0370 0.0075  -0.0198 215 ARG A CA  
488 C  C   . ARG A 82 ? 0.1984 0.1761 0.1716 -0.0316 0.0068  -0.0178 215 ARG A C   
489 O  O   . ARG A 82 ? 0.1772 0.1666 0.1579 -0.0343 0.0059  -0.0155 215 ARG A O   
490 C  CB  . ARG A 82 ? 0.2069 0.1711 0.1665 -0.0445 0.0050  -0.0222 215 ARG A CB  
491 C  CG  . ARG A 82 ? 0.3344 0.2792 0.2803 -0.0481 0.0061  -0.0259 215 ARG A CG  
492 C  CD  . ARG A 82 ? 0.4268 0.3633 0.3674 -0.0397 0.0083  -0.0288 215 ARG A CD  
493 N  NE  . ARG A 82 ? 0.7092 0.6253 0.6387 -0.0374 0.0114  -0.0307 215 ARG A NE  
494 C  CZ  . ARG A 82 ? 0.9213 0.8310 0.8511 -0.0301 0.0138  -0.0286 215 ARG A CZ  
495 N  NH1 . ARG A 82 ? 0.5804 0.5027 0.5201 -0.0254 0.0133  -0.0249 215 ARG A NH1 
496 N  NH2 . ARG A 82 ? 0.9529 0.8431 0.8722 -0.0273 0.0165  -0.0302 215 ARG A NH2 
497 N  N   . ALA A 83 ? 0.1599 0.1372 0.1335 -0.0244 0.0074  -0.0183 216 ALA A N   
498 C  CA  . ALA A 83 ? 0.1734 0.1620 0.1549 -0.0199 0.0066  -0.0167 216 ALA A CA  
499 C  C   . ALA A 83 ? 0.2224 0.2223 0.2096 -0.0227 0.0042  -0.0162 216 ALA A C   
500 O  O   . ALA A 83 ? 0.1768 0.1857 0.1710 -0.0223 0.0039  -0.0141 216 ALA A O   
501 C  CB  . ALA A 83 ? 0.1997 0.1866 0.1797 -0.0137 0.0071  -0.0175 216 ALA A CB  
502 N  N   . TRP A 84 ? 0.2369 0.2360 0.2206 -0.0258 0.0026  -0.0182 217 TRP A N   
503 C  CA  . TRP A 84 ? 0.2184 0.2286 0.2069 -0.0287 -0.0005 -0.0170 217 TRP A CA  
504 C  C   . TRP A 84 ? 0.2396 0.2584 0.2341 -0.0336 -0.0017 -0.0145 217 TRP A C   
505 O  O   . TRP A 84 ? 0.1743 0.2046 0.1771 -0.0319 -0.0030 -0.0118 217 TRP A O   
506 C  CB  . TRP A 84 ? 0.2159 0.2224 0.1971 -0.0322 -0.0021 -0.0196 217 TRP A CB  
507 C  CG  . TRP A 84 ? 0.2250 0.2430 0.2104 -0.0343 -0.0056 -0.0178 217 TRP A CG  
508 C  CD1 . TRP A 84 ? 0.2568 0.2836 0.2456 -0.0403 -0.0088 -0.0158 217 TRP A CD1 
509 C  CD2 . TRP A 84 ? 0.2141 0.2366 0.2011 -0.0307 -0.0066 -0.0169 217 TRP A CD2 
510 N  NE1 . TRP A 84 ? 0.2376 0.2738 0.2298 -0.0398 -0.0120 -0.0136 217 TRP A NE1 
511 C  CE2 . TRP A 84 ? 0.2559 0.2884 0.2462 -0.0341 -0.0106 -0.0144 217 TRP A CE2 
512 C  CE3 . TRP A 84 ? 0.2301 0.2495 0.2154 -0.0252 -0.0048 -0.0177 217 TRP A CE3 
513 C  CZ2 . TRP A 84 ? 0.2467 0.2844 0.2379 -0.0322 -0.0126 -0.0124 217 TRP A CZ2 
514 C  CZ3 . TRP A 84 ? 0.2504 0.2754 0.2367 -0.0242 -0.0066 -0.0162 217 TRP A CZ3 
515 C  CH2 . TRP A 84 ? 0.2524 0.2856 0.2412 -0.0276 -0.0104 -0.0135 217 TRP A CH2 
516 N  N   . SER A 85 ? 0.2119 0.2250 0.2019 -0.0398 -0.0012 -0.0154 218 SER A N   
517 C  CA  . SER A 85 ? 0.2200 0.2422 0.2154 -0.0461 -0.0023 -0.0129 218 SER A CA  
518 C  C   . SER A 85 ? 0.2458 0.2760 0.2500 -0.0422 0.0001  -0.0099 218 SER A C   
519 O  O   . SER A 85 ? 0.2338 0.2788 0.2476 -0.0426 -0.0010 -0.0069 218 SER A O   
520 C  CB  . SER A 85 ? 0.3052 0.3169 0.2917 -0.0545 -0.0022 -0.0147 218 SER A CB  
521 O  OG  . SER A 85 ? 0.5725 0.5927 0.5645 -0.0606 -0.0022 -0.0118 218 SER A OG  
522 N  N   . GLU A 86 ? 0.1892 0.2105 0.1901 -0.0380 0.0034  -0.0104 219 GLU A N   
523 C  CA  . GLU A 86 ? 0.1874 0.2150 0.1943 -0.0343 0.0061  -0.0081 219 GLU A CA  
524 C  C   . GLU A 86 ? 0.2120 0.2488 0.2263 -0.0277 0.0057  -0.0071 219 GLU A C   
525 O  O   . GLU A 86 ? 0.2120 0.2592 0.2340 -0.0260 0.0072  -0.0049 219 GLU A O   
526 C  CB  . GLU A 86 ? 0.1975 0.2132 0.1978 -0.0312 0.0091  -0.0087 219 GLU A CB  
527 C  CG  . GLU A 86 ? 0.2960 0.3013 0.2889 -0.0370 0.0101  -0.0087 219 GLU A CG  
528 C  CD  . GLU A 86 ? 0.2764 0.2903 0.2737 -0.0440 0.0110  -0.0061 219 GLU A CD  
529 O  OE1 . GLU A 86 ? 0.2063 0.2271 0.2081 -0.0419 0.0137  -0.0040 219 GLU A OE1 
530 O  OE2 . GLU A 86 ? 0.2601 0.2755 0.2569 -0.0517 0.0089  -0.0063 219 GLU A OE2 
531 N  N   . HIS A 87 ? 0.1291 0.1612 0.1403 -0.0240 0.0042  -0.0087 220 HIS A N   
532 C  CA  . HIS A 87 ? 0.1229 0.1601 0.1389 -0.0183 0.0036  -0.0079 220 HIS A CA  
533 C  C   . HIS A 87 ? 0.1828 0.2330 0.2072 -0.0194 0.0014  -0.0052 220 HIS A C   
534 O  O   . HIS A 87 ? 0.1641 0.2213 0.1952 -0.0155 0.0028  -0.0033 220 HIS A O   
535 C  CB  . HIS A 87 ? 0.1212 0.1514 0.1315 -0.0162 0.0021  -0.0098 220 HIS A CB  
536 C  CG  . HIS A 87 ? 0.1543 0.1866 0.1672 -0.0115 0.0014  -0.0091 220 HIS A CG  
537 N  ND1 . HIS A 87 ? 0.1834 0.2109 0.1921 -0.0098 0.0006  -0.0102 220 HIS A ND1 
538 C  CD2 . HIS A 87 ? 0.1594 0.1971 0.1781 -0.0082 0.0018  -0.0072 220 HIS A CD2 
539 C  CE1 . HIS A 87 ? 0.1779 0.2071 0.1891 -0.0066 0.0001  -0.0090 220 HIS A CE1 
540 N  NE2 . HIS A 87 ? 0.1765 0.2106 0.1933 -0.0051 0.0008  -0.0073 220 HIS A NE2 
541 N  N   . ARG A 88 ? 0.1865 0.2394 0.2098 -0.0246 -0.0019 -0.0052 221 ARG A N   
542 C  CA  . ARG A 88 ? 0.1914 0.2578 0.2222 -0.0266 -0.0052 -0.0021 221 ARG A CA  
543 C  C   . ARG A 88 ? 0.2107 0.2898 0.2506 -0.0285 -0.0041 0.0010  221 ARG A C   
544 O  O   . ARG A 88 ? 0.1963 0.2875 0.2458 -0.0247 -0.0045 0.0044  221 ARG A O   
545 C  CB  . ARG A 88 ? 0.2520 0.3170 0.2769 -0.0332 -0.0091 -0.0032 221 ARG A CB  
546 C  CG  . ARG A 88 ? 0.3620 0.4418 0.3934 -0.0376 -0.0134 0.0003  221 ARG A CG  
547 C  CD  . ARG A 88 ? 0.3886 0.4754 0.4252 -0.0319 -0.0159 0.0036  221 ARG A CD  
548 N  NE  . ARG A 88 ? 0.3639 0.4665 0.4075 -0.0357 -0.0204 0.0079  221 ARG A NE  
549 C  CZ  . ARG A 88 ? 0.4595 0.5743 0.5136 -0.0303 -0.0220 0.0129  221 ARG A CZ  
550 N  NH1 . ARG A 88 ? 0.1856 0.2961 0.2426 -0.0210 -0.0191 0.0136  221 ARG A NH1 
551 N  NH2 . ARG A 88 ? 0.2617 0.3926 0.3227 -0.0340 -0.0266 0.0175  221 ARG A NH2 
552 N  N   . ARG A 89 ? 0.1660 0.2424 0.2032 -0.0342 -0.0022 0.0000  222 ARG A N   
553 C  CA  . ARG A 89 ? 0.1854 0.2753 0.2313 -0.0372 -0.0008 0.0031  222 ARG A CA  
554 C  C   . ARG A 89 ? 0.2091 0.3038 0.2616 -0.0291 0.0040  0.0045  222 ARG A C   
555 O  O   . ARG A 89 ? 0.2069 0.3177 0.2706 -0.0275 0.0048  0.0080  222 ARG A O   
556 C  CB  . ARG A 89 ? 0.2400 0.3245 0.2798 -0.0466 -0.0002 0.0021  222 ARG A CB  
557 C  CG  . ARG A 89 ? 0.4048 0.4778 0.4388 -0.0454 0.0046  0.0006  222 ARG A CG  
558 C  CD  . ARG A 89 ? 0.5429 0.6137 0.5729 -0.0556 0.0051  0.0012  222 ARG A CD  
559 N  NE  . ARG A 89 ? 0.6234 0.6792 0.6447 -0.0548 0.0088  -0.0001 222 ARG A NE  
560 C  CZ  . ARG A 89 ? 0.6924 0.7520 0.7159 -0.0558 0.0129  0.0021  222 ARG A CZ  
561 N  NH1 . ARG A 89 ? 0.4302 0.5089 0.4651 -0.0573 0.0142  0.0054  222 ARG A NH1 
562 N  NH2 . ARG A 89 ? 0.4204 0.4656 0.4349 -0.0549 0.0156  0.0013  222 ARG A NH2 
563 N  N   . HIS A 90 ? 0.1475 0.2293 0.1934 -0.0237 0.0070  0.0019  223 HIS A N   
564 C  CA  . HIS A 90 ? 0.1623 0.2460 0.2116 -0.0165 0.0116  0.0022  223 HIS A CA  
565 C  C   . HIS A 90 ? 0.1767 0.2618 0.2299 -0.0085 0.0111  0.0028  223 HIS A C   
566 O  O   . HIS A 90 ? 0.1778 0.2687 0.2367 -0.0026 0.0146  0.0040  223 HIS A O   
567 C  CB  . HIS A 90 ? 0.1814 0.2511 0.2210 -0.0158 0.0147  -0.0005 223 HIS A CB  
568 C  CG  . HIS A 90 ? 0.2346 0.3025 0.2707 -0.0230 0.0162  -0.0001 223 HIS A CG  
569 N  ND1 . HIS A 90 ? 0.2567 0.3373 0.2998 -0.0268 0.0185  0.0026  223 HIS A ND1 
570 C  CD2 . HIS A 90 ? 0.2513 0.3058 0.2775 -0.0268 0.0156  -0.0017 223 HIS A CD2 
571 C  CE1 . HIS A 90 ? 0.2516 0.3249 0.2879 -0.0336 0.0191  0.0025  223 HIS A CE1 
572 N  NE2 . HIS A 90 ? 0.2623 0.3190 0.2881 -0.0332 0.0175  -0.0001 223 HIS A NE2 
573 N  N   . PHE A 91 ? 0.1328 0.2119 0.1823 -0.0082 0.0071  0.0020  224 PHE A N   
574 C  CA  . PHE A 91 ? 0.1290 0.2071 0.1806 -0.0013 0.0063  0.0029  224 PHE A CA  
575 C  C   . PHE A 91 ? 0.1754 0.2612 0.2310 -0.0029 0.0011  0.0058  224 PHE A C   
576 O  O   . PHE A 91 ? 0.1637 0.2421 0.2134 -0.0038 -0.0020 0.0048  224 PHE A O   
577 C  CB  . PHE A 91 ? 0.1502 0.2129 0.1921 0.0015  0.0070  -0.0003 224 PHE A CB  
578 C  CG  . PHE A 91 ? 0.1748 0.2312 0.2122 0.0025  0.0115  -0.0026 224 PHE A CG  
579 C  CD1 . PHE A 91 ? 0.2193 0.2779 0.2595 0.0076  0.0158  -0.0024 224 PHE A CD1 
580 C  CD2 . PHE A 91 ? 0.1965 0.2450 0.2263 -0.0015 0.0115  -0.0047 224 PHE A CD2 
581 C  CE1 . PHE A 91 ? 0.2243 0.2774 0.2588 0.0079  0.0200  -0.0045 224 PHE A CE1 
582 C  CE2 . PHE A 91 ? 0.2254 0.2689 0.2505 -0.0010 0.0152  -0.0062 224 PHE A CE2 
583 C  CZ  . PHE A 91 ? 0.2118 0.2579 0.2389 0.0032  0.0193  -0.0060 224 PHE A CZ  
584 N  N   . PRO A 92 ? 0.1522 0.2541 0.2184 -0.0036 -0.0001 0.0097  225 PRO A N   
585 C  CA  . PRO A 92 ? 0.1444 0.2548 0.2141 -0.0057 -0.0060 0.0132  225 PRO A CA  
586 C  C   . PRO A 92 ? 0.1971 0.3042 0.2675 0.0017  -0.0075 0.0153  225 PRO A C   
587 O  O   . PRO A 92 ? 0.1988 0.3108 0.2701 -0.0001 -0.0125 0.0183  225 PRO A O   
588 C  CB  . PRO A 92 ? 0.1517 0.2822 0.2339 -0.0073 -0.0063 0.0176  225 PRO A CB  
589 C  CG  . PRO A 92 ? 0.1992 0.3317 0.2863 -0.0012 0.0001  0.0173  225 PRO A CG  
590 C  CD  . PRO A 92 ? 0.1616 0.2764 0.2369 -0.0028 0.0035  0.0119  225 PRO A CD  
591 N  N   . ASN A 93 ? 0.1652 0.2636 0.2344 0.0093  -0.0034 0.0142  226 ASN A N   
592 C  CA  . ASN A 93 ? 0.1707 0.2621 0.2387 0.0159  -0.0045 0.0160  226 ASN A CA  
593 C  C   . ASN A 93 ? 0.2021 0.2787 0.2584 0.0127  -0.0063 0.0128  226 ASN A C   
594 O  O   . ASN A 93 ? 0.2061 0.2770 0.2598 0.0154  -0.0085 0.0148  226 ASN A O   
595 C  CB  . ASN A 93 ? 0.1317 0.2173 0.2012 0.0249  0.0010  0.0153  226 ASN A CB  
596 C  CG  . ASN A 93 ? 0.2678 0.3427 0.3296 0.0236  0.0057  0.0099  226 ASN A CG  
597 O  OD1 . ASN A 93 ? 0.1927 0.2729 0.2555 0.0194  0.0076  0.0084  226 ASN A OD1 
598 N  ND2 . ASN A 93 ? 0.1549 0.2140 0.2076 0.0257  0.0067  0.0070  226 ASN A ND2 
599 N  N   . CYS A 94 ? 0.1527 0.2232 0.2020 0.0073  -0.0052 0.0085  227 CYS A N   
600 C  CA  . CYS A 94 ? 0.1334 0.1921 0.1730 0.0049  -0.0062 0.0058  227 CYS A CA  
601 C  C   . CYS A 94 ? 0.1631 0.2237 0.1999 0.0012  -0.0110 0.0076  227 CYS A C   
602 O  O   . CYS A 94 ? 0.1467 0.2137 0.1836 -0.0042 -0.0133 0.0075  227 CYS A O   
603 C  CB  . CYS A 94 ? 0.1318 0.1849 0.1656 0.0012  -0.0040 0.0015  227 CYS A CB  
604 S  SG  . CYS A 94 ? 0.1626 0.2049 0.1865 -0.0011 -0.0050 -0.0013 227 CYS A SG  
605 N  N   . PHE A 95 ? 0.1625 0.2161 0.1952 0.0032  -0.0124 0.0088  228 PHE A N   
606 C  CA  . PHE A 95 ? 0.1591 0.2141 0.1881 -0.0004 -0.0165 0.0109  228 PHE A CA  
607 C  C   . PHE A 95 ? 0.1990 0.2513 0.2206 -0.0063 -0.0165 0.0070  228 PHE A C   
608 O  O   . PHE A 95 ? 0.1586 0.2146 0.1770 -0.0105 -0.0195 0.0079  228 PHE A O   
609 C  CB  . PHE A 95 ? 0.1741 0.2218 0.2002 0.0027  -0.0177 0.0137  228 PHE A CB  
610 C  CG  . PHE A 95 ? 0.1862 0.2216 0.2061 0.0035  -0.0150 0.0107  228 PHE A CG  
611 C  CD1 . PHE A 95 ? 0.1744 0.2066 0.1877 -0.0012 -0.0149 0.0080  228 PHE A CD1 
612 C  CD2 . PHE A 95 ? 0.1923 0.2199 0.2129 0.0087  -0.0127 0.0108  228 PHE A CD2 
613 C  CE1 . PHE A 95 ? 0.1845 0.2079 0.1930 -0.0013 -0.0131 0.0060  228 PHE A CE1 
614 C  CE2 . PHE A 95 ? 0.2254 0.2420 0.2392 0.0080  -0.0109 0.0080  228 PHE A CE2 
615 C  CZ  . PHE A 95 ? 0.1943 0.2099 0.2027 0.0026  -0.0115 0.0061  228 PHE A CZ  
616 N  N   . PHE A 96 ? 0.1690 0.2147 0.1873 -0.0063 -0.0131 0.0029  229 PHE A N   
617 C  CA  . PHE A 96 ? 0.1765 0.2190 0.1882 -0.0101 -0.0124 -0.0006 229 PHE A CA  
618 C  C   . PHE A 96 ? 0.2200 0.2660 0.2304 -0.0145 -0.0128 -0.0023 229 PHE A C   
619 O  O   . PHE A 96 ? 0.2055 0.2510 0.2101 -0.0182 -0.0140 -0.0036 229 PHE A O   
620 C  CB  . PHE A 96 ? 0.1993 0.2348 0.2085 -0.0082 -0.0090 -0.0035 229 PHE A CB  
621 C  CG  . PHE A 96 ? 0.2170 0.2497 0.2203 -0.0102 -0.0082 -0.0061 229 PHE A CG  
622 C  CD1 . PHE A 96 ? 0.2451 0.2777 0.2450 -0.0112 -0.0092 -0.0051 229 PHE A CD1 
623 C  CD2 . PHE A 96 ? 0.2204 0.2505 0.2214 -0.0107 -0.0060 -0.0091 229 PHE A CD2 
624 C  CE1 . PHE A 96 ? 0.2729 0.3049 0.2684 -0.0123 -0.0077 -0.0072 229 PHE A CE1 
625 C  CE2 . PHE A 96 ? 0.2644 0.2925 0.2606 -0.0112 -0.0047 -0.0112 229 PHE A CE2 
626 C  CZ  . PHE A 96 ? 0.2609 0.2908 0.2548 -0.0117 -0.0053 -0.0104 229 PHE A CZ  
627 N  N   . VAL A 97 ? 0.1891 0.2382 0.2042 -0.0146 -0.0119 -0.0023 230 VAL A N   
628 C  CA  . VAL A 97 ? 0.1774 0.2284 0.1905 -0.0200 -0.0124 -0.0040 230 VAL A CA  
629 C  C   . VAL A 97 ? 0.2211 0.2832 0.2390 -0.0236 -0.0164 -0.0007 230 VAL A C   
630 O  O   . VAL A 97 ? 0.2133 0.2777 0.2293 -0.0296 -0.0174 -0.0017 230 VAL A O   
631 C  CB  . VAL A 97 ? 0.1951 0.2424 0.2090 -0.0198 -0.0090 -0.0060 230 VAL A CB  
632 C  CG1 . VAL A 97 ? 0.1832 0.2202 0.1910 -0.0175 -0.0061 -0.0091 230 VAL A CG1 
633 C  CG2 . VAL A 97 ? 0.1776 0.2304 0.1999 -0.0159 -0.0074 -0.0036 230 VAL A CG2 
634 N  N   . LEU A 98 ? 0.1663 0.2351 0.1899 -0.0203 -0.0187 0.0036  231 LEU A N   
635 C  CA  . LEU A 98 ? 0.2335 0.3151 0.2635 -0.0220 -0.0228 0.0082  231 LEU A CA  
636 C  C   . LEU A 98 ? 0.2108 0.2953 0.2342 -0.0299 -0.0269 0.0078  231 LEU A C   
637 O  O   . LEU A 98 ? 0.2092 0.3037 0.2360 -0.0350 -0.0297 0.0095  231 LEU A O   
638 C  CB  . LEU A 98 ? 0.2431 0.3276 0.2785 -0.0154 -0.0241 0.0130  231 LEU A CB  
639 C  CG  . LEU A 98 ? 0.3181 0.4167 0.3623 -0.0144 -0.0283 0.0191  231 LEU A CG  
640 C  CD1 . LEU A 98 ? 0.3178 0.4261 0.3735 -0.0109 -0.0260 0.0209  231 LEU A CD1 
641 C  CD2 . LEU A 98 ? 0.3734 0.4697 0.4185 -0.0085 -0.0300 0.0235  231 LEU A CD2 
642 O  OXT . LEU A 98 ? 0.2840 0.3611 0.2982 -0.0313 -0.0271 0.0056  231 LEU A OXT 
643 N  N   . MAA B 1  ? 0.2975 0.2968 0.2844 -0.0387 0.0192  -0.0020 1   MAA B N   
644 C  CM  . MAA B 1  ? 0.2725 0.2707 0.2568 -0.0454 0.0217  0.0008  1   MAA B CM  
645 C  CA  . MAA B 1  ? 0.2413 0.2450 0.2307 -0.0310 0.0201  -0.0024 1   MAA B CA  
646 C  CB  . MAA B 1  ? 0.3281 0.3302 0.3182 -0.0258 0.0172  -0.0050 1   MAA B CB  
647 C  C   . MAA B 1  ? 0.2575 0.2767 0.2558 -0.0304 0.0224  -0.0015 1   MAA B C   
648 O  O   . MAA B 1  ? 0.2526 0.2823 0.2581 -0.0345 0.0222  -0.0006 1   MAA B O   
649 H  H   . MAA B 1  ? 0.2999 0.3062 0.2918 -0.0407 0.0176  -0.0028 1   MAA B H   
650 H  HM1 . MAA B 1  ? 0.2751 0.2787 0.2626 -0.0515 0.0209  0.0012  1   MAA B HM1 
651 H  HM2 . MAA B 1  ? 0.2664 0.2714 0.2530 -0.0443 0.0244  0.0025  1   MAA B HM2 
652 H  HM3 . MAA B 1  ? 0.2621 0.2467 0.2379 -0.0464 0.0217  0.0013  1   MAA B HM3 
653 H  HA  . MAA B 1  ? 0.2270 0.2236 0.2105 -0.0296 0.0214  -0.0014 1   MAA B HA  
654 H  HB1 . MAA B 1  ? 0.3224 0.3188 0.3085 -0.0217 0.0171  -0.0053 1   MAA B HB1 
655 H  HB2 . MAA B 1  ? 0.3429 0.3405 0.3312 -0.0281 0.0154  -0.0061 1   MAA B HB2 
656 H  HB3 . MAA B 1  ? 0.3263 0.3374 0.3228 -0.0237 0.0169  -0.0055 1   MAA B HB3 
657 C  CD  . LPH B 2  ? 0.3268 0.3533 0.3205 -0.0401 0.0333  0.0055  2   LPH B CD  
658 C  CG  . LPH B 2  ? 0.3206 0.3496 0.3166 -0.0332 0.0332  0.0035  2   LPH B CG  
659 C  CB  . LPH B 2  ? 0.2475 0.2790 0.2461 -0.0252 0.0330  0.0008  2   LPH B CB  
660 C  CA  . LPH B 2  ? 0.2292 0.2623 0.2334 -0.0238 0.0286  -0.0008 2   LPH B CA  
661 N  N   . LPH B 2  ? 0.2203 0.2409 0.2178 -0.0253 0.0249  -0.0016 2   LPH B N   
662 C  C   . LPH B 2  ? 0.2370 0.2713 0.2433 -0.0165 0.0281  -0.0031 2   LPH B C   
663 O  O   . LPH B 2  ? 0.2279 0.2531 0.2271 -0.0134 0.0271  -0.0044 2   LPH B O   
664 H  H1  . LPH B 2  ? 0.3289 0.3524 0.3201 -0.0468 0.0335  0.0075  2   LPH B H1  
665 H  H4  . LPH B 2  ? 0.2340 0.2746 0.2372 -0.0233 0.0363  0.0010  2   LPH B H4  
666 H  H3  . LPH B 2  ? 0.2528 0.2757 0.2440 -0.0225 0.0327  0.0002  2   LPH B H3  
667 H  HA  . LPH B 2  ? 0.2135 0.2557 0.2244 -0.0273 0.0287  0.0004  2   LPH B HA  
668 H  H   . LPH B 2  ? 0.2249 0.2382 0.2170 -0.0222 0.0243  -0.0022 2   LPH B H   
669 N  N   . PRO B 3  ? 0.2680 0.3132 0.2834 -0.0137 0.0286  -0.0030 3   PRO B N   
670 C  CA  . PRO B 3  ? 0.2221 0.2664 0.2381 -0.0069 0.0289  -0.0049 3   PRO B CA  
671 C  C   . PRO B 3  ? 0.2779 0.3205 0.2893 -0.0036 0.0339  -0.0059 3   PRO B C   
672 O  O   . PRO B 3  ? 0.3400 0.3876 0.3515 -0.0060 0.0380  -0.0044 3   PRO B O   
673 C  CB  . PRO B 3  ? 0.1824 0.2389 0.2099 -0.0051 0.0282  -0.0036 3   PRO B CB  
674 C  CG  . PRO B 3  ? 0.2213 0.2896 0.2551 -0.0102 0.0303  -0.0008 3   PRO B CG  
675 C  CD  . PRO B 3  ? 0.2644 0.3235 0.2899 -0.0171 0.0290  -0.0007 3   PRO B CD  
676 H  HA  . PRO B 3  ? 0.2350 0.2716 0.2468 -0.0062 0.0258  -0.0062 3   PRO B HA  
677 H  HB2 . PRO B 3  ? 0.1897 0.2476 0.2190 0.0004  0.0302  -0.0043 3   PRO B HB2 
678 H  HB3 . PRO B 3  ? 0.1838 0.2388 0.2122 -0.0057 0.0242  -0.0038 3   PRO B HB3 
679 H  HG2 . PRO B 3  ? 0.2210 0.2951 0.2571 -0.0080 0.0347  -0.0003 3   PRO B HG2 
680 H  HG3 . PRO B 3  ? 0.2154 0.2927 0.2569 -0.0115 0.0281  0.0008  3   PRO B HG3 
681 H  HD2 . PRO B 3  ? 0.2570 0.3205 0.2832 -0.0205 0.0320  0.0009  3   PRO B HD2 
682 H  HD3 . PRO B 3  ? 0.2565 0.3149 0.2828 -0.0210 0.0254  -0.0004 3   PRO B HD3 
683 N  N   . PHE B 4  ? 0.2594 0.2949 0.2659 0.0011  0.0337  -0.0083 4   PHE B N   
684 C  CA  . PHE B 4  ? 0.2342 0.2666 0.2346 0.0042  0.0385  -0.0100 4   PHE B CA  
685 C  C   . PHE B 4  ? 0.2497 0.2755 0.2470 0.0095  0.0379  -0.0128 4   PHE B C   
686 O  O   . PHE B 4  ? 0.1933 0.2163 0.1928 0.0101  0.0336  -0.0130 4   PHE B O   
687 C  CB  . PHE B 4  ? 0.1887 0.2133 0.1777 0.0007  0.0389  -0.0100 4   PHE B CB  
688 C  CG  . PHE B 4  ? 0.2346 0.2492 0.2167 0.0003  0.0338  -0.0111 4   PHE B CG  
689 C  CD1 . PHE B 4  ? 0.2603 0.2675 0.2333 0.0021  0.0338  -0.0134 4   PHE B CD1 
690 C  CD2 . PHE B 4  ? 0.1810 0.1942 0.1654 -0.0019 0.0291  -0.0097 4   PHE B CD2 
691 C  CE1 . PHE B 4  ? 0.2525 0.2533 0.2206 0.0013  0.0289  -0.0139 4   PHE B CE1 
692 C  CE2 . PHE B 4  ? 0.1903 0.1967 0.1697 -0.0015 0.0249  -0.0104 4   PHE B CE2 
693 C  CZ  . PHE B 4  ? 0.2009 0.2023 0.1728 -0.0001 0.0246  -0.0121 4   PHE B CZ  
694 H  H   . PHE B 4  ? 0.2518 0.2833 0.2578 0.0022  0.0303  -0.0092 4   PHE B H   
695 H  HA  . PHE B 4  ? 0.2392 0.2799 0.2444 0.0050  0.0426  -0.0091 4   PHE B HA  
696 H  HB2 . PHE B 4  ? 0.1768 0.2005 0.1609 0.0021  0.0429  -0.0111 4   PHE B HB2 
697 H  HB3 . PHE B 4  ? 0.2034 0.2311 0.1939 -0.0032 0.0390  -0.0078 4   PHE B HB3 
698 H  HD1 . PHE B 4  ? 0.2565 0.2632 0.2259 0.0039  0.0379  -0.0150 4   PHE B HD1 
699 H  HD2 . PHE B 4  ? 0.1658 0.1834 0.1557 -0.0041 0.0287  -0.0083 4   PHE B HD2 
700 H  HE1 . PHE B 4  ? 0.2594 0.2550 0.2201 0.0018  0.0287  -0.0157 4   PHE B HE1 
701 H  HE2 . PHE B 4  ? 0.1799 0.1855 0.1612 -0.0026 0.0219  -0.0096 4   PHE B HE2 
702 H  HZ  . PHE B 4  ? 0.1772 0.1753 0.1459 -0.0005 0.0213  -0.0121 4   PHE B HZ  
703 C  C   . 4LZ B 5  ? 0.4202 0.4245 0.3941 0.0175  0.0463  -0.0213 5   4LZ B C   
704 N  N   . 4LZ B 5  ? 0.3105 0.3330 0.3022 0.0128  0.0429  -0.0151 5   4LZ B N   
705 O  O   . 4LZ B 5  ? 0.4347 0.4285 0.3999 0.0163  0.0432  -0.0234 5   4LZ B O   
706 N  N6  . 4LZ B 5  ? 0.6543 0.7448 0.7100 -0.0006 0.0263  0.0024  5   4LZ B N6  
707 N  N7  . 4LZ B 5  ? 0.6824 0.7836 0.7435 -0.0067 0.0260  0.0049  5   4LZ B N7  
708 N  N8  . 4LZ B 5  ? 0.6819 0.7931 0.7478 -0.0129 0.0255  0.0071  5   4LZ B N8  
709 C  CA  . 4LZ B 5  ? 0.3350 0.3500 0.3234 0.0181  0.0438  -0.0180 5   4LZ B CA  
710 C  CB  . 4LZ B 5  ? 0.3379 0.3614 0.3362 0.0244  0.0485  -0.0174 5   4LZ B CB  
711 C  CG  . 4LZ B 5  ? 0.4124 0.4493 0.4248 0.0237  0.0458  -0.0134 5   4LZ B CG  
712 O  OH  . 4LZ B 5  ? 0.5293 0.6004 0.5741 0.0164  0.0348  -0.0031 5   4LZ B OH  
713 C  CZ  . 4LZ B 5  ? 0.4915 0.5520 0.5266 0.0191  0.0388  -0.0063 5   4LZ B CZ  
714 C  C31 . 4LZ B 5  ? 0.6004 0.6857 0.6527 0.0114  0.0359  -0.0002 5   4LZ B C31 
715 C  C32 . 4LZ B 5  ? 0.6327 0.7277 0.6937 0.0084  0.0304  0.0028  5   4LZ B C32 
716 C  CD1 . 4LZ B 5  ? 0.4518 0.4877 0.4691 0.0249  0.0406  -0.0123 5   4LZ B CD1 
717 C  CD2 . 4LZ B 5  ? 0.4524 0.5027 0.4723 0.0204  0.0477  -0.0105 5   4LZ B CD2 
718 C  CE1 . 4LZ B 5  ? 0.4677 0.5153 0.4960 0.0229  0.0373  -0.0088 5   4LZ B CE1 
719 C  CE2 . 4LZ B 5  ? 0.4541 0.5160 0.4854 0.0178  0.0442  -0.0071 5   4LZ B CE2 
720 O  OXT . 4LZ B 5  ? 0.4654 0.4738 0.4368 0.0169  0.0516  -0.0211 5   4LZ B OXT 
721 H  H   . 4LZ B 5  ? 0.3139 0.3380 0.3024 0.0118  0.0465  -0.0149 5   4LZ B H   
722 H  HXT . 4LZ B 5  ? 0.4791 0.4806 0.4402 0.0162  0.0531  -0.0233 5   4LZ B HXT 
723 H  HA  . 4LZ B 5  ? 0.3321 0.3427 0.3205 0.0176  0.0393  -0.0182 5   4LZ B HA  
724 H  HB  . 4LZ B 5  ? 0.3414 0.3685 0.3384 0.0257  0.0539  -0.0179 5   4LZ B HB  
725 H  HBA . 4LZ B 5  ? 0.3358 0.3516 0.3310 0.0287  0.0489  -0.0194 5   4LZ B HBA 
726 H  H31 . 4LZ B 5  ? 0.6039 0.6846 0.6501 0.0062  0.0360  -0.0010 5   4LZ B H31 
727 H  H32 . 4LZ B 5  ? 0.6076 0.7015 0.6651 0.0149  0.0406  0.0007  5   4LZ B H32 
728 H  H33 . 4LZ B 5  ? 0.6328 0.7235 0.6937 0.0120  0.0277  0.0025  5   4LZ B H33 
729 H  H34 . 4LZ B 5  ? 0.6276 0.7369 0.6986 0.0098  0.0320  0.0056  5   4LZ B H34 
730 H  HD1 . 4LZ B 5  ? 0.4493 0.4748 0.4608 0.0268  0.0390  -0.0142 5   4LZ B HD1 
731 H  HD2 . 4LZ B 5  ? 0.4531 0.5047 0.4693 0.0192  0.0519  -0.0109 5   4LZ B HD2 
732 H  HE1 . 4LZ B 5  ? 0.4568 0.5033 0.4877 0.0237  0.0334  -0.0079 5   4LZ B HE1 
733 H  HE2 . 4LZ B 5  ? 0.4388 0.5106 0.4748 0.0143  0.0458  -0.0049 5   4LZ B HE2 
734 ZN ZN  . ZN  C .  ? 0.1896 0.2233 0.2089 0.0003  0.0001  -0.0054 501 ZN  A ZN  
# 
loop_
_pdbx_poly_seq_scheme.asym_id 
_pdbx_poly_seq_scheme.entity_id 
_pdbx_poly_seq_scheme.seq_id 
_pdbx_poly_seq_scheme.mon_id 
_pdbx_poly_seq_scheme.ndb_seq_num 
_pdbx_poly_seq_scheme.pdb_seq_num 
_pdbx_poly_seq_scheme.auth_seq_num 
_pdbx_poly_seq_scheme.pdb_mon_id 
_pdbx_poly_seq_scheme.auth_mon_id 
_pdbx_poly_seq_scheme.pdb_strand_id 
_pdbx_poly_seq_scheme.pdb_ins_code 
_pdbx_poly_seq_scheme.hetero 
A 1 1  MET 1  -22 ?    ?   ?   A . n 
A 1 2  GLY 2  -21 ?    ?   ?   A . n 
A 1 3  SER 3  -20 ?    ?   ?   A . n 
A 1 4  SER 4  -19 ?    ?   ?   A . n 
A 1 5  HIS 5  -18 ?    ?   ?   A . n 
A 1 6  HIS 6  -17 ?    ?   ?   A . n 
A 1 7  HIS 7  -16 ?    ?   ?   A . n 
A 1 8  HIS 8  -15 ?    ?   ?   A . n 
A 1 9  HIS 9  -14 ?    ?   ?   A . n 
A 1 10 HIS 10 -13 ?    ?   ?   A . n 
A 1 11 SER 11 -12 ?    ?   ?   A . n 
A 1 12 SER 12 -11 ?    ?   ?   A . n 
A 1 13 GLY 13 -10 ?    ?   ?   A . n 
A 1 14 GLU 14 -9  ?    ?   ?   A . n 
A 1 15 THR 15 -8  ?    ?   ?   A . n 
A 1 16 VAL 16 -7  ?    ?   ?   A . n 
A 1 17 ARG 17 -6  ?    ?   ?   A . n 
A 1 18 PHE 18 -5  ?    ?   ?   A . n 
A 1 19 GLN 19 -4  ?    ?   ?   A . n 
A 1 20 GLY 20 -3  -3   GLY GLY A . n 
A 1 21 HIS 21 -2  -2   HIS HIS A . n 
A 1 22 MET 22 -1  -1   MET MET A . n 
A 1 23 ARG 23 156 156  ARG ARG A . n 
A 1 24 ASN 24 157 157  ASN ASN A . n 
A 1 25 PRO 25 158 158  PRO PRO A . n 
A 1 26 ALA 26 159 159  ALA ALA A . n 
A 1 27 MET 27 160 160  MET MET A . n 
A 1 28 TYR 28 161 161  TYR TYR A . n 
A 1 29 SER 29 162 162  SER SER A . n 
A 1 30 GLU 30 163 163  GLU GLU A . n 
A 1 31 GLU 31 164 164  GLU GLU A . n 
A 1 32 ALA 32 165 165  ALA ALA A . n 
A 1 33 ARG 33 166 166  ARG ARG A . n 
A 1 34 LEU 34 167 167  LEU LEU A . n 
A 1 35 LYS 35 168 168  LYS LYS A . n 
A 1 36 SER 36 169 169  SER SER A . n 
A 1 37 PHE 37 170 170  PHE PHE A . n 
A 1 38 GLN 38 171 171  GLN GLN A . n 
A 1 39 ASN 39 172 172  ASN ASN A . n 
A 1 40 TRP 40 173 173  TRP TRP A . n 
A 1 41 PRO 41 174 174  PRO PRO A . n 
A 1 42 ASP 42 175 175  ASP ASP A . n 
A 1 43 TYR 43 176 176  TYR TYR A . n 
A 1 44 ALA 44 177 177  ALA ALA A . n 
A 1 45 HIS 45 178 178  HIS HIS A . n 
A 1 46 LEU 46 179 179  LEU LEU A . n 
A 1 47 THR 47 180 180  THR THR A . n 
A 1 48 PRO 48 181 181  PRO PRO A . n 
A 1 49 ARG 49 182 182  ARG ARG A . n 
A 1 50 GLU 50 183 183  GLU GLU A . n 
A 1 51 LEU 51 184 184  LEU LEU A . n 
A 1 52 ALA 52 185 185  ALA ALA A . n 
A 1 53 SER 53 186 186  SER SER A . n 
A 1 54 ALA 54 187 187  ALA ALA A . n 
A 1 55 GLY 55 188 188  GLY GLY A . n 
A 1 56 LEU 56 189 189  LEU LEU A . n 
A 1 57 TYR 57 190 190  TYR TYR A . n 
A 1 58 TYR 58 191 191  TYR TYR A . n 
A 1 59 THR 59 192 192  THR THR A . n 
A 1 60 GLY 60 193 193  GLY GLY A . n 
A 1 61 ILE 61 194 194  ILE ILE A . n 
A 1 62 GLY 62 195 195  GLY GLY A . n 
A 1 63 ASP 63 196 196  ASP ASP A . n 
A 1 64 GLN 64 197 197  GLN GLN A . n 
A 1 65 VAL 65 198 198  VAL VAL A . n 
A 1 66 GLN 66 199 199  GLN GLN A . n 
A 1 67 CYS 67 200 200  CYS CYS A . n 
A 1 68 PHE 68 201 201  PHE PHE A . n 
A 1 69 ALA 69 202 202  ALA ALA A . n 
A 1 70 CYS 70 203 203  CYS CYS A . n 
A 1 71 GLY 71 204 204  GLY GLY A . n 
A 1 72 GLY 72 205 205  GLY GLY A . n 
A 1 73 LYS 73 206 206  LYS LYS A . n 
A 1 74 LEU 74 207 207  LEU LEU A . n 
A 1 75 LYS 75 208 208  LYS LYS A . n 
A 1 76 ASN 76 209 209  ASN ASN A . n 
A 1 77 TRP 77 210 210  TRP TRP A . n 
A 1 78 GLU 78 211 211  GLU GLU A . n 
A 1 79 PRO 79 212 212  PRO PRO A . n 
A 1 80 GLY 80 213 213  GLY GLY A . n 
A 1 81 ASP 81 214 214  ASP ASP A . n 
A 1 82 ARG 82 215 215  ARG ARG A . n 
A 1 83 ALA 83 216 216  ALA ALA A . n 
A 1 84 TRP 84 217 217  TRP TRP A . n 
A 1 85 SER 85 218 218  SER SER A . n 
A 1 86 GLU 86 219 219  GLU GLU A . n 
A 1 87 HIS 87 220 220  HIS HIS A . n 
A 1 88 ARG 88 221 221  ARG ARG A . n 
A 1 89 ARG 89 222 222  ARG ARG A . n 
A 1 90 HIS 90 223 223  HIS HIS A . n 
A 1 91 PHE 91 224 224  PHE PHE A . n 
A 1 92 PRO 92 225 225  PRO PRO A . n 
A 1 93 ASN 93 226 226  ASN ASN A . n 
A 1 94 CYS 94 227 227  CYS CYS A . n 
A 1 95 PHE 95 228 228  PHE PHE A . n 
A 1 96 PHE 96 229 229  PHE PHE A . n 
A 1 97 VAL 97 230 230  VAL VAL A . n 
A 1 98 LEU 98 231 231  LEU LEU A . n 
B 2 1  MAA 1  1   4000 MAA LG1 B . n 
B 2 2  LPH 2  2   4000 LPH LG1 B . n 
B 2 3  PRO 3  3   4000 PRO LG1 B . n 
B 2 4  PHE 4  4   4000 PHE LG1 B . n 
B 2 5  4LZ 5  5   4000 4LZ LG1 B . n 
# 
loop_
_pdbx_nonpoly_scheme.asym_id 
_pdbx_nonpoly_scheme.entity_id 
_pdbx_nonpoly_scheme.mon_id 
_pdbx_nonpoly_scheme.ndb_seq_num 
_pdbx_nonpoly_scheme.pdb_seq_num 
_pdbx_nonpoly_scheme.auth_seq_num 
_pdbx_nonpoly_scheme.pdb_mon_id 
_pdbx_nonpoly_scheme.auth_mon_id 
_pdbx_nonpoly_scheme.pdb_strand_id 
_pdbx_nonpoly_scheme.pdb_ins_code 
C 3 ZN  1  501 501 ZN  ZN  A . 
D 4 SO4 1  502 1   SO4 SO4 A . 
E 4 SO4 1  503 2   SO4 SO4 A . 
F 5 GOL 1  504 3   GOL GOL A . 
G 4 SO4 1  505 4   SO4 SO4 A . 
H 6 HOH 1  601 14  HOH HOH A . 
H 6 HOH 2  602 8   HOH HOH A . 
H 6 HOH 3  603 7   HOH HOH A . 
H 6 HOH 4  604 23  HOH HOH A . 
H 6 HOH 5  605 26  HOH HOH A . 
H 6 HOH 6  606 25  HOH HOH A . 
H 6 HOH 7  607 9   HOH HOH A . 
H 6 HOH 8  608 24  HOH HOH A . 
H 6 HOH 9  609 15  HOH HOH A . 
H 6 HOH 10 610 5   HOH HOH A . 
H 6 HOH 11 611 2   HOH HOH A . 
H 6 HOH 12 612 13  HOH HOH A . 
H 6 HOH 13 613 28  HOH HOH A . 
H 6 HOH 14 614 18  HOH HOH A . 
H 6 HOH 15 615 3   HOH HOH A . 
H 6 HOH 16 616 22  HOH HOH A . 
H 6 HOH 17 617 1   HOH HOH A . 
H 6 HOH 18 618 17  HOH HOH A . 
H 6 HOH 19 619 11  HOH HOH A . 
H 6 HOH 20 620 29  HOH HOH A . 
H 6 HOH 21 621 21  HOH HOH A . 
H 6 HOH 22 622 16  HOH HOH A . 
H 6 HOH 23 623 34  HOH HOH A . 
H 6 HOH 24 624 27  HOH HOH A . 
H 6 HOH 25 625 30  HOH HOH A . 
H 6 HOH 26 626 12  HOH HOH A . 
H 6 HOH 27 627 4   HOH HOH A . 
H 6 HOH 28 628 33  HOH HOH A . 
H 6 HOH 29 629 20  HOH HOH A . 
H 6 HOH 30 630 32  HOH HOH A . 
H 6 HOH 31 631 19  HOH HOH A . 
H 6 HOH 32 632 31  HOH HOH A . 
I 6 HOH 1  101 10  HOH HOH B . 
# 
_pdbx_struct_assembly.id                   1 
_pdbx_struct_assembly.details              author_and_software_defined_assembly 
_pdbx_struct_assembly.method_details       PISA 
_pdbx_struct_assembly.oligomeric_details   dimeric 
_pdbx_struct_assembly.oligomeric_count     2 
# 
_pdbx_struct_assembly_gen.assembly_id       1 
_pdbx_struct_assembly_gen.oper_expression   1 
_pdbx_struct_assembly_gen.asym_id_list      A,B,C,D,E,F,G,H,I 
# 
loop_
_pdbx_struct_assembly_prop.biol_id 
_pdbx_struct_assembly_prop.type 
_pdbx_struct_assembly_prop.value 
_pdbx_struct_assembly_prop.details 
1 'ABSA (A^2)' 1590 ? 
1 MORE         -44  ? 
1 'SSA (A^2)'  4990 ? 
# 
_pdbx_struct_oper_list.id                   1 
_pdbx_struct_oper_list.type                 'identity operation' 
_pdbx_struct_oper_list.name                 1_555 
_pdbx_struct_oper_list.symmetry_operation   x,y,z 
_pdbx_struct_oper_list.matrix[1][1]         1.0000000000 
_pdbx_struct_oper_list.matrix[1][2]         0.0000000000 
_pdbx_struct_oper_list.matrix[1][3]         0.0000000000 
_pdbx_struct_oper_list.vector[1]            0.0000000000 
_pdbx_struct_oper_list.matrix[2][1]         0.0000000000 
_pdbx_struct_oper_list.matrix[2][2]         1.0000000000 
_pdbx_struct_oper_list.matrix[2][3]         0.0000000000 
_pdbx_struct_oper_list.vector[2]            0.0000000000 
_pdbx_struct_oper_list.matrix[3][1]         0.0000000000 
_pdbx_struct_oper_list.matrix[3][2]         0.0000000000 
_pdbx_struct_oper_list.matrix[3][3]         1.0000000000 
_pdbx_struct_oper_list.vector[3]            0.0000000000 
# 
loop_
_pdbx_struct_conn_angle.id 
_pdbx_struct_conn_angle.ptnr1_label_atom_id 
_pdbx_struct_conn_angle.ptnr1_label_alt_id 
_pdbx_struct_conn_angle.ptnr1_label_asym_id 
_pdbx_struct_conn_angle.ptnr1_label_comp_id 
_pdbx_struct_conn_angle.ptnr1_label_seq_id 
_pdbx_struct_conn_angle.ptnr1_auth_atom_id 
_pdbx_struct_conn_angle.ptnr1_auth_asym_id 
_pdbx_struct_conn_angle.ptnr1_auth_comp_id 
_pdbx_struct_conn_angle.ptnr1_auth_seq_id 
_pdbx_struct_conn_angle.ptnr1_PDB_ins_code 
_pdbx_struct_conn_angle.ptnr1_symmetry 
_pdbx_struct_conn_angle.ptnr2_label_atom_id 
_pdbx_struct_conn_angle.ptnr2_label_alt_id 
_pdbx_struct_conn_angle.ptnr2_label_asym_id 
_pdbx_struct_conn_angle.ptnr2_label_comp_id 
_pdbx_struct_conn_angle.ptnr2_label_seq_id 
_pdbx_struct_conn_angle.ptnr2_auth_atom_id 
_pdbx_struct_conn_angle.ptnr2_auth_asym_id 
_pdbx_struct_conn_angle.ptnr2_auth_comp_id 
_pdbx_struct_conn_angle.ptnr2_auth_seq_id 
_pdbx_struct_conn_angle.ptnr2_PDB_ins_code 
_pdbx_struct_conn_angle.ptnr2_symmetry 
_pdbx_struct_conn_angle.ptnr3_label_atom_id 
_pdbx_struct_conn_angle.ptnr3_label_alt_id 
_pdbx_struct_conn_angle.ptnr3_label_asym_id 
_pdbx_struct_conn_angle.ptnr3_label_comp_id 
_pdbx_struct_conn_angle.ptnr3_label_seq_id 
_pdbx_struct_conn_angle.ptnr3_auth_atom_id 
_pdbx_struct_conn_angle.ptnr3_auth_asym_id 
_pdbx_struct_conn_angle.ptnr3_auth_comp_id 
_pdbx_struct_conn_angle.ptnr3_auth_seq_id 
_pdbx_struct_conn_angle.ptnr3_PDB_ins_code 
_pdbx_struct_conn_angle.ptnr3_symmetry 
_pdbx_struct_conn_angle.value 
_pdbx_struct_conn_angle.value_esd 
1 SG  ? A CYS 67 ? A CYS 200 ? 1_555 ZN ? C ZN . ? A ZN 501 ? 1_555 SG  ? A CYS 70 ? A CYS 203 ? 1_555 108.1 ? 
2 SG  ? A CYS 67 ? A CYS 200 ? 1_555 ZN ? C ZN . ? A ZN 501 ? 1_555 NE2 ? A HIS 87 ? A HIS 220 ? 1_555 99.1  ? 
3 SG  ? A CYS 70 ? A CYS 203 ? 1_555 ZN ? C ZN . ? A ZN 501 ? 1_555 NE2 ? A HIS 87 ? A HIS 220 ? 1_555 116.7 ? 
4 SG  ? A CYS 67 ? A CYS 200 ? 1_555 ZN ? C ZN . ? A ZN 501 ? 1_555 SG  ? A CYS 94 ? A CYS 227 ? 1_555 114.4 ? 
5 SG  ? A CYS 70 ? A CYS 203 ? 1_555 ZN ? C ZN . ? A ZN 501 ? 1_555 SG  ? A CYS 94 ? A CYS 227 ? 1_555 110.7 ? 
6 NE2 ? A HIS 87 ? A HIS 220 ? 1_555 ZN ? C ZN . ? A ZN 501 ? 1_555 SG  ? A CYS 94 ? A CYS 227 ? 1_555 107.6 ? 
# 
loop_
_pdbx_audit_revision_history.ordinal 
_pdbx_audit_revision_history.data_content_type 
_pdbx_audit_revision_history.major_revision 
_pdbx_audit_revision_history.minor_revision 
_pdbx_audit_revision_history.revision_date 
1 'Structure model' 1 0 2015-05-06 
2 'Structure model' 1 1 2017-11-22 
3 'Structure model' 2 0 2023-11-15 
# 
_pdbx_audit_revision_details.ordinal             1 
_pdbx_audit_revision_details.revision_ordinal    1 
_pdbx_audit_revision_details.data_content_type   'Structure model' 
_pdbx_audit_revision_details.provider            repository 
_pdbx_audit_revision_details.type                'Initial release' 
_pdbx_audit_revision_details.description         ? 
_pdbx_audit_revision_details.details             ? 
# 
loop_
_pdbx_audit_revision_group.ordinal 
_pdbx_audit_revision_group.revision_ordinal 
_pdbx_audit_revision_group.data_content_type 
_pdbx_audit_revision_group.group 
1 2 'Structure model' 'Derived calculations'   
2 2 'Structure model' 'Refinement description' 
3 2 'Structure model' 'Source and taxonomy'    
4 3 'Structure model' 'Atomic model'           
5 3 'Structure model' 'Data collection'        
6 3 'Structure model' 'Database references'    
7 3 'Structure model' 'Derived calculations'   
# 
loop_
_pdbx_audit_revision_category.ordinal 
_pdbx_audit_revision_category.revision_ordinal 
_pdbx_audit_revision_category.data_content_type 
_pdbx_audit_revision_category.category 
1  2 'Structure model' entity_src_gen        
2  2 'Structure model' pdbx_entity_src_syn   
3  2 'Structure model' pdbx_struct_oper_list 
4  2 'Structure model' software              
5  3 'Structure model' atom_site             
6  3 'Structure model' atom_site_anisotrop   
7  3 'Structure model' chem_comp_atom        
8  3 'Structure model' chem_comp_bond        
9  3 'Structure model' database_2            
10 3 'Structure model' struct_conn           
11 3 'Structure model' struct_conn_type      
# 
loop_
_pdbx_audit_revision_item.ordinal 
_pdbx_audit_revision_item.revision_ordinal 
_pdbx_audit_revision_item.data_content_type 
_pdbx_audit_revision_item.item 
1  2 'Structure model' '_entity_src_gen.pdbx_alt_source_flag'      
2  2 'Structure model' '_pdbx_entity_src_syn.pdbx_alt_source_flag' 
3  2 'Structure model' '_pdbx_struct_oper_list.symmetry_operation' 
4  2 'Structure model' '_software.name'                            
5  3 'Structure model' '_atom_site.B_iso_or_equiv'                 
6  3 'Structure model' '_atom_site.Cartn_x'                        
7  3 'Structure model' '_atom_site.Cartn_y'                        
8  3 'Structure model' '_atom_site.Cartn_z'                        
9  3 'Structure model' '_atom_site.auth_atom_id'                   
10 3 'Structure model' '_atom_site.label_atom_id'                  
11 3 'Structure model' '_atom_site_anisotrop.U[1][1]'              
12 3 'Structure model' '_atom_site_anisotrop.U[1][2]'              
13 3 'Structure model' '_atom_site_anisotrop.U[1][3]'              
14 3 'Structure model' '_atom_site_anisotrop.U[2][2]'              
15 3 'Structure model' '_atom_site_anisotrop.U[2][3]'              
16 3 'Structure model' '_atom_site_anisotrop.U[3][3]'              
17 3 'Structure model' '_atom_site_anisotrop.pdbx_auth_atom_id'    
18 3 'Structure model' '_atom_site_anisotrop.pdbx_label_atom_id'   
19 3 'Structure model' '_database_2.pdbx_DOI'                      
20 3 'Structure model' '_database_2.pdbx_database_accession'       
21 3 'Structure model' '_struct_conn.conn_type_id'                 
22 3 'Structure model' '_struct_conn.id'                           
23 3 'Structure model' '_struct_conn.pdbx_dist_value'              
24 3 'Structure model' '_struct_conn.pdbx_leaving_atom_flag'       
25 3 'Structure model' '_struct_conn.ptnr1_auth_asym_id'           
26 3 'Structure model' '_struct_conn.ptnr1_auth_comp_id'           
27 3 'Structure model' '_struct_conn.ptnr1_auth_seq_id'            
28 3 'Structure model' '_struct_conn.ptnr1_label_asym_id'          
29 3 'Structure model' '_struct_conn.ptnr1_label_atom_id'          
30 3 'Structure model' '_struct_conn.ptnr1_label_comp_id'          
31 3 'Structure model' '_struct_conn.ptnr1_label_seq_id'           
32 3 'Structure model' '_struct_conn.ptnr2_auth_asym_id'           
33 3 'Structure model' '_struct_conn.ptnr2_auth_comp_id'           
34 3 'Structure model' '_struct_conn.ptnr2_auth_seq_id'            
35 3 'Structure model' '_struct_conn.ptnr2_label_asym_id'          
36 3 'Structure model' '_struct_conn.ptnr2_label_atom_id'          
37 3 'Structure model' '_struct_conn.ptnr2_label_comp_id'          
38 3 'Structure model' '_struct_conn.ptnr2_label_seq_id'           
39 3 'Structure model' '_struct_conn_type.id'                      
# 
_pdbx_refine_tls.pdbx_refine_id   'X-RAY DIFFRACTION' 
_pdbx_refine_tls.id               1 
_pdbx_refine_tls.details          ? 
_pdbx_refine_tls.method           refined 
_pdbx_refine_tls.origin_x         -0.7734 
_pdbx_refine_tls.origin_y         -0.1829 
_pdbx_refine_tls.origin_z         0.4058 
_pdbx_refine_tls.T[1][1]          -0.0174 
_pdbx_refine_tls.T[2][2]          -0.0093 
_pdbx_refine_tls.T[3][3]          -0.0223 
_pdbx_refine_tls.T[1][2]          -0.0029 
_pdbx_refine_tls.T[1][3]          0.0071 
_pdbx_refine_tls.T[2][3]          -0.0117 
_pdbx_refine_tls.L[1][1]          0.7350 
_pdbx_refine_tls.L[2][2]          0.7745 
_pdbx_refine_tls.L[3][3]          1.4835 
_pdbx_refine_tls.L[1][2]          0.2564 
_pdbx_refine_tls.L[1][3]          -0.0789 
_pdbx_refine_tls.L[2][3]          -0.3149 
_pdbx_refine_tls.S[1][1]          -0.0235 
_pdbx_refine_tls.S[2][2]          0.0175 
_pdbx_refine_tls.S[3][3]          0.0060 
_pdbx_refine_tls.S[1][2]          -0.0023 
_pdbx_refine_tls.S[1][3]          -0.0260 
_pdbx_refine_tls.S[2][3]          0.0627 
_pdbx_refine_tls.S[2][1]          0.0463 
_pdbx_refine_tls.S[3][1]          0.0796 
_pdbx_refine_tls.S[3][2]          -0.0523 
# 
loop_
_pdbx_refine_tls_group.pdbx_refine_id 
_pdbx_refine_tls_group.id 
_pdbx_refine_tls_group.refine_tls_id 
_pdbx_refine_tls_group.beg_auth_asym_id 
_pdbx_refine_tls_group.beg_auth_seq_id 
_pdbx_refine_tls_group.end_auth_asym_id 
_pdbx_refine_tls_group.end_auth_seq_id 
_pdbx_refine_tls_group.selection_details 
_pdbx_refine_tls_group.beg_label_asym_id 
_pdbx_refine_tls_group.beg_label_seq_id 
_pdbx_refine_tls_group.end_label_asym_id 
_pdbx_refine_tls_group.end_label_seq_id 
_pdbx_refine_tls_group.selection 
'X-RAY DIFFRACTION' 1 1 A -3  A 231 '{ A|-3 - A|231 B|1 - B|5 A|501 - A|501 }' ? ? ? ? ? 
'X-RAY DIFFRACTION' 2 1 B 1   B 5   '{ A|-3 - A|231 B|1 - B|5 A|501 - A|501 }' ? ? ? ? ? 
'X-RAY DIFFRACTION' 3 1 A 501 A 501 '{ A|-3 - A|231 B|1 - B|5 A|501 - A|501 }' ? ? ? ? ? 
# 
loop_
_software.citation_id 
_software.classification 
_software.compiler_name 
_software.compiler_version 
_software.contact_author 
_software.contact_author_email 
_software.date 
_software.description 
_software.dependencies 
_software.hardware 
_software.language 
_software.location 
_software.mods 
_software.name 
_software.os 
_software.os_version 
_software.type 
_software.version 
_software.pdbx_ordinal 
? refinement       ? ? ? ? ? ? ? ? ? ? ? BUSTER    ? ? ? 2.11.6 1 
? 'data reduction' ? ? ? ? ? ? ? ? ? ? ? HKL-2000  ? ? ? .      2 
? 'data scaling'   ? ? ? ? ? ? ? ? ? ? ? HKL-2000  ? ? ? .      3 
? phasing          ? ? ? ? ? ? ? ? ? ? ? PHASER    ? ? ? .      4 
? 'data reduction' ? ? ? ? ? ? ? ? ? ? ? DENZO     ? ? ? .      5 
? 'data scaling'   ? ? ? ? ? ? ? ? ? ? ? SCALEPACK ? ? ? .      6 
# 
_pdbx_validate_torsion.id              1 
_pdbx_validate_torsion.PDB_model_num   1 
_pdbx_validate_torsion.auth_comp_id    HIS 
_pdbx_validate_torsion.auth_asym_id    A 
_pdbx_validate_torsion.auth_seq_id     178 
_pdbx_validate_torsion.PDB_ins_code    ? 
_pdbx_validate_torsion.label_alt_id    ? 
_pdbx_validate_torsion.phi             66.08 
_pdbx_validate_torsion.psi             -42.06 
# 
loop_
_pdbx_unobs_or_zero_occ_atoms.id 
_pdbx_unobs_or_zero_occ_atoms.PDB_model_num 
_pdbx_unobs_or_zero_occ_atoms.polymer_flag 
_pdbx_unobs_or_zero_occ_atoms.occupancy_flag 
_pdbx_unobs_or_zero_occ_atoms.auth_asym_id 
_pdbx_unobs_or_zero_occ_atoms.auth_comp_id 
_pdbx_unobs_or_zero_occ_atoms.auth_seq_id 
_pdbx_unobs_or_zero_occ_atoms.PDB_ins_code 
_pdbx_unobs_or_zero_occ_atoms.auth_atom_id 
_pdbx_unobs_or_zero_occ_atoms.label_alt_id 
_pdbx_unobs_or_zero_occ_atoms.label_asym_id 
_pdbx_unobs_or_zero_occ_atoms.label_comp_id 
_pdbx_unobs_or_zero_occ_atoms.label_seq_id 
_pdbx_unobs_or_zero_occ_atoms.label_atom_id 
1 1 Y 1 A HIS -2 ? CG  ? A HIS 21 CG  
2 1 Y 1 A HIS -2 ? ND1 ? A HIS 21 ND1 
3 1 Y 1 A HIS -2 ? CD2 ? A HIS 21 CD2 
4 1 Y 1 A HIS -2 ? CE1 ? A HIS 21 CE1 
5 1 Y 1 A HIS -2 ? NE2 ? A HIS 21 NE2 
# 
loop_
_pdbx_unobs_or_zero_occ_residues.id 
_pdbx_unobs_or_zero_occ_residues.PDB_model_num 
_pdbx_unobs_or_zero_occ_residues.polymer_flag 
_pdbx_unobs_or_zero_occ_residues.occupancy_flag 
_pdbx_unobs_or_zero_occ_residues.auth_asym_id 
_pdbx_unobs_or_zero_occ_residues.auth_comp_id 
_pdbx_unobs_or_zero_occ_residues.auth_seq_id 
_pdbx_unobs_or_zero_occ_residues.PDB_ins_code 
_pdbx_unobs_or_zero_occ_residues.label_asym_id 
_pdbx_unobs_or_zero_occ_residues.label_comp_id 
_pdbx_unobs_or_zero_occ_residues.label_seq_id 
1  1 Y 1 A MET -22 ? A MET 1  
2  1 Y 1 A GLY -21 ? A GLY 2  
3  1 Y 1 A SER -20 ? A SER 3  
4  1 Y 1 A SER -19 ? A SER 4  
5  1 Y 1 A HIS -18 ? A HIS 5  
6  1 Y 1 A HIS -17 ? A HIS 6  
7  1 Y 1 A HIS -16 ? A HIS 7  
8  1 Y 1 A HIS -15 ? A HIS 8  
9  1 Y 1 A HIS -14 ? A HIS 9  
10 1 Y 1 A HIS -13 ? A HIS 10 
11 1 Y 1 A SER -12 ? A SER 11 
12 1 Y 1 A SER -11 ? A SER 12 
13 1 Y 1 A GLY -10 ? A GLY 13 
14 1 Y 1 A GLU -9  ? A GLU 14 
15 1 Y 1 A THR -8  ? A THR 15 
16 1 Y 1 A VAL -7  ? A VAL 16 
17 1 Y 1 A ARG -6  ? A ARG 17 
18 1 Y 1 A PHE -5  ? A PHE 18 
19 1 Y 1 A GLN -4  ? A GLN 19 
# 
loop_
_chem_comp_atom.comp_id 
_chem_comp_atom.atom_id 
_chem_comp_atom.type_symbol 
_chem_comp_atom.pdbx_aromatic_flag 
_chem_comp_atom.pdbx_stereo_config 
_chem_comp_atom.pdbx_ordinal 
4LZ C    C  N N 1   
4LZ N    N  N N 2   
4LZ O    O  N N 3   
4LZ N6   N  N N 4   
4LZ N7   N  N N 5   
4LZ N8   N  N N 6   
4LZ CA   C  N S 7   
4LZ CB   C  N N 8   
4LZ CG   C  Y N 9   
4LZ OH   O  N N 10  
4LZ CZ   C  Y N 11  
4LZ C31  C  N N 12  
4LZ C32  C  N N 13  
4LZ CD1  C  Y N 14  
4LZ CD2  C  Y N 15  
4LZ CE1  C  Y N 16  
4LZ CE2  C  Y N 17  
4LZ OXT  O  N N 18  
4LZ H    H  N N 19  
4LZ H2   H  N N 20  
4LZ HXT  H  N N 21  
4LZ HN8  H  N N 22  
4LZ HA   H  N N 23  
4LZ HB   H  N N 24  
4LZ HBA  H  N N 25  
4LZ H31  H  N N 26  
4LZ H32  H  N N 27  
4LZ H33  H  N N 28  
4LZ H34  H  N N 29  
4LZ HD1  H  N N 30  
4LZ HD2  H  N N 31  
4LZ HE1  H  N N 32  
4LZ HE2  H  N N 33  
ALA N    N  N N 34  
ALA CA   C  N S 35  
ALA C    C  N N 36  
ALA O    O  N N 37  
ALA CB   C  N N 38  
ALA OXT  O  N N 39  
ALA H    H  N N 40  
ALA H2   H  N N 41  
ALA HA   H  N N 42  
ALA HB1  H  N N 43  
ALA HB2  H  N N 44  
ALA HB3  H  N N 45  
ALA HXT  H  N N 46  
ARG N    N  N N 47  
ARG CA   C  N S 48  
ARG C    C  N N 49  
ARG O    O  N N 50  
ARG CB   C  N N 51  
ARG CG   C  N N 52  
ARG CD   C  N N 53  
ARG NE   N  N N 54  
ARG CZ   C  N N 55  
ARG NH1  N  N N 56  
ARG NH2  N  N N 57  
ARG OXT  O  N N 58  
ARG H    H  N N 59  
ARG H2   H  N N 60  
ARG HA   H  N N 61  
ARG HB2  H  N N 62  
ARG HB3  H  N N 63  
ARG HG2  H  N N 64  
ARG HG3  H  N N 65  
ARG HD2  H  N N 66  
ARG HD3  H  N N 67  
ARG HE   H  N N 68  
ARG HH11 H  N N 69  
ARG HH12 H  N N 70  
ARG HH21 H  N N 71  
ARG HH22 H  N N 72  
ARG HXT  H  N N 73  
ASN N    N  N N 74  
ASN CA   C  N S 75  
ASN C    C  N N 76  
ASN O    O  N N 77  
ASN CB   C  N N 78  
ASN CG   C  N N 79  
ASN OD1  O  N N 80  
ASN ND2  N  N N 81  
ASN OXT  O  N N 82  
ASN H    H  N N 83  
ASN H2   H  N N 84  
ASN HA   H  N N 85  
ASN HB2  H  N N 86  
ASN HB3  H  N N 87  
ASN HD21 H  N N 88  
ASN HD22 H  N N 89  
ASN HXT  H  N N 90  
ASP N    N  N N 91  
ASP CA   C  N S 92  
ASP C    C  N N 93  
ASP O    O  N N 94  
ASP CB   C  N N 95  
ASP CG   C  N N 96  
ASP OD1  O  N N 97  
ASP OD2  O  N N 98  
ASP OXT  O  N N 99  
ASP H    H  N N 100 
ASP H2   H  N N 101 
ASP HA   H  N N 102 
ASP HB2  H  N N 103 
ASP HB3  H  N N 104 
ASP HD2  H  N N 105 
ASP HXT  H  N N 106 
CYS N    N  N N 107 
CYS CA   C  N R 108 
CYS C    C  N N 109 
CYS O    O  N N 110 
CYS CB   C  N N 111 
CYS SG   S  N N 112 
CYS OXT  O  N N 113 
CYS H    H  N N 114 
CYS H2   H  N N 115 
CYS HA   H  N N 116 
CYS HB2  H  N N 117 
CYS HB3  H  N N 118 
CYS HG   H  N N 119 
CYS HXT  H  N N 120 
GLN N    N  N N 121 
GLN CA   C  N S 122 
GLN C    C  N N 123 
GLN O    O  N N 124 
GLN CB   C  N N 125 
GLN CG   C  N N 126 
GLN CD   C  N N 127 
GLN OE1  O  N N 128 
GLN NE2  N  N N 129 
GLN OXT  O  N N 130 
GLN H    H  N N 131 
GLN H2   H  N N 132 
GLN HA   H  N N 133 
GLN HB2  H  N N 134 
GLN HB3  H  N N 135 
GLN HG2  H  N N 136 
GLN HG3  H  N N 137 
GLN HE21 H  N N 138 
GLN HE22 H  N N 139 
GLN HXT  H  N N 140 
GLU N    N  N N 141 
GLU CA   C  N S 142 
GLU C    C  N N 143 
GLU O    O  N N 144 
GLU CB   C  N N 145 
GLU CG   C  N N 146 
GLU CD   C  N N 147 
GLU OE1  O  N N 148 
GLU OE2  O  N N 149 
GLU OXT  O  N N 150 
GLU H    H  N N 151 
GLU H2   H  N N 152 
GLU HA   H  N N 153 
GLU HB2  H  N N 154 
GLU HB3  H  N N 155 
GLU HG2  H  N N 156 
GLU HG3  H  N N 157 
GLU HE2  H  N N 158 
GLU HXT  H  N N 159 
GLY N    N  N N 160 
GLY CA   C  N N 161 
GLY C    C  N N 162 
GLY O    O  N N 163 
GLY OXT  O  N N 164 
GLY H    H  N N 165 
GLY H2   H  N N 166 
GLY HA2  H  N N 167 
GLY HA3  H  N N 168 
GLY HXT  H  N N 169 
GOL C1   C  N N 170 
GOL O1   O  N N 171 
GOL C2   C  N N 172 
GOL O2   O  N N 173 
GOL C3   C  N N 174 
GOL O3   O  N N 175 
GOL H11  H  N N 176 
GOL H12  H  N N 177 
GOL HO1  H  N N 178 
GOL H2   H  N N 179 
GOL HO2  H  N N 180 
GOL H31  H  N N 181 
GOL H32  H  N N 182 
GOL HO3  H  N N 183 
HIS N    N  N N 184 
HIS CA   C  N S 185 
HIS C    C  N N 186 
HIS O    O  N N 187 
HIS CB   C  N N 188 
HIS CG   C  Y N 189 
HIS ND1  N  Y N 190 
HIS CD2  C  Y N 191 
HIS CE1  C  Y N 192 
HIS NE2  N  Y N 193 
HIS OXT  O  N N 194 
HIS H    H  N N 195 
HIS H2   H  N N 196 
HIS HA   H  N N 197 
HIS HB2  H  N N 198 
HIS HB3  H  N N 199 
HIS HD1  H  N N 200 
HIS HD2  H  N N 201 
HIS HE1  H  N N 202 
HIS HE2  H  N N 203 
HIS HXT  H  N N 204 
HOH O    O  N N 205 
HOH H1   H  N N 206 
HOH H2   H  N N 207 
ILE N    N  N N 208 
ILE CA   C  N S 209 
ILE C    C  N N 210 
ILE O    O  N N 211 
ILE CB   C  N S 212 
ILE CG1  C  N N 213 
ILE CG2  C  N N 214 
ILE CD1  C  N N 215 
ILE OXT  O  N N 216 
ILE H    H  N N 217 
ILE H2   H  N N 218 
ILE HA   H  N N 219 
ILE HB   H  N N 220 
ILE HG12 H  N N 221 
ILE HG13 H  N N 222 
ILE HG21 H  N N 223 
ILE HG22 H  N N 224 
ILE HG23 H  N N 225 
ILE HD11 H  N N 226 
ILE HD12 H  N N 227 
ILE HD13 H  N N 228 
ILE HXT  H  N N 229 
LEU N    N  N N 230 
LEU CA   C  N S 231 
LEU C    C  N N 232 
LEU O    O  N N 233 
LEU CB   C  N N 234 
LEU CG   C  N N 235 
LEU CD1  C  N N 236 
LEU CD2  C  N N 237 
LEU OXT  O  N N 238 
LEU H    H  N N 239 
LEU H2   H  N N 240 
LEU HA   H  N N 241 
LEU HB2  H  N N 242 
LEU HB3  H  N N 243 
LEU HG   H  N N 244 
LEU HD11 H  N N 245 
LEU HD12 H  N N 246 
LEU HD13 H  N N 247 
LEU HD21 H  N N 248 
LEU HD22 H  N N 249 
LEU HD23 H  N N 250 
LEU HXT  H  N N 251 
LPH CD   C  N N 252 
LPH CG   C  N N 253 
LPH CB   C  N N 254 
LPH CA   C  N S 255 
LPH N    N  N N 256 
LPH C    C  N N 257 
LPH OXT  O  N N 258 
LPH O    O  N N 259 
LPH H1   H  N N 260 
LPH H4   H  N N 261 
LPH H3   H  N N 262 
LPH HA   H  N N 263 
LPH H    H  N N 264 
LPH H2   H  N N 265 
LPH HXT  H  N N 266 
LYS N    N  N N 267 
LYS CA   C  N S 268 
LYS C    C  N N 269 
LYS O    O  N N 270 
LYS CB   C  N N 271 
LYS CG   C  N N 272 
LYS CD   C  N N 273 
LYS CE   C  N N 274 
LYS NZ   N  N N 275 
LYS OXT  O  N N 276 
LYS H    H  N N 277 
LYS H2   H  N N 278 
LYS HA   H  N N 279 
LYS HB2  H  N N 280 
LYS HB3  H  N N 281 
LYS HG2  H  N N 282 
LYS HG3  H  N N 283 
LYS HD2  H  N N 284 
LYS HD3  H  N N 285 
LYS HE2  H  N N 286 
LYS HE3  H  N N 287 
LYS HZ1  H  N N 288 
LYS HZ2  H  N N 289 
LYS HZ3  H  N N 290 
LYS HXT  H  N N 291 
MAA N    N  N N 292 
MAA CM   C  N N 293 
MAA CA   C  N S 294 
MAA CB   C  N N 295 
MAA C    C  N N 296 
MAA O    O  N N 297 
MAA OXT  O  N N 298 
MAA H    H  N N 299 
MAA HM1  H  N N 300 
MAA HM2  H  N N 301 
MAA HM3  H  N N 302 
MAA HA   H  N N 303 
MAA HB1  H  N N 304 
MAA HB2  H  N N 305 
MAA HB3  H  N N 306 
MAA HXT  H  N N 307 
MET N    N  N N 308 
MET CA   C  N S 309 
MET C    C  N N 310 
MET O    O  N N 311 
MET CB   C  N N 312 
MET CG   C  N N 313 
MET SD   S  N N 314 
MET CE   C  N N 315 
MET OXT  O  N N 316 
MET H    H  N N 317 
MET H2   H  N N 318 
MET HA   H  N N 319 
MET HB2  H  N N 320 
MET HB3  H  N N 321 
MET HG2  H  N N 322 
MET HG3  H  N N 323 
MET HE1  H  N N 324 
MET HE2  H  N N 325 
MET HE3  H  N N 326 
MET HXT  H  N N 327 
PHE N    N  N N 328 
PHE CA   C  N S 329 
PHE C    C  N N 330 
PHE O    O  N N 331 
PHE CB   C  N N 332 
PHE CG   C  Y N 333 
PHE CD1  C  Y N 334 
PHE CD2  C  Y N 335 
PHE CE1  C  Y N 336 
PHE CE2  C  Y N 337 
PHE CZ   C  Y N 338 
PHE OXT  O  N N 339 
PHE H    H  N N 340 
PHE H2   H  N N 341 
PHE HA   H  N N 342 
PHE HB2  H  N N 343 
PHE HB3  H  N N 344 
PHE HD1  H  N N 345 
PHE HD2  H  N N 346 
PHE HE1  H  N N 347 
PHE HE2  H  N N 348 
PHE HZ   H  N N 349 
PHE HXT  H  N N 350 
PRO N    N  N N 351 
PRO CA   C  N S 352 
PRO C    C  N N 353 
PRO O    O  N N 354 
PRO CB   C  N N 355 
PRO CG   C  N N 356 
PRO CD   C  N N 357 
PRO OXT  O  N N 358 
PRO H    H  N N 359 
PRO HA   H  N N 360 
PRO HB2  H  N N 361 
PRO HB3  H  N N 362 
PRO HG2  H  N N 363 
PRO HG3  H  N N 364 
PRO HD2  H  N N 365 
PRO HD3  H  N N 366 
PRO HXT  H  N N 367 
SER N    N  N N 368 
SER CA   C  N S 369 
SER C    C  N N 370 
SER O    O  N N 371 
SER CB   C  N N 372 
SER OG   O  N N 373 
SER OXT  O  N N 374 
SER H    H  N N 375 
SER H2   H  N N 376 
SER HA   H  N N 377 
SER HB2  H  N N 378 
SER HB3  H  N N 379 
SER HG   H  N N 380 
SER HXT  H  N N 381 
SO4 S    S  N N 382 
SO4 O1   O  N N 383 
SO4 O2   O  N N 384 
SO4 O3   O  N N 385 
SO4 O4   O  N N 386 
THR N    N  N N 387 
THR CA   C  N S 388 
THR C    C  N N 389 
THR O    O  N N 390 
THR CB   C  N R 391 
THR OG1  O  N N 392 
THR CG2  C  N N 393 
THR OXT  O  N N 394 
THR H    H  N N 395 
THR H2   H  N N 396 
THR HA   H  N N 397 
THR HB   H  N N 398 
THR HG1  H  N N 399 
THR HG21 H  N N 400 
THR HG22 H  N N 401 
THR HG23 H  N N 402 
THR HXT  H  N N 403 
TRP N    N  N N 404 
TRP CA   C  N S 405 
TRP C    C  N N 406 
TRP O    O  N N 407 
TRP CB   C  N N 408 
TRP CG   C  Y N 409 
TRP CD1  C  Y N 410 
TRP CD2  C  Y N 411 
TRP NE1  N  Y N 412 
TRP CE2  C  Y N 413 
TRP CE3  C  Y N 414 
TRP CZ2  C  Y N 415 
TRP CZ3  C  Y N 416 
TRP CH2  C  Y N 417 
TRP OXT  O  N N 418 
TRP H    H  N N 419 
TRP H2   H  N N 420 
TRP HA   H  N N 421 
TRP HB2  H  N N 422 
TRP HB3  H  N N 423 
TRP HD1  H  N N 424 
TRP HE1  H  N N 425 
TRP HE3  H  N N 426 
TRP HZ2  H  N N 427 
TRP HZ3  H  N N 428 
TRP HH2  H  N N 429 
TRP HXT  H  N N 430 
TYR N    N  N N 431 
TYR CA   C  N S 432 
TYR C    C  N N 433 
TYR O    O  N N 434 
TYR CB   C  N N 435 
TYR CG   C  Y N 436 
TYR CD1  C  Y N 437 
TYR CD2  C  Y N 438 
TYR CE1  C  Y N 439 
TYR CE2  C  Y N 440 
TYR CZ   C  Y N 441 
TYR OH   O  N N 442 
TYR OXT  O  N N 443 
TYR H    H  N N 444 
TYR H2   H  N N 445 
TYR HA   H  N N 446 
TYR HB2  H  N N 447 
TYR HB3  H  N N 448 
TYR HD1  H  N N 449 
TYR HD2  H  N N 450 
TYR HE1  H  N N 451 
TYR HE2  H  N N 452 
TYR HH   H  N N 453 
TYR HXT  H  N N 454 
VAL N    N  N N 455 
VAL CA   C  N S 456 
VAL C    C  N N 457 
VAL O    O  N N 458 
VAL CB   C  N N 459 
VAL CG1  C  N N 460 
VAL CG2  C  N N 461 
VAL OXT  O  N N 462 
VAL H    H  N N 463 
VAL H2   H  N N 464 
VAL HA   H  N N 465 
VAL HB   H  N N 466 
VAL HG11 H  N N 467 
VAL HG12 H  N N 468 
VAL HG13 H  N N 469 
VAL HG21 H  N N 470 
VAL HG22 H  N N 471 
VAL HG23 H  N N 472 
VAL HXT  H  N N 473 
ZN  ZN   ZN N N 474 
# 
loop_
_chem_comp_bond.comp_id 
_chem_comp_bond.atom_id_1 
_chem_comp_bond.atom_id_2 
_chem_comp_bond.value_order 
_chem_comp_bond.pdbx_aromatic_flag 
_chem_comp_bond.pdbx_stereo_config 
_chem_comp_bond.pdbx_ordinal 
4LZ OXT C    sing N N 1   
4LZ C   CA   sing N N 2   
4LZ C   O    doub N N 3   
4LZ N   CA   sing N N 4   
4LZ N   H    sing N N 5   
4LZ N   H2   sing N N 6   
4LZ OXT HXT  sing N N 7   
4LZ N7  N6   doub N N 8   
4LZ N6  C32  sing N N 9   
4LZ N8  N7   doub N N 10  
4LZ N8  HN8  sing N N 11  
4LZ CA  CB   sing N N 12  
4LZ CA  HA   sing N N 13  
4LZ CG  CB   sing N N 14  
4LZ CB  HB   sing N N 15  
4LZ CB  HBA  sing N N 16  
4LZ CD2 CG   doub Y N 17  
4LZ CG  CD1  sing Y N 18  
4LZ C31 OH   sing N N 19  
4LZ OH  CZ   sing N N 20  
4LZ CE2 CZ   doub Y N 21  
4LZ CZ  CE1  sing Y N 22  
4LZ C31 C32  sing N N 23  
4LZ C31 H31  sing N N 24  
4LZ C31 H32  sing N N 25  
4LZ C32 H33  sing N N 26  
4LZ C32 H34  sing N N 27  
4LZ CE1 CD1  doub Y N 28  
4LZ CD1 HD1  sing N N 29  
4LZ CE2 CD2  sing Y N 30  
4LZ CD2 HD2  sing N N 31  
4LZ CE1 HE1  sing N N 32  
4LZ CE2 HE2  sing N N 33  
ALA N   CA   sing N N 34  
ALA N   H    sing N N 35  
ALA N   H2   sing N N 36  
ALA CA  C    sing N N 37  
ALA CA  CB   sing N N 38  
ALA CA  HA   sing N N 39  
ALA C   O    doub N N 40  
ALA C   OXT  sing N N 41  
ALA CB  HB1  sing N N 42  
ALA CB  HB2  sing N N 43  
ALA CB  HB3  sing N N 44  
ALA OXT HXT  sing N N 45  
ARG N   CA   sing N N 46  
ARG N   H    sing N N 47  
ARG N   H2   sing N N 48  
ARG CA  C    sing N N 49  
ARG CA  CB   sing N N 50  
ARG CA  HA   sing N N 51  
ARG C   O    doub N N 52  
ARG C   OXT  sing N N 53  
ARG CB  CG   sing N N 54  
ARG CB  HB2  sing N N 55  
ARG CB  HB3  sing N N 56  
ARG CG  CD   sing N N 57  
ARG CG  HG2  sing N N 58  
ARG CG  HG3  sing N N 59  
ARG CD  NE   sing N N 60  
ARG CD  HD2  sing N N 61  
ARG CD  HD3  sing N N 62  
ARG NE  CZ   sing N N 63  
ARG NE  HE   sing N N 64  
ARG CZ  NH1  sing N N 65  
ARG CZ  NH2  doub N N 66  
ARG NH1 HH11 sing N N 67  
ARG NH1 HH12 sing N N 68  
ARG NH2 HH21 sing N N 69  
ARG NH2 HH22 sing N N 70  
ARG OXT HXT  sing N N 71  
ASN N   CA   sing N N 72  
ASN N   H    sing N N 73  
ASN N   H2   sing N N 74  
ASN CA  C    sing N N 75  
ASN CA  CB   sing N N 76  
ASN CA  HA   sing N N 77  
ASN C   O    doub N N 78  
ASN C   OXT  sing N N 79  
ASN CB  CG   sing N N 80  
ASN CB  HB2  sing N N 81  
ASN CB  HB3  sing N N 82  
ASN CG  OD1  doub N N 83  
ASN CG  ND2  sing N N 84  
ASN ND2 HD21 sing N N 85  
ASN ND2 HD22 sing N N 86  
ASN OXT HXT  sing N N 87  
ASP N   CA   sing N N 88  
ASP N   H    sing N N 89  
ASP N   H2   sing N N 90  
ASP CA  C    sing N N 91  
ASP CA  CB   sing N N 92  
ASP CA  HA   sing N N 93  
ASP C   O    doub N N 94  
ASP C   OXT  sing N N 95  
ASP CB  CG   sing N N 96  
ASP CB  HB2  sing N N 97  
ASP CB  HB3  sing N N 98  
ASP CG  OD1  doub N N 99  
ASP CG  OD2  sing N N 100 
ASP OD2 HD2  sing N N 101 
ASP OXT HXT  sing N N 102 
CYS N   CA   sing N N 103 
CYS N   H    sing N N 104 
CYS N   H2   sing N N 105 
CYS CA  C    sing N N 106 
CYS CA  CB   sing N N 107 
CYS CA  HA   sing N N 108 
CYS C   O    doub N N 109 
CYS C   OXT  sing N N 110 
CYS CB  SG   sing N N 111 
CYS CB  HB2  sing N N 112 
CYS CB  HB3  sing N N 113 
CYS SG  HG   sing N N 114 
CYS OXT HXT  sing N N 115 
GLN N   CA   sing N N 116 
GLN N   H    sing N N 117 
GLN N   H2   sing N N 118 
GLN CA  C    sing N N 119 
GLN CA  CB   sing N N 120 
GLN CA  HA   sing N N 121 
GLN C   O    doub N N 122 
GLN C   OXT  sing N N 123 
GLN CB  CG   sing N N 124 
GLN CB  HB2  sing N N 125 
GLN CB  HB3  sing N N 126 
GLN CG  CD   sing N N 127 
GLN CG  HG2  sing N N 128 
GLN CG  HG3  sing N N 129 
GLN CD  OE1  doub N N 130 
GLN CD  NE2  sing N N 131 
GLN NE2 HE21 sing N N 132 
GLN NE2 HE22 sing N N 133 
GLN OXT HXT  sing N N 134 
GLU N   CA   sing N N 135 
GLU N   H    sing N N 136 
GLU N   H2   sing N N 137 
GLU CA  C    sing N N 138 
GLU CA  CB   sing N N 139 
GLU CA  HA   sing N N 140 
GLU C   O    doub N N 141 
GLU C   OXT  sing N N 142 
GLU CB  CG   sing N N 143 
GLU CB  HB2  sing N N 144 
GLU CB  HB3  sing N N 145 
GLU CG  CD   sing N N 146 
GLU CG  HG2  sing N N 147 
GLU CG  HG3  sing N N 148 
GLU CD  OE1  doub N N 149 
GLU CD  OE2  sing N N 150 
GLU OE2 HE2  sing N N 151 
GLU OXT HXT  sing N N 152 
GLY N   CA   sing N N 153 
GLY N   H    sing N N 154 
GLY N   H2   sing N N 155 
GLY CA  C    sing N N 156 
GLY CA  HA2  sing N N 157 
GLY CA  HA3  sing N N 158 
GLY C   O    doub N N 159 
GLY C   OXT  sing N N 160 
GLY OXT HXT  sing N N 161 
GOL C1  O1   sing N N 162 
GOL C1  C2   sing N N 163 
GOL C1  H11  sing N N 164 
GOL C1  H12  sing N N 165 
GOL O1  HO1  sing N N 166 
GOL C2  O2   sing N N 167 
GOL C2  C3   sing N N 168 
GOL C2  H2   sing N N 169 
GOL O2  HO2  sing N N 170 
GOL C3  O3   sing N N 171 
GOL C3  H31  sing N N 172 
GOL C3  H32  sing N N 173 
GOL O3  HO3  sing N N 174 
HIS N   CA   sing N N 175 
HIS N   H    sing N N 176 
HIS N   H2   sing N N 177 
HIS CA  C    sing N N 178 
HIS CA  CB   sing N N 179 
HIS CA  HA   sing N N 180 
HIS C   O    doub N N 181 
HIS C   OXT  sing N N 182 
HIS CB  CG   sing N N 183 
HIS CB  HB2  sing N N 184 
HIS CB  HB3  sing N N 185 
HIS CG  ND1  sing Y N 186 
HIS CG  CD2  doub Y N 187 
HIS ND1 CE1  doub Y N 188 
HIS ND1 HD1  sing N N 189 
HIS CD2 NE2  sing Y N 190 
HIS CD2 HD2  sing N N 191 
HIS CE1 NE2  sing Y N 192 
HIS CE1 HE1  sing N N 193 
HIS NE2 HE2  sing N N 194 
HIS OXT HXT  sing N N 195 
HOH O   H1   sing N N 196 
HOH O   H2   sing N N 197 
ILE N   CA   sing N N 198 
ILE N   H    sing N N 199 
ILE N   H2   sing N N 200 
ILE CA  C    sing N N 201 
ILE CA  CB   sing N N 202 
ILE CA  HA   sing N N 203 
ILE C   O    doub N N 204 
ILE C   OXT  sing N N 205 
ILE CB  CG1  sing N N 206 
ILE CB  CG2  sing N N 207 
ILE CB  HB   sing N N 208 
ILE CG1 CD1  sing N N 209 
ILE CG1 HG12 sing N N 210 
ILE CG1 HG13 sing N N 211 
ILE CG2 HG21 sing N N 212 
ILE CG2 HG22 sing N N 213 
ILE CG2 HG23 sing N N 214 
ILE CD1 HD11 sing N N 215 
ILE CD1 HD12 sing N N 216 
ILE CD1 HD13 sing N N 217 
ILE OXT HXT  sing N N 218 
LEU N   CA   sing N N 219 
LEU N   H    sing N N 220 
LEU N   H2   sing N N 221 
LEU CA  C    sing N N 222 
LEU CA  CB   sing N N 223 
LEU CA  HA   sing N N 224 
LEU C   O    doub N N 225 
LEU C   OXT  sing N N 226 
LEU CB  CG   sing N N 227 
LEU CB  HB2  sing N N 228 
LEU CB  HB3  sing N N 229 
LEU CG  CD1  sing N N 230 
LEU CG  CD2  sing N N 231 
LEU CG  HG   sing N N 232 
LEU CD1 HD11 sing N N 233 
LEU CD1 HD12 sing N N 234 
LEU CD1 HD13 sing N N 235 
LEU CD2 HD21 sing N N 236 
LEU CD2 HD22 sing N N 237 
LEU CD2 HD23 sing N N 238 
LEU OXT HXT  sing N N 239 
LPH N   CA   sing N N 240 
LPH O   C    doub N N 241 
LPH CA  C    sing N N 242 
LPH CA  CB   sing N N 243 
LPH C   OXT  sing N N 244 
LPH CD  CG   trip N N 245 
LPH CG  CB   sing N N 246 
LPH CD  H1   sing N N 247 
LPH CB  H4   sing N N 248 
LPH CB  H3   sing N N 249 
LPH CA  HA   sing N N 250 
LPH N   H    sing N N 251 
LPH N   H2   sing N N 252 
LPH OXT HXT  sing N N 253 
LYS N   CA   sing N N 254 
LYS N   H    sing N N 255 
LYS N   H2   sing N N 256 
LYS CA  C    sing N N 257 
LYS CA  CB   sing N N 258 
LYS CA  HA   sing N N 259 
LYS C   O    doub N N 260 
LYS C   OXT  sing N N 261 
LYS CB  CG   sing N N 262 
LYS CB  HB2  sing N N 263 
LYS CB  HB3  sing N N 264 
LYS CG  CD   sing N N 265 
LYS CG  HG2  sing N N 266 
LYS CG  HG3  sing N N 267 
LYS CD  CE   sing N N 268 
LYS CD  HD2  sing N N 269 
LYS CD  HD3  sing N N 270 
LYS CE  NZ   sing N N 271 
LYS CE  HE2  sing N N 272 
LYS CE  HE3  sing N N 273 
LYS NZ  HZ1  sing N N 274 
LYS NZ  HZ2  sing N N 275 
LYS NZ  HZ3  sing N N 276 
LYS OXT HXT  sing N N 277 
MAA N   CM   sing N N 278 
MAA N   CA   sing N N 279 
MAA N   H    sing N N 280 
MAA CM  HM1  sing N N 281 
MAA CM  HM2  sing N N 282 
MAA CM  HM3  sing N N 283 
MAA CA  CB   sing N N 284 
MAA CA  C    sing N N 285 
MAA CA  HA   sing N N 286 
MAA CB  HB1  sing N N 287 
MAA CB  HB2  sing N N 288 
MAA CB  HB3  sing N N 289 
MAA C   O    doub N N 290 
MAA C   OXT  sing N N 291 
MAA OXT HXT  sing N N 292 
MET N   CA   sing N N 293 
MET N   H    sing N N 294 
MET N   H2   sing N N 295 
MET CA  C    sing N N 296 
MET CA  CB   sing N N 297 
MET CA  HA   sing N N 298 
MET C   O    doub N N 299 
MET C   OXT  sing N N 300 
MET CB  CG   sing N N 301 
MET CB  HB2  sing N N 302 
MET CB  HB3  sing N N 303 
MET CG  SD   sing N N 304 
MET CG  HG2  sing N N 305 
MET CG  HG3  sing N N 306 
MET SD  CE   sing N N 307 
MET CE  HE1  sing N N 308 
MET CE  HE2  sing N N 309 
MET CE  HE3  sing N N 310 
MET OXT HXT  sing N N 311 
PHE N   CA   sing N N 312 
PHE N   H    sing N N 313 
PHE N   H2   sing N N 314 
PHE CA  C    sing N N 315 
PHE CA  CB   sing N N 316 
PHE CA  HA   sing N N 317 
PHE C   O    doub N N 318 
PHE C   OXT  sing N N 319 
PHE CB  CG   sing N N 320 
PHE CB  HB2  sing N N 321 
PHE CB  HB3  sing N N 322 
PHE CG  CD1  doub Y N 323 
PHE CG  CD2  sing Y N 324 
PHE CD1 CE1  sing Y N 325 
PHE CD1 HD1  sing N N 326 
PHE CD2 CE2  doub Y N 327 
PHE CD2 HD2  sing N N 328 
PHE CE1 CZ   doub Y N 329 
PHE CE1 HE1  sing N N 330 
PHE CE2 CZ   sing Y N 331 
PHE CE2 HE2  sing N N 332 
PHE CZ  HZ   sing N N 333 
PHE OXT HXT  sing N N 334 
PRO N   CA   sing N N 335 
PRO N   CD   sing N N 336 
PRO N   H    sing N N 337 
PRO CA  C    sing N N 338 
PRO CA  CB   sing N N 339 
PRO CA  HA   sing N N 340 
PRO C   O    doub N N 341 
PRO C   OXT  sing N N 342 
PRO CB  CG   sing N N 343 
PRO CB  HB2  sing N N 344 
PRO CB  HB3  sing N N 345 
PRO CG  CD   sing N N 346 
PRO CG  HG2  sing N N 347 
PRO CG  HG3  sing N N 348 
PRO CD  HD2  sing N N 349 
PRO CD  HD3  sing N N 350 
PRO OXT HXT  sing N N 351 
SER N   CA   sing N N 352 
SER N   H    sing N N 353 
SER N   H2   sing N N 354 
SER CA  C    sing N N 355 
SER CA  CB   sing N N 356 
SER CA  HA   sing N N 357 
SER C   O    doub N N 358 
SER C   OXT  sing N N 359 
SER CB  OG   sing N N 360 
SER CB  HB2  sing N N 361 
SER CB  HB3  sing N N 362 
SER OG  HG   sing N N 363 
SER OXT HXT  sing N N 364 
SO4 S   O1   doub N N 365 
SO4 S   O2   doub N N 366 
SO4 S   O3   sing N N 367 
SO4 S   O4   sing N N 368 
THR N   CA   sing N N 369 
THR N   H    sing N N 370 
THR N   H2   sing N N 371 
THR CA  C    sing N N 372 
THR CA  CB   sing N N 373 
THR CA  HA   sing N N 374 
THR C   O    doub N N 375 
THR C   OXT  sing N N 376 
THR CB  OG1  sing N N 377 
THR CB  CG2  sing N N 378 
THR CB  HB   sing N N 379 
THR OG1 HG1  sing N N 380 
THR CG2 HG21 sing N N 381 
THR CG2 HG22 sing N N 382 
THR CG2 HG23 sing N N 383 
THR OXT HXT  sing N N 384 
TRP N   CA   sing N N 385 
TRP N   H    sing N N 386 
TRP N   H2   sing N N 387 
TRP CA  C    sing N N 388 
TRP CA  CB   sing N N 389 
TRP CA  HA   sing N N 390 
TRP C   O    doub N N 391 
TRP C   OXT  sing N N 392 
TRP CB  CG   sing N N 393 
TRP CB  HB2  sing N N 394 
TRP CB  HB3  sing N N 395 
TRP CG  CD1  doub Y N 396 
TRP CG  CD2  sing Y N 397 
TRP CD1 NE1  sing Y N 398 
TRP CD1 HD1  sing N N 399 
TRP CD2 CE2  doub Y N 400 
TRP CD2 CE3  sing Y N 401 
TRP NE1 CE2  sing Y N 402 
TRP NE1 HE1  sing N N 403 
TRP CE2 CZ2  sing Y N 404 
TRP CE3 CZ3  doub Y N 405 
TRP CE3 HE3  sing N N 406 
TRP CZ2 CH2  doub Y N 407 
TRP CZ2 HZ2  sing N N 408 
TRP CZ3 CH2  sing Y N 409 
TRP CZ3 HZ3  sing N N 410 
TRP CH2 HH2  sing N N 411 
TRP OXT HXT  sing N N 412 
TYR N   CA   sing N N 413 
TYR N   H    sing N N 414 
TYR N   H2   sing N N 415 
TYR CA  C    sing N N 416 
TYR CA  CB   sing N N 417 
TYR CA  HA   sing N N 418 
TYR C   O    doub N N 419 
TYR C   OXT  sing N N 420 
TYR CB  CG   sing N N 421 
TYR CB  HB2  sing N N 422 
TYR CB  HB3  sing N N 423 
TYR CG  CD1  doub Y N 424 
TYR CG  CD2  sing Y N 425 
TYR CD1 CE1  sing Y N 426 
TYR CD1 HD1  sing N N 427 
TYR CD2 CE2  doub Y N 428 
TYR CD2 HD2  sing N N 429 
TYR CE1 CZ   doub Y N 430 
TYR CE1 HE1  sing N N 431 
TYR CE2 CZ   sing Y N 432 
TYR CE2 HE2  sing N N 433 
TYR CZ  OH   sing N N 434 
TYR OH  HH   sing N N 435 
TYR OXT HXT  sing N N 436 
VAL N   CA   sing N N 437 
VAL N   H    sing N N 438 
VAL N   H2   sing N N 439 
VAL CA  C    sing N N 440 
VAL CA  CB   sing N N 441 
VAL CA  HA   sing N N 442 
VAL C   O    doub N N 443 
VAL C   OXT  sing N N 444 
VAL CB  CG1  sing N N 445 
VAL CB  CG2  sing N N 446 
VAL CB  HB   sing N N 447 
VAL CG1 HG11 sing N N 448 
VAL CG1 HG12 sing N N 449 
VAL CG1 HG13 sing N N 450 
VAL CG2 HG21 sing N N 451 
VAL CG2 HG22 sing N N 452 
VAL CG2 HG23 sing N N 453 
VAL OXT HXT  sing N N 454 
# 
loop_
_pdbx_entity_nonpoly.entity_id 
_pdbx_entity_nonpoly.name 
_pdbx_entity_nonpoly.comp_id 
3 'ZINC ION'    ZN  
4 'SULFATE ION' SO4 
5 GLYCEROL      GOL 
6 water         HOH 
# 
